data_3E0E
# 
_entry.id   3E0E 
# 
_audit_conform.dict_name       mmcif_pdbx.dic 
_audit_conform.dict_version    5.398 
_audit_conform.dict_location   http://mmcif.pdb.org/dictionaries/ascii/mmcif_pdbx.dic 
# 
loop_
_database_2.database_id 
_database_2.database_code 
_database_2.pdbx_database_accession 
_database_2.pdbx_DOI 
PDB   3E0E         pdb_00003e0e 10.2210/pdb3e0e/pdb 
RCSB  RCSB048716   ?            ?                   
WWPDB D_1000048716 ?            ?                   
# 
loop_
_pdbx_audit_revision_history.ordinal 
_pdbx_audit_revision_history.data_content_type 
_pdbx_audit_revision_history.major_revision 
_pdbx_audit_revision_history.minor_revision 
_pdbx_audit_revision_history.revision_date 
1 'Structure model' 1 0 2008-09-30 
2 'Structure model' 1 1 2011-07-13 
3 'Structure model' 1 2 2024-11-06 
# 
_pdbx_audit_revision_details.ordinal             1 
_pdbx_audit_revision_details.revision_ordinal    1 
_pdbx_audit_revision_details.data_content_type   'Structure model' 
_pdbx_audit_revision_details.provider            repository 
_pdbx_audit_revision_details.type                'Initial release' 
_pdbx_audit_revision_details.description         ? 
_pdbx_audit_revision_details.details             ? 
# 
loop_
_pdbx_audit_revision_group.ordinal 
_pdbx_audit_revision_group.revision_ordinal 
_pdbx_audit_revision_group.data_content_type 
_pdbx_audit_revision_group.group 
1 2 'Structure model' 'Version format compliance' 
2 3 'Structure model' 'Data collection'           
3 3 'Structure model' 'Database references'       
4 3 'Structure model' 'Derived calculations'      
5 3 'Structure model' 'Structure summary'         
# 
loop_
_pdbx_audit_revision_category.ordinal 
_pdbx_audit_revision_category.revision_ordinal 
_pdbx_audit_revision_category.data_content_type 
_pdbx_audit_revision_category.category 
1 3 'Structure model' chem_comp_atom            
2 3 'Structure model' chem_comp_bond            
3 3 'Structure model' database_2                
4 3 'Structure model' pdbx_entry_details        
5 3 'Structure model' pdbx_modification_feature 
6 3 'Structure model' struct_conn               
# 
loop_
_pdbx_audit_revision_item.ordinal 
_pdbx_audit_revision_item.revision_ordinal 
_pdbx_audit_revision_item.data_content_type 
_pdbx_audit_revision_item.item 
1 3 'Structure model' '_database_2.pdbx_DOI'                
2 3 'Structure model' '_database_2.pdbx_database_accession' 
3 3 'Structure model' '_struct_conn.pdbx_leaving_atom_flag' 
# 
_pdbx_database_status.status_code                     REL 
_pdbx_database_status.entry_id                        3E0E 
_pdbx_database_status.recvd_initial_deposition_date   2008-07-31 
_pdbx_database_status.deposit_site                    RCSB 
_pdbx_database_status.process_site                    RCSB 
_pdbx_database_status.status_code_sf                  REL 
_pdbx_database_status.status_code_mr                  ? 
_pdbx_database_status.SG_entry                        Y 
_pdbx_database_status.pdb_format_compatible           Y 
_pdbx_database_status.status_code_cs                  ? 
_pdbx_database_status.status_code_nmr_data            ? 
_pdbx_database_status.methods_development_category    ? 
# 
_pdbx_database_related.db_name        TargetDB 
_pdbx_database_related.db_id          MrR110B 
_pdbx_database_related.details        . 
_pdbx_database_related.content_type   unspecified 
# 
loop_
_audit_author.name 
_audit_author.pdbx_ordinal 
'Seetharaman, J.'                                 1  
'Chen, Y.'                                        2  
'Wang, H.'                                        3  
'Janjua, H.'                                      4  
'Foote, E.L.'                                     5  
'Xiao, R.'                                        6  
'Nair, R.'                                        7  
'Everett, J.K.'                                   8  
'Acton, T.B.'                                     9  
'Rost, B.'                                        10 
'Montelione, G.T.'                                11 
'Hunt, J.F.'                                      12 
'Tong, L.'                                        13 
'Northeast Structural Genomics Consortium (NESG)' 14 
# 
_citation.id                        primary 
_citation.title                     
'Crystal structure of a domain of replication protein A from Methanococcus maripaludis. NorthEast Structural Genomics targe MrR110B' 
_citation.journal_abbrev            'To be Published' 
_citation.journal_volume            ? 
_citation.page_first                ? 
_citation.page_last                 ? 
_citation.year                      ? 
_citation.journal_id_ASTM           ? 
_citation.country                   ? 
_citation.journal_id_ISSN           ? 
_citation.journal_id_CSD            0353 
_citation.book_publisher            ? 
_citation.pdbx_database_id_PubMed   ? 
_citation.pdbx_database_id_DOI      ? 
# 
loop_
_citation_author.citation_id 
_citation_author.name 
_citation_author.ordinal 
_citation_author.identifier_ORCID 
primary 'Seetharaman, J.'  1  ? 
primary 'Chen, Y.'         2  ? 
primary 'Wang, H.'         3  ? 
primary 'Janjua, H.'       4  ? 
primary 'Foote, E.L.'      5  ? 
primary 'Xiao, R.'         6  ? 
primary 'Nair, R.'         7  ? 
primary 'Everett, J.K.'    8  ? 
primary 'Acton, T.B.'      9  ? 
primary 'Rost, B.'         10 ? 
primary 'Montelione, G.T.' 11 ? 
primary 'Hunt, J.F.'       12 ? 
primary 'Tong, L.'         13 ? 
# 
loop_
_entity.id 
_entity.type 
_entity.src_method 
_entity.pdbx_description 
_entity.formula_weight 
_entity.pdbx_number_of_molecules 
_entity.pdbx_ec 
_entity.pdbx_mutation 
_entity.pdbx_fragment 
_entity.details 
1 polymer man 'Replication protein A' 10796.943 1   ? ? 'residues 173-267' ? 
2 water   nat water                   18.015    104 ? ? ?                  ? 
# 
_entity_poly.entity_id                      1 
_entity_poly.type                           'polypeptide(L)' 
_entity_poly.nstd_linkage                   no 
_entity_poly.nstd_monomer                   yes 
_entity_poly.pdbx_seq_one_letter_code       
;(MSE)NYKISEL(MSE)PNLSGTINAEVVTAYPKKEFSRKDGTKGQLKSLFLKDDTGSIRGTLWNELADFEVKKGDIAEV
SGYVKQGYSGLEISVDNIGIIEKSL
;
_entity_poly.pdbx_seq_one_letter_code_can   
;MNYKISELMPNLSGTINAEVVTAYPKKEFSRKDGTKGQLKSLFLKDDTGSIRGTLWNELADFEVKKGDIAEVSGYVKQGY
SGLEISVDNIGIIEKSL
;
_entity_poly.pdbx_strand_id                 A 
_entity_poly.pdbx_target_identifier         MrR110B 
# 
_pdbx_entity_nonpoly.entity_id   2 
_pdbx_entity_nonpoly.name        water 
_pdbx_entity_nonpoly.comp_id     HOH 
# 
loop_
_entity_poly_seq.entity_id 
_entity_poly_seq.num 
_entity_poly_seq.mon_id 
_entity_poly_seq.hetero 
1 1  MSE n 
1 2  ASN n 
1 3  TYR n 
1 4  LYS n 
1 5  ILE n 
1 6  SER n 
1 7  GLU n 
1 8  LEU n 
1 9  MSE n 
1 10 PRO n 
1 11 ASN n 
1 12 LEU n 
1 13 SER n 
1 14 GLY n 
1 15 THR n 
1 16 ILE n 
1 17 ASN n 
1 18 ALA n 
1 19 GLU n 
1 20 VAL n 
1 21 VAL n 
1 22 THR n 
1 23 ALA n 
1 24 TYR n 
1 25 PRO n 
1 26 LYS n 
1 27 LYS n 
1 28 GLU n 
1 29 PHE n 
1 30 SER n 
1 31 ARG n 
1 32 LYS n 
1 33 ASP n 
1 34 GLY n 
1 35 THR n 
1 36 LYS n 
1 37 GLY n 
1 38 GLN n 
1 39 LEU n 
1 40 LYS n 
1 41 SER n 
1 42 LEU n 
1 43 PHE n 
1 44 LEU n 
1 45 LYS n 
1 46 ASP n 
1 47 ASP n 
1 48 THR n 
1 49 GLY n 
1 50 SER n 
1 51 ILE n 
1 52 ARG n 
1 53 GLY n 
1 54 THR n 
1 55 LEU n 
1 56 TRP n 
1 57 ASN n 
1 58 GLU n 
1 59 LEU n 
1 60 ALA n 
1 61 ASP n 
1 62 PHE n 
1 63 GLU n 
1 64 VAL n 
1 65 LYS n 
1 66 LYS n 
1 67 GLY n 
1 68 ASP n 
1 69 ILE n 
1 70 ALA n 
1 71 GLU n 
1 72 VAL n 
1 73 SER n 
1 74 GLY n 
1 75 TYR n 
1 76 VAL n 
1 77 LYS n 
1 78 GLN n 
1 79 GLY n 
1 80 TYR n 
1 81 SER n 
1 82 GLY n 
1 83 LEU n 
1 84 GLU n 
1 85 ILE n 
1 86 SER n 
1 87 VAL n 
1 88 ASP n 
1 89 ASN n 
1 90 ILE n 
1 91 GLY n 
1 92 ILE n 
1 93 ILE n 
1 94 GLU n 
1 95 LYS n 
1 96 SER n 
1 97 LEU n 
# 
_entity_src_gen.entity_id                          1 
_entity_src_gen.pdbx_src_id                        1 
_entity_src_gen.pdbx_alt_source_flag               sample 
_entity_src_gen.pdbx_seq_type                      ? 
_entity_src_gen.pdbx_beg_seq_num                   ? 
_entity_src_gen.pdbx_end_seq_num                   ? 
_entity_src_gen.gene_src_common_name               ? 
_entity_src_gen.gene_src_genus                     ? 
_entity_src_gen.pdbx_gene_src_gene                 'rpa, MMP1032' 
_entity_src_gen.gene_src_species                   ? 
_entity_src_gen.gene_src_strain                    ? 
_entity_src_gen.gene_src_tissue                    ? 
_entity_src_gen.gene_src_tissue_fraction           ? 
_entity_src_gen.gene_src_details                   ? 
_entity_src_gen.pdbx_gene_src_fragment             ? 
_entity_src_gen.pdbx_gene_src_scientific_name      'Methanococcus maripaludis' 
_entity_src_gen.pdbx_gene_src_ncbi_taxonomy_id     39152 
_entity_src_gen.pdbx_gene_src_variant              ? 
_entity_src_gen.pdbx_gene_src_cell_line            ? 
_entity_src_gen.pdbx_gene_src_atcc                 ? 
_entity_src_gen.pdbx_gene_src_organ                ? 
_entity_src_gen.pdbx_gene_src_organelle            ? 
_entity_src_gen.pdbx_gene_src_cell                 ? 
_entity_src_gen.pdbx_gene_src_cellular_location    ? 
_entity_src_gen.host_org_common_name               ? 
_entity_src_gen.pdbx_host_org_scientific_name      'Escherichia coli' 
_entity_src_gen.pdbx_host_org_ncbi_taxonomy_id     ? 
_entity_src_gen.host_org_genus                     ? 
_entity_src_gen.pdbx_host_org_gene                 ? 
_entity_src_gen.pdbx_host_org_organ                ? 
_entity_src_gen.host_org_species                   ? 
_entity_src_gen.pdbx_host_org_tissue               ? 
_entity_src_gen.pdbx_host_org_tissue_fraction      ? 
_entity_src_gen.pdbx_host_org_strain               ? 
_entity_src_gen.pdbx_host_org_variant              ? 
_entity_src_gen.pdbx_host_org_cell_line            ? 
_entity_src_gen.pdbx_host_org_atcc                 ? 
_entity_src_gen.pdbx_host_org_culture_collection   ? 
_entity_src_gen.pdbx_host_org_cell                 ? 
_entity_src_gen.pdbx_host_org_organelle            ? 
_entity_src_gen.pdbx_host_org_cellular_location    ? 
_entity_src_gen.pdbx_host_org_vector_type          plasmid 
_entity_src_gen.pdbx_host_org_vector               ? 
_entity_src_gen.host_org_details                   ? 
_entity_src_gen.expression_system_id               ? 
_entity_src_gen.plasmid_name                       'PET 21' 
_entity_src_gen.plasmid_details                    ? 
_entity_src_gen.pdbx_description                   ? 
# 
loop_
_chem_comp.id 
_chem_comp.type 
_chem_comp.mon_nstd_flag 
_chem_comp.name 
_chem_comp.pdbx_synonyms 
_chem_comp.formula 
_chem_comp.formula_weight 
ALA 'L-peptide linking' y ALANINE          ? 'C3 H7 N O2'     89.093  
ARG 'L-peptide linking' y ARGININE         ? 'C6 H15 N4 O2 1' 175.209 
ASN 'L-peptide linking' y ASPARAGINE       ? 'C4 H8 N2 O3'    132.118 
ASP 'L-peptide linking' y 'ASPARTIC ACID'  ? 'C4 H7 N O4'     133.103 
GLN 'L-peptide linking' y GLUTAMINE        ? 'C5 H10 N2 O3'   146.144 
GLU 'L-peptide linking' y 'GLUTAMIC ACID'  ? 'C5 H9 N O4'     147.129 
GLY 'peptide linking'   y GLYCINE          ? 'C2 H5 N O2'     75.067  
HOH non-polymer         . WATER            ? 'H2 O'           18.015  
ILE 'L-peptide linking' y ISOLEUCINE       ? 'C6 H13 N O2'    131.173 
LEU 'L-peptide linking' y LEUCINE          ? 'C6 H13 N O2'    131.173 
LYS 'L-peptide linking' y LYSINE           ? 'C6 H15 N2 O2 1' 147.195 
MSE 'L-peptide linking' n SELENOMETHIONINE ? 'C5 H11 N O2 Se' 196.106 
PHE 'L-peptide linking' y PHENYLALANINE    ? 'C9 H11 N O2'    165.189 
PRO 'L-peptide linking' y PROLINE          ? 'C5 H9 N O2'     115.130 
SER 'L-peptide linking' y SERINE           ? 'C3 H7 N O3'     105.093 
THR 'L-peptide linking' y THREONINE        ? 'C4 H9 N O3'     119.119 
TRP 'L-peptide linking' y TRYPTOPHAN       ? 'C11 H12 N2 O2'  204.225 
TYR 'L-peptide linking' y TYROSINE         ? 'C9 H11 N O3'    181.189 
VAL 'L-peptide linking' y VALINE           ? 'C5 H11 N O2'    117.146 
# 
loop_
_pdbx_poly_seq_scheme.asym_id 
_pdbx_poly_seq_scheme.entity_id 
_pdbx_poly_seq_scheme.seq_id 
_pdbx_poly_seq_scheme.mon_id 
_pdbx_poly_seq_scheme.ndb_seq_num 
_pdbx_poly_seq_scheme.pdb_seq_num 
_pdbx_poly_seq_scheme.auth_seq_num 
_pdbx_poly_seq_scheme.pdb_mon_id 
_pdbx_poly_seq_scheme.auth_mon_id 
_pdbx_poly_seq_scheme.pdb_strand_id 
_pdbx_poly_seq_scheme.pdb_ins_code 
_pdbx_poly_seq_scheme.hetero 
A 1 1  MSE 1  0  0  MSE MSE A . n 
A 1 2  ASN 2  1  1  ASN ASN A . n 
A 1 3  TYR 3  2  2  TYR TYR A . n 
A 1 4  LYS 4  3  3  LYS LYS A . n 
A 1 5  ILE 5  4  4  ILE ILE A . n 
A 1 6  SER 6  5  5  SER SER A . n 
A 1 7  GLU 7  6  6  GLU GLU A . n 
A 1 8  LEU 8  7  7  LEU LEU A . n 
A 1 9  MSE 9  8  8  MSE MSE A . n 
A 1 10 PRO 10 9  9  PRO PRO A . n 
A 1 11 ASN 11 10 10 ASN ASN A . n 
A 1 12 LEU 12 11 11 LEU LEU A . n 
A 1 13 SER 13 12 12 SER SER A . n 
A 1 14 GLY 14 13 13 GLY GLY A . n 
A 1 15 THR 15 14 14 THR THR A . n 
A 1 16 ILE 16 15 15 ILE ILE A . n 
A 1 17 ASN 17 16 16 ASN ASN A . n 
A 1 18 ALA 18 17 17 ALA ALA A . n 
A 1 19 GLU 19 18 18 GLU GLU A . n 
A 1 20 VAL 20 19 19 VAL VAL A . n 
A 1 21 VAL 21 20 20 VAL VAL A . n 
A 1 22 THR 22 21 21 THR THR A . n 
A 1 23 ALA 23 22 22 ALA ALA A . n 
A 1 24 TYR 24 23 23 TYR TYR A . n 
A 1 25 PRO 25 24 24 PRO PRO A . n 
A 1 26 LYS 26 25 25 LYS LYS A . n 
A 1 27 LYS 27 26 26 LYS LYS A . n 
A 1 28 GLU 28 27 27 GLU GLU A . n 
A 1 29 PHE 29 28 28 PHE PHE A . n 
A 1 30 SER 30 29 29 SER SER A . n 
A 1 31 ARG 31 30 ?  ?   ?   A . n 
A 1 32 LYS 32 31 ?  ?   ?   A . n 
A 1 33 ASP 33 32 ?  ?   ?   A . n 
A 1 34 GLY 34 33 ?  ?   ?   A . n 
A 1 35 THR 35 34 34 THR THR A . n 
A 1 36 LYS 36 35 35 LYS LYS A . n 
A 1 37 GLY 37 36 36 GLY GLY A . n 
A 1 38 GLN 38 37 37 GLN GLN A . n 
A 1 39 LEU 39 38 38 LEU LEU A . n 
A 1 40 LYS 40 39 39 LYS LYS A . n 
A 1 41 SER 41 40 40 SER SER A . n 
A 1 42 LEU 42 41 41 LEU LEU A . n 
A 1 43 PHE 43 42 42 PHE PHE A . n 
A 1 44 LEU 44 43 43 LEU LEU A . n 
A 1 45 LYS 45 44 44 LYS LYS A . n 
A 1 46 ASP 46 45 45 ASP ASP A . n 
A 1 47 ASP 47 46 46 ASP ASP A . n 
A 1 48 THR 48 47 47 THR THR A . n 
A 1 49 GLY 49 48 48 GLY GLY A . n 
A 1 50 SER 50 49 49 SER SER A . n 
A 1 51 ILE 51 50 50 ILE ILE A . n 
A 1 52 ARG 52 51 51 ARG ARG A . n 
A 1 53 GLY 53 52 52 GLY GLY A . n 
A 1 54 THR 54 53 53 THR THR A . n 
A 1 55 LEU 55 54 54 LEU LEU A . n 
A 1 56 TRP 56 55 55 TRP TRP A . n 
A 1 57 ASN 57 56 56 ASN ASN A . n 
A 1 58 GLU 58 57 57 GLU GLU A . n 
A 1 59 LEU 59 58 58 LEU LEU A . n 
A 1 60 ALA 60 59 59 ALA ALA A . n 
A 1 61 ASP 61 60 60 ASP ASP A . n 
A 1 62 PHE 62 61 61 PHE PHE A . n 
A 1 63 GLU 63 62 62 GLU GLU A . n 
A 1 64 VAL 64 63 63 VAL VAL A . n 
A 1 65 LYS 65 64 64 LYS LYS A . n 
A 1 66 LYS 66 65 65 LYS LYS A . n 
A 1 67 GLY 67 66 66 GLY GLY A . n 
A 1 68 ASP 68 67 67 ASP ASP A . n 
A 1 69 ILE 69 68 68 ILE ILE A . n 
A 1 70 ALA 70 69 69 ALA ALA A . n 
A 1 71 GLU 71 70 70 GLU GLU A . n 
A 1 72 VAL 72 71 71 VAL VAL A . n 
A 1 73 SER 73 72 72 SER SER A . n 
A 1 74 GLY 74 73 73 GLY GLY A . n 
A 1 75 TYR 75 74 74 TYR TYR A . n 
A 1 76 VAL 76 75 75 VAL VAL A . n 
A 1 77 LYS 77 76 76 LYS LYS A . n 
A 1 78 GLN 78 77 77 GLN GLN A . n 
A 1 79 GLY 79 78 78 GLY GLY A . n 
A 1 80 TYR 80 79 ?  ?   ?   A . n 
A 1 81 SER 81 80 ?  ?   ?   A . n 
A 1 82 GLY 82 81 81 GLY GLY A . n 
A 1 83 LEU 83 82 82 LEU LEU A . n 
A 1 84 GLU 84 83 83 GLU GLU A . n 
A 1 85 ILE 85 84 84 ILE ILE A . n 
A 1 86 SER 86 85 85 SER SER A . n 
A 1 87 VAL 87 86 86 VAL VAL A . n 
A 1 88 ASP 88 87 87 ASP ASP A . n 
A 1 89 ASN 89 88 88 ASN ASN A . n 
A 1 90 ILE 90 89 89 ILE ILE A . n 
A 1 91 GLY 91 90 90 GLY GLY A . n 
A 1 92 ILE 92 91 91 ILE ILE A . n 
A 1 93 ILE 93 92 92 ILE ILE A . n 
A 1 94 GLU 94 93 93 GLU GLU A . n 
A 1 95 LYS 95 94 94 LYS LYS A . n 
A 1 96 SER 96 95 95 SER SER A . n 
A 1 97 LEU 97 96 96 LEU LEU A . n 
# 
loop_
_pdbx_nonpoly_scheme.asym_id 
_pdbx_nonpoly_scheme.entity_id 
_pdbx_nonpoly_scheme.mon_id 
_pdbx_nonpoly_scheme.ndb_seq_num 
_pdbx_nonpoly_scheme.pdb_seq_num 
_pdbx_nonpoly_scheme.auth_seq_num 
_pdbx_nonpoly_scheme.pdb_mon_id 
_pdbx_nonpoly_scheme.auth_mon_id 
_pdbx_nonpoly_scheme.pdb_strand_id 
_pdbx_nonpoly_scheme.pdb_ins_code 
B 2 HOH 1   97  1   HOH TIP A . 
B 2 HOH 2   98  2   HOH TIP A . 
B 2 HOH 3   99  3   HOH TIP A . 
B 2 HOH 4   100 4   HOH TIP A . 
B 2 HOH 5   101 5   HOH TIP A . 
B 2 HOH 6   102 6   HOH TIP A . 
B 2 HOH 7   103 7   HOH TIP A . 
B 2 HOH 8   104 8   HOH TIP A . 
B 2 HOH 9   105 9   HOH TIP A . 
B 2 HOH 10  106 10  HOH TIP A . 
B 2 HOH 11  107 11  HOH TIP A . 
B 2 HOH 12  108 12  HOH TIP A . 
B 2 HOH 13  109 13  HOH TIP A . 
B 2 HOH 14  110 14  HOH TIP A . 
B 2 HOH 15  111 15  HOH TIP A . 
B 2 HOH 16  112 16  HOH TIP A . 
B 2 HOH 17  113 17  HOH TIP A . 
B 2 HOH 18  114 18  HOH TIP A . 
B 2 HOH 19  115 19  HOH TIP A . 
B 2 HOH 20  116 20  HOH TIP A . 
B 2 HOH 21  117 21  HOH TIP A . 
B 2 HOH 22  118 22  HOH TIP A . 
B 2 HOH 23  119 23  HOH TIP A . 
B 2 HOH 24  120 24  HOH TIP A . 
B 2 HOH 25  121 25  HOH TIP A . 
B 2 HOH 26  122 26  HOH TIP A . 
B 2 HOH 27  123 27  HOH TIP A . 
B 2 HOH 28  124 28  HOH TIP A . 
B 2 HOH 29  125 29  HOH TIP A . 
B 2 HOH 30  126 30  HOH TIP A . 
B 2 HOH 31  127 31  HOH TIP A . 
B 2 HOH 32  128 32  HOH TIP A . 
B 2 HOH 33  129 33  HOH TIP A . 
B 2 HOH 34  130 34  HOH TIP A . 
B 2 HOH 35  131 35  HOH TIP A . 
B 2 HOH 36  132 36  HOH TIP A . 
B 2 HOH 37  133 37  HOH TIP A . 
B 2 HOH 38  134 38  HOH TIP A . 
B 2 HOH 39  135 39  HOH TIP A . 
B 2 HOH 40  136 40  HOH TIP A . 
B 2 HOH 41  137 41  HOH TIP A . 
B 2 HOH 42  138 42  HOH TIP A . 
B 2 HOH 43  139 43  HOH TIP A . 
B 2 HOH 44  140 44  HOH TIP A . 
B 2 HOH 45  141 45  HOH TIP A . 
B 2 HOH 46  142 46  HOH TIP A . 
B 2 HOH 47  143 47  HOH TIP A . 
B 2 HOH 48  144 48  HOH TIP A . 
B 2 HOH 49  145 49  HOH TIP A . 
B 2 HOH 50  146 50  HOH TIP A . 
B 2 HOH 51  147 51  HOH TIP A . 
B 2 HOH 52  148 52  HOH TIP A . 
B 2 HOH 53  149 53  HOH TIP A . 
B 2 HOH 54  150 54  HOH TIP A . 
B 2 HOH 55  151 55  HOH TIP A . 
B 2 HOH 56  152 56  HOH TIP A . 
B 2 HOH 57  153 57  HOH TIP A . 
B 2 HOH 58  154 58  HOH TIP A . 
B 2 HOH 59  155 59  HOH TIP A . 
B 2 HOH 60  156 60  HOH TIP A . 
B 2 HOH 61  157 61  HOH TIP A . 
B 2 HOH 62  158 62  HOH TIP A . 
B 2 HOH 63  159 63  HOH TIP A . 
B 2 HOH 64  160 64  HOH TIP A . 
B 2 HOH 65  161 65  HOH TIP A . 
B 2 HOH 66  162 66  HOH TIP A . 
B 2 HOH 67  163 67  HOH TIP A . 
B 2 HOH 68  164 68  HOH TIP A . 
B 2 HOH 69  165 69  HOH TIP A . 
B 2 HOH 70  166 70  HOH TIP A . 
B 2 HOH 71  167 71  HOH TIP A . 
B 2 HOH 72  168 72  HOH TIP A . 
B 2 HOH 73  169 73  HOH TIP A . 
B 2 HOH 74  170 74  HOH TIP A . 
B 2 HOH 75  171 75  HOH TIP A . 
B 2 HOH 76  172 76  HOH TIP A . 
B 2 HOH 77  173 77  HOH TIP A . 
B 2 HOH 78  174 78  HOH TIP A . 
B 2 HOH 79  175 79  HOH TIP A . 
B 2 HOH 80  176 80  HOH TIP A . 
B 2 HOH 81  177 81  HOH TIP A . 
B 2 HOH 82  178 82  HOH TIP A . 
B 2 HOH 83  179 83  HOH TIP A . 
B 2 HOH 84  180 84  HOH TIP A . 
B 2 HOH 85  181 85  HOH TIP A . 
B 2 HOH 86  182 86  HOH TIP A . 
B 2 HOH 87  183 87  HOH TIP A . 
B 2 HOH 88  184 88  HOH TIP A . 
B 2 HOH 89  185 89  HOH TIP A . 
B 2 HOH 90  186 90  HOH TIP A . 
B 2 HOH 91  187 91  HOH TIP A . 
B 2 HOH 92  188 92  HOH TIP A . 
B 2 HOH 93  189 93  HOH TIP A . 
B 2 HOH 94  190 94  HOH TIP A . 
B 2 HOH 95  191 95  HOH TIP A . 
B 2 HOH 96  192 96  HOH TIP A . 
B 2 HOH 97  193 97  HOH TIP A . 
B 2 HOH 98  194 98  HOH TIP A . 
B 2 HOH 99  195 99  HOH TIP A . 
B 2 HOH 100 196 100 HOH TIP A . 
B 2 HOH 101 197 101 HOH TIP A . 
B 2 HOH 102 198 102 HOH TIP A . 
B 2 HOH 103 199 103 HOH TIP A . 
B 2 HOH 104 200 104 HOH TIP A . 
# 
loop_
_pdbx_unobs_or_zero_occ_atoms.id 
_pdbx_unobs_or_zero_occ_atoms.PDB_model_num 
_pdbx_unobs_or_zero_occ_atoms.polymer_flag 
_pdbx_unobs_or_zero_occ_atoms.occupancy_flag 
_pdbx_unobs_or_zero_occ_atoms.auth_asym_id 
_pdbx_unobs_or_zero_occ_atoms.auth_comp_id 
_pdbx_unobs_or_zero_occ_atoms.auth_seq_id 
_pdbx_unobs_or_zero_occ_atoms.PDB_ins_code 
_pdbx_unobs_or_zero_occ_atoms.auth_atom_id 
_pdbx_unobs_or_zero_occ_atoms.label_alt_id 
_pdbx_unobs_or_zero_occ_atoms.label_asym_id 
_pdbx_unobs_or_zero_occ_atoms.label_comp_id 
_pdbx_unobs_or_zero_occ_atoms.label_seq_id 
_pdbx_unobs_or_zero_occ_atoms.label_atom_id 
1  1 Y 1 A THR 34 ? OG1 ? A THR 35 OG1 
2  1 Y 1 A THR 34 ? CG2 ? A THR 35 CG2 
3  1 Y 1 A LYS 35 ? CB  ? A LYS 36 CB  
4  1 Y 1 A LYS 35 ? CG  ? A LYS 36 CG  
5  1 Y 1 A LYS 35 ? CD  ? A LYS 36 CD  
6  1 Y 1 A LYS 35 ? CE  ? A LYS 36 CE  
7  1 Y 1 A LYS 35 ? NZ  ? A LYS 36 NZ  
8  1 Y 1 A LYS 76 ? CG  ? A LYS 77 CG  
9  1 Y 1 A LYS 76 ? CD  ? A LYS 77 CD  
10 1 Y 1 A LYS 76 ? CE  ? A LYS 77 CE  
11 1 Y 1 A LYS 76 ? NZ  ? A LYS 77 NZ  
12 1 Y 1 A GLN 77 ? CG  ? A GLN 78 CG  
13 1 Y 1 A GLN 77 ? CD  ? A GLN 78 CD  
14 1 Y 1 A GLN 77 ? OE1 ? A GLN 78 OE1 
15 1 Y 1 A GLN 77 ? NE2 ? A GLN 78 NE2 
# 
loop_
_software.name 
_software.classification 
_software.version 
_software.citation_id 
_software.pdbx_ordinal 
CNS      refinement        1.2     ? 1 
ADSC     'data collection' Quantum ? 2 
HKL-2000 'data reduction'  .       ? 3 
HKL-2000 'data scaling'    .       ? 4 
SHELXS   phasing           .       ? 5 
# 
_cell.entry_id           3E0E 
_cell.length_a           25.263 
_cell.length_b           54.896 
_cell.length_c           56.223 
_cell.angle_alpha        90.00 
_cell.angle_beta         90.00 
_cell.angle_gamma        90.00 
_cell.Z_PDB              4 
_cell.pdbx_unique_axis   ? 
_cell.length_a_esd       ? 
_cell.length_b_esd       ? 
_cell.length_c_esd       ? 
_cell.angle_alpha_esd    ? 
_cell.angle_beta_esd     ? 
_cell.angle_gamma_esd    ? 
# 
_symmetry.entry_id                         3E0E 
_symmetry.space_group_name_H-M             'P 21 21 21' 
_symmetry.pdbx_full_space_group_name_H-M   ? 
_symmetry.cell_setting                     ? 
_symmetry.Int_Tables_number                19 
_symmetry.space_group_name_Hall            ? 
# 
_exptl.entry_id          3E0E 
_exptl.method            'X-RAY DIFFRACTION' 
_exptl.crystals_number   1 
# 
_exptl_crystal.id                    1 
_exptl_crystal.density_meas          ? 
_exptl_crystal.density_Matthews      1.81 
_exptl_crystal.density_percent_sol   31.87 
_exptl_crystal.description           ? 
_exptl_crystal.F_000                 ? 
_exptl_crystal.preparation           ? 
# 
_exptl_crystal_grow.crystal_id      1 
_exptl_crystal_grow.method          ? 
_exptl_crystal_grow.temp            293 
_exptl_crystal_grow.temp_details    ? 
_exptl_crystal_grow.pH              5 
_exptl_crystal_grow.pdbx_details    
'Sodium chloride 0.1 M, Sodium Acetate  0.1 M, PEG 4000        40%, pH 5, Micro batch under oil method, temperature 293K' 
_exptl_crystal_grow.pdbx_pH_range   . 
# 
loop_
_diffrn.id 
_diffrn.ambient_temp 
_diffrn.ambient_temp_details 
_diffrn.crystal_id 
1 100 ? 1 
2 ?   ? 1 
# 
_diffrn_detector.diffrn_id              1 
_diffrn_detector.detector               CCD 
_diffrn_detector.type                   'ADSC QUANTUM 210' 
_diffrn_detector.pdbx_collection_date   2008-06-29 
_diffrn_detector.details                Mirrors 
# 
_diffrn_radiation.diffrn_id                        1 
_diffrn_radiation.wavelength_id                    1 
_diffrn_radiation.pdbx_monochromatic_or_laue_m_l   M 
_diffrn_radiation.monochromator                    ? 
_diffrn_radiation.pdbx_diffrn_protocol             'SINGLE WAVELENGTH' 
_diffrn_radiation.pdbx_scattering_type             x-ray 
# 
_diffrn_radiation_wavelength.id           1 
_diffrn_radiation_wavelength.wavelength   0.979 
_diffrn_radiation_wavelength.wt           1.0 
# 
loop_
_diffrn_source.diffrn_id 
_diffrn_source.source 
_diffrn_source.type 
_diffrn_source.pdbx_synchrotron_site 
_diffrn_source.pdbx_synchrotron_beamline 
_diffrn_source.pdbx_wavelength 
_diffrn_source.pdbx_wavelength_list 
1 SYNCHROTRON 'NSLS BEAMLINE X4A' NSLS X4A ? 0.979 
2 SYNCHROTRON 'NSLS BEAMLINE X4C' NSLS X4C ? 0.979 
# 
_reflns.entry_id                     3E0E 
_reflns.observed_criterion_sigma_I   0 
_reflns.observed_criterion_sigma_F   0 
_reflns.d_resolution_low             50 
_reflns.d_resolution_high            1.6 
_reflns.number_obs                   19963 
_reflns.number_all                   ? 
_reflns.percent_possible_obs         99.7 
_reflns.pdbx_Rmerge_I_obs            0.048 
_reflns.pdbx_Rsym_value              0.044 
_reflns.pdbx_netI_over_sigmaI        ? 
_reflns.B_iso_Wilson_estimate        17.5 
_reflns.pdbx_redundancy              21.4 
_reflns.R_free_details               ? 
_reflns.limit_h_max                  ? 
_reflns.limit_h_min                  ? 
_reflns.limit_k_max                  ? 
_reflns.limit_k_min                  ? 
_reflns.limit_l_max                  ? 
_reflns.limit_l_min                  ? 
_reflns.observed_criterion_F_max     ? 
_reflns.observed_criterion_F_min     ? 
_reflns.pdbx_chi_squared             ? 
_reflns.pdbx_scaling_rejects         ? 
_reflns.pdbx_diffrn_id               1 
_reflns.pdbx_ordinal                 1 
# 
_reflns_shell.d_res_high             1.6 
_reflns_shell.d_res_low              1.66 
_reflns_shell.percent_possible_all   98.7 
_reflns_shell.Rmerge_I_obs           0.225 
_reflns_shell.pdbx_Rsym_value        0.213 
_reflns_shell.meanI_over_sigI_obs    19.5 
_reflns_shell.pdbx_redundancy        3.3 
_reflns_shell.percent_possible_obs   ? 
_reflns_shell.number_unique_all      1987 
_reflns_shell.number_measured_all    ? 
_reflns_shell.number_measured_obs    ? 
_reflns_shell.number_unique_obs      ? 
_reflns_shell.pdbx_chi_squared       ? 
_reflns_shell.pdbx_diffrn_id         ? 
_reflns_shell.pdbx_ordinal           1 
# 
_refine.entry_id                                 3E0E 
_refine.ls_number_reflns_obs                     19559 
_refine.ls_number_reflns_all                     ? 
_refine.pdbx_ls_sigma_I                          ? 
_refine.pdbx_ls_sigma_F                          0.0 
_refine.pdbx_data_cutoff_high_absF               146558.00 
_refine.pdbx_data_cutoff_low_absF                0.000000 
_refine.pdbx_data_cutoff_high_rms_absF           ? 
_refine.ls_d_res_low                             39.28 
_refine.ls_d_res_high                            1.60 
_refine.ls_percent_reflns_obs                    97.9 
_refine.ls_R_factor_obs                          0.234 
_refine.ls_R_factor_all                          ? 
_refine.ls_R_factor_R_work                       0.234 
_refine.ls_R_factor_R_free                       0.269 
_refine.ls_R_factor_R_free_error                 0.008 
_refine.ls_R_factor_R_free_error_details         ? 
_refine.ls_percent_reflns_R_free                 5.9 
_refine.ls_number_reflns_R_free                  1146 
_refine.ls_number_parameters                     ? 
_refine.ls_number_restraints                     ? 
_refine.occupancy_min                            ? 
_refine.occupancy_max                            ? 
_refine.correlation_coeff_Fo_to_Fc               ? 
_refine.correlation_coeff_Fo_to_Fc_free          ? 
_refine.B_iso_mean                               18.2 
_refine.aniso_B[1][1]                            1.54 
_refine.aniso_B[2][2]                            -1.13 
_refine.aniso_B[3][3]                            -0.41 
_refine.aniso_B[1][2]                            0.00 
_refine.aniso_B[1][3]                            0.00 
_refine.aniso_B[2][3]                            0.00 
_refine.solvent_model_details                    'FLAT MODEL' 
_refine.solvent_model_param_ksol                 0.4 
_refine.solvent_model_param_bsol                 61.0129 
_refine.pdbx_solvent_vdw_probe_radii             ? 
_refine.pdbx_solvent_ion_probe_radii             ? 
_refine.pdbx_solvent_shrinkage_radii             ? 
_refine.pdbx_ls_cross_valid_method               THROUGHOUT 
_refine.details                                  'BULK SOLVENT MODEL USED' 
_refine.pdbx_starting_model                      ? 
_refine.pdbx_method_to_determine_struct          SAD 
_refine.pdbx_isotropic_thermal_model             RESTRAINED 
_refine.pdbx_stereochemistry_target_values       'Engh & Huber' 
_refine.pdbx_stereochem_target_val_spec_case     ? 
_refine.pdbx_R_Free_selection_details            RANDOM 
_refine.pdbx_overall_ESU_R                       ? 
_refine.pdbx_overall_ESU_R_Free                  ? 
_refine.overall_SU_ML                            ? 
_refine.overall_SU_B                             ? 
_refine.ls_redundancy_reflns_obs                 ? 
_refine.B_iso_min                                ? 
_refine.B_iso_max                                ? 
_refine.overall_SU_R_Cruickshank_DPI             ? 
_refine.overall_SU_R_free                        ? 
_refine.ls_wR_factor_R_free                      ? 
_refine.ls_wR_factor_R_work                      ? 
_refine.overall_FOM_free_R_set                   ? 
_refine.overall_FOM_work_R_set                   ? 
_refine.pdbx_overall_phase_error                 ? 
_refine.pdbx_refine_id                           'X-RAY DIFFRACTION' 
_refine.pdbx_diffrn_id                           1 
_refine.pdbx_TLS_residual_ADP_flag               ? 
_refine.pdbx_overall_SU_R_free_Cruickshank_DPI   ? 
_refine.pdbx_overall_SU_R_Blow_DPI               ? 
_refine.pdbx_overall_SU_R_free_Blow_DPI          ? 
# 
_refine_analyze.entry_id                        3E0E 
_refine_analyze.Luzzati_coordinate_error_obs    0.21 
_refine_analyze.Luzzati_sigma_a_obs             0.12 
_refine_analyze.Luzzati_d_res_low_obs           5.00 
_refine_analyze.Luzzati_coordinate_error_free   0.26 
_refine_analyze.Luzzati_sigma_a_free            0.04 
_refine_analyze.Luzzati_d_res_low_free          ? 
_refine_analyze.number_disordered_residues      ? 
_refine_analyze.occupancy_sum_hydrogen          ? 
_refine_analyze.occupancy_sum_non_hydrogen      ? 
_refine_analyze.pdbx_Luzzati_d_res_high_obs     ? 
_refine_analyze.pdbx_refine_id                  'X-RAY DIFFRACTION' 
# 
_refine_hist.pdbx_refine_id                   'X-RAY DIFFRACTION' 
_refine_hist.cycle_id                         LAST 
_refine_hist.pdbx_number_atoms_protein        687 
_refine_hist.pdbx_number_atoms_nucleic_acid   0 
_refine_hist.pdbx_number_atoms_ligand         0 
_refine_hist.number_atoms_solvent             104 
_refine_hist.number_atoms_total               791 
_refine_hist.d_res_high                       1.60 
_refine_hist.d_res_low                        39.28 
# 
loop_
_refine_ls_restr.type 
_refine_ls_restr.dev_ideal 
_refine_ls_restr.dev_ideal_target 
_refine_ls_restr.weight 
_refine_ls_restr.number 
_refine_ls_restr.pdbx_refine_id 
_refine_ls_restr.pdbx_restraint_function 
c_bond_d           0.005 ? ? ? 'X-RAY DIFFRACTION' ? 
c_angle_deg        1.4   ? ? ? 'X-RAY DIFFRACTION' ? 
c_dihedral_angle_d 26.6  ? ? ? 'X-RAY DIFFRACTION' ? 
c_improper_angle_d 0.74  ? ? ? 'X-RAY DIFFRACTION' ? 
# 
_refine_ls_shell.pdbx_total_number_of_bins_used   6 
_refine_ls_shell.d_res_high                       1.60 
_refine_ls_shell.d_res_low                        1.70 
_refine_ls_shell.number_reflns_R_work             2958 
_refine_ls_shell.R_factor_R_work                  0.273 
_refine_ls_shell.percent_reflns_obs               95.1 
_refine_ls_shell.R_factor_R_free                  0.288 
_refine_ls_shell.R_factor_R_free_error            0.020 
_refine_ls_shell.percent_reflns_R_free            6.5 
_refine_ls_shell.number_reflns_R_free             204 
_refine_ls_shell.number_reflns_all                ? 
_refine_ls_shell.R_factor_all                     ? 
_refine_ls_shell.number_reflns_obs                ? 
_refine_ls_shell.redundancy_reflns_obs            ? 
_refine_ls_shell.pdbx_refine_id                   'X-RAY DIFFRACTION' 
# 
loop_
_pdbx_xplor_file.serial_no 
_pdbx_xplor_file.param_file 
_pdbx_xplor_file.topol_file 
_pdbx_xplor_file.pdbx_refine_id 
1 protein_rep.param protein.top   'X-RAY DIFFRACTION' 
2 water_rep.param   water_rep.top 'X-RAY DIFFRACTION' 
# 
_struct.entry_id                  3E0E 
_struct.title                     
'Crystal structure of a domain of replication protein A from Methanococcus maripaludis. NorthEast Structural Genomics targe MrR110B' 
_struct.pdbx_model_details        ? 
_struct.pdbx_CASP_flag            Y 
_struct.pdbx_model_type_details   ? 
# 
_struct_keywords.entry_id        3E0E 
_struct_keywords.pdbx_keywords   REPLICATION 
_struct_keywords.text            
;Replication protein A, Structural Genomics, PSI-2, Protein Structure Initiative, Northeast Structural Genomics Consortium, NESG, REPLICATION
;
# 
loop_
_struct_asym.id 
_struct_asym.pdbx_blank_PDB_chainid_flag 
_struct_asym.pdbx_modified 
_struct_asym.entity_id 
_struct_asym.details 
A N N 1 ? 
B N N 2 ? 
# 
_struct_ref.id                         1 
_struct_ref.db_name                    UNP 
_struct_ref.db_code                    Q6LYF9_METMP 
_struct_ref.pdbx_db_accession          Q6LYF9 
_struct_ref.entity_id                  1 
_struct_ref.pdbx_seq_one_letter_code   
;NYKISELMPNLSGTINAEVVTAYPKKEFSRKDGTKGQLKSLFLKDDTGSIRGTLWNELADFEVKKGDIAEVSGYVKQGYS
GLEISVDNIGIIEKS
;
_struct_ref.pdbx_align_begin           173 
_struct_ref.pdbx_db_isoform            ? 
# 
_struct_ref_seq.align_id                      1 
_struct_ref_seq.ref_id                        1 
_struct_ref_seq.pdbx_PDB_id_code              3E0E 
_struct_ref_seq.pdbx_strand_id                A 
_struct_ref_seq.seq_align_beg                 2 
_struct_ref_seq.pdbx_seq_align_beg_ins_code   ? 
_struct_ref_seq.seq_align_end                 96 
_struct_ref_seq.pdbx_seq_align_end_ins_code   ? 
_struct_ref_seq.pdbx_db_accession             Q6LYF9 
_struct_ref_seq.db_align_beg                  173 
_struct_ref_seq.pdbx_db_align_beg_ins_code    ? 
_struct_ref_seq.db_align_end                  267 
_struct_ref_seq.pdbx_db_align_end_ins_code    ? 
_struct_ref_seq.pdbx_auth_seq_align_beg       1 
_struct_ref_seq.pdbx_auth_seq_align_end       95 
# 
loop_
_struct_ref_seq_dif.align_id 
_struct_ref_seq_dif.pdbx_pdb_id_code 
_struct_ref_seq_dif.mon_id 
_struct_ref_seq_dif.pdbx_pdb_strand_id 
_struct_ref_seq_dif.seq_num 
_struct_ref_seq_dif.pdbx_pdb_ins_code 
_struct_ref_seq_dif.pdbx_seq_db_name 
_struct_ref_seq_dif.pdbx_seq_db_accession_code 
_struct_ref_seq_dif.db_mon_id 
_struct_ref_seq_dif.pdbx_seq_db_seq_num 
_struct_ref_seq_dif.details 
_struct_ref_seq_dif.pdbx_auth_seq_num 
_struct_ref_seq_dif.pdbx_ordinal 
1 3E0E MSE A 1  ? UNP Q6LYF9 ? ? 'expression tag' 0  1 
1 3E0E LEU A 97 ? UNP Q6LYF9 ? ? 'expression tag' 96 2 
# 
_pdbx_struct_assembly.id                   1 
_pdbx_struct_assembly.details              author_and_software_defined_assembly 
_pdbx_struct_assembly.method_details       PISA 
_pdbx_struct_assembly.oligomeric_details   monomeric 
_pdbx_struct_assembly.oligomeric_count     1 
# 
_pdbx_struct_assembly_gen.assembly_id       1 
_pdbx_struct_assembly_gen.oper_expression   1 
_pdbx_struct_assembly_gen.asym_id_list      A,B 
# 
_pdbx_struct_oper_list.id                   1 
_pdbx_struct_oper_list.type                 'identity operation' 
_pdbx_struct_oper_list.name                 1_555 
_pdbx_struct_oper_list.symmetry_operation   x,y,z 
_pdbx_struct_oper_list.matrix[1][1]         1.0000000000 
_pdbx_struct_oper_list.matrix[1][2]         0.0000000000 
_pdbx_struct_oper_list.matrix[1][3]         0.0000000000 
_pdbx_struct_oper_list.vector[1]            0.0000000000 
_pdbx_struct_oper_list.matrix[2][1]         0.0000000000 
_pdbx_struct_oper_list.matrix[2][2]         1.0000000000 
_pdbx_struct_oper_list.matrix[2][3]         0.0000000000 
_pdbx_struct_oper_list.vector[2]            0.0000000000 
_pdbx_struct_oper_list.matrix[3][1]         0.0000000000 
_pdbx_struct_oper_list.matrix[3][2]         0.0000000000 
_pdbx_struct_oper_list.matrix[3][3]         1.0000000000 
_pdbx_struct_oper_list.vector[3]            0.0000000000 
# 
loop_
_struct_conf.conf_type_id 
_struct_conf.id 
_struct_conf.pdbx_PDB_helix_id 
_struct_conf.beg_label_comp_id 
_struct_conf.beg_label_asym_id 
_struct_conf.beg_label_seq_id 
_struct_conf.pdbx_beg_PDB_ins_code 
_struct_conf.end_label_comp_id 
_struct_conf.end_label_asym_id 
_struct_conf.end_label_seq_id 
_struct_conf.pdbx_end_PDB_ins_code 
_struct_conf.beg_auth_comp_id 
_struct_conf.beg_auth_asym_id 
_struct_conf.beg_auth_seq_id 
_struct_conf.end_auth_comp_id 
_struct_conf.end_auth_asym_id 
_struct_conf.end_auth_seq_id 
_struct_conf.pdbx_PDB_helix_class 
_struct_conf.details 
_struct_conf.pdbx_PDB_helix_length 
HELX_P HELX_P1 1 LYS A 4  ? LEU A 8  ? LYS A 3  LEU A 7  5 ? 5 
HELX_P HELX_P2 2 GLU A 58 ? PHE A 62 ? GLU A 57 PHE A 61 5 ? 5 
# 
_struct_conf_type.id          HELX_P 
_struct_conf_type.criteria    ? 
_struct_conf_type.reference   ? 
# 
loop_
_struct_conn.id 
_struct_conn.conn_type_id 
_struct_conn.pdbx_leaving_atom_flag 
_struct_conn.pdbx_PDB_id 
_struct_conn.ptnr1_label_asym_id 
_struct_conn.ptnr1_label_comp_id 
_struct_conn.ptnr1_label_seq_id 
_struct_conn.ptnr1_label_atom_id 
_struct_conn.pdbx_ptnr1_label_alt_id 
_struct_conn.pdbx_ptnr1_PDB_ins_code 
_struct_conn.pdbx_ptnr1_standard_comp_id 
_struct_conn.ptnr1_symmetry 
_struct_conn.ptnr2_label_asym_id 
_struct_conn.ptnr2_label_comp_id 
_struct_conn.ptnr2_label_seq_id 
_struct_conn.ptnr2_label_atom_id 
_struct_conn.pdbx_ptnr2_label_alt_id 
_struct_conn.pdbx_ptnr2_PDB_ins_code 
_struct_conn.ptnr1_auth_asym_id 
_struct_conn.ptnr1_auth_comp_id 
_struct_conn.ptnr1_auth_seq_id 
_struct_conn.ptnr2_auth_asym_id 
_struct_conn.ptnr2_auth_comp_id 
_struct_conn.ptnr2_auth_seq_id 
_struct_conn.ptnr2_symmetry 
_struct_conn.pdbx_ptnr3_label_atom_id 
_struct_conn.pdbx_ptnr3_label_seq_id 
_struct_conn.pdbx_ptnr3_label_comp_id 
_struct_conn.pdbx_ptnr3_label_asym_id 
_struct_conn.pdbx_ptnr3_label_alt_id 
_struct_conn.pdbx_ptnr3_PDB_ins_code 
_struct_conn.details 
_struct_conn.pdbx_dist_value 
_struct_conn.pdbx_value_order 
_struct_conn.pdbx_role 
covale1 covale both ? A MSE 1 C ? ? ? 1_555 A ASN 2  N ? ? A MSE 0 A ASN 1 1_555 ? ? ? ? ? ? ? 1.326 ? ? 
covale2 covale both ? A LEU 8 C ? ? ? 1_555 A MSE 9  N ? ? A LEU 7 A MSE 8 1_555 ? ? ? ? ? ? ? 1.329 ? ? 
covale3 covale both ? A MSE 9 C ? ? ? 1_555 A PRO 10 N ? ? A MSE 8 A PRO 9 1_555 ? ? ? ? ? ? ? 1.340 ? ? 
# 
_struct_conn_type.id          covale 
_struct_conn_type.criteria    ? 
_struct_conn_type.reference   ? 
# 
loop_
_pdbx_modification_feature.ordinal 
_pdbx_modification_feature.label_comp_id 
_pdbx_modification_feature.label_asym_id 
_pdbx_modification_feature.label_seq_id 
_pdbx_modification_feature.label_alt_id 
_pdbx_modification_feature.modified_residue_label_comp_id 
_pdbx_modification_feature.modified_residue_label_asym_id 
_pdbx_modification_feature.modified_residue_label_seq_id 
_pdbx_modification_feature.modified_residue_label_alt_id 
_pdbx_modification_feature.auth_comp_id 
_pdbx_modification_feature.auth_asym_id 
_pdbx_modification_feature.auth_seq_id 
_pdbx_modification_feature.PDB_ins_code 
_pdbx_modification_feature.symmetry 
_pdbx_modification_feature.modified_residue_auth_comp_id 
_pdbx_modification_feature.modified_residue_auth_asym_id 
_pdbx_modification_feature.modified_residue_auth_seq_id 
_pdbx_modification_feature.modified_residue_PDB_ins_code 
_pdbx_modification_feature.modified_residue_symmetry 
_pdbx_modification_feature.comp_id_linking_atom 
_pdbx_modification_feature.modified_residue_id_linking_atom 
_pdbx_modification_feature.modified_residue_id 
_pdbx_modification_feature.ref_pcm_id 
_pdbx_modification_feature.ref_comp_id 
_pdbx_modification_feature.type 
_pdbx_modification_feature.category 
1 MSE A 1 ? . . . . MSE A 0 ? 1_555 . . . . . . . MET 1 MSE Selenomethionine 'Named protein modification' 
2 MSE A 9 ? . . . . MSE A 8 ? 1_555 . . . . . . . MET 1 MSE Selenomethionine 'Named protein modification' 
# 
loop_
_struct_sheet.id 
_struct_sheet.type 
_struct_sheet.number_strands 
_struct_sheet.details 
A ? 4 ? 
B ? 7 ? 
# 
loop_
_struct_sheet_order.sheet_id 
_struct_sheet_order.range_id_1 
_struct_sheet_order.range_id_2 
_struct_sheet_order.offset 
_struct_sheet_order.sense 
A 1 2 ? parallel      
A 2 3 ? anti-parallel 
A 3 4 ? anti-parallel 
B 1 2 ? parallel      
B 2 3 ? anti-parallel 
B 3 4 ? anti-parallel 
B 4 5 ? parallel      
B 5 6 ? anti-parallel 
B 6 7 ? anti-parallel 
# 
loop_
_struct_sheet_range.sheet_id 
_struct_sheet_range.id 
_struct_sheet_range.beg_label_comp_id 
_struct_sheet_range.beg_label_asym_id 
_struct_sheet_range.beg_label_seq_id 
_struct_sheet_range.pdbx_beg_PDB_ins_code 
_struct_sheet_range.end_label_comp_id 
_struct_sheet_range.end_label_asym_id 
_struct_sheet_range.end_label_seq_id 
_struct_sheet_range.pdbx_end_PDB_ins_code 
_struct_sheet_range.beg_auth_comp_id 
_struct_sheet_range.beg_auth_asym_id 
_struct_sheet_range.beg_auth_seq_id 
_struct_sheet_range.end_auth_comp_id 
_struct_sheet_range.end_auth_asym_id 
_struct_sheet_range.end_auth_seq_id 
A 1 ASN A 2  ? TYR A 3  ? ASN A 1  TYR A 2  
A 2 LEU A 12 ? ALA A 23 ? LEU A 11 ALA A 22 
A 3 GLY A 37 ? ASP A 46 ? GLY A 36 ASP A 45 
A 4 LYS A 27 ? PHE A 29 ? LYS A 26 PHE A 28 
B 1 ASN A 2  ? TYR A 3  ? ASN A 1  TYR A 2  
B 2 LEU A 12 ? ALA A 23 ? LEU A 11 ALA A 22 
B 3 ILE A 69 ? LYS A 77 ? ILE A 68 LYS A 76 
B 4 GLU A 84 ? GLU A 94 ? GLU A 83 GLU A 93 
B 5 GLY A 49 ? TRP A 56 ? GLY A 48 TRP A 55 
B 6 GLY A 37 ? ASP A 46 ? GLY A 36 ASP A 45 
B 7 LYS A 27 ? PHE A 29 ? LYS A 26 PHE A 28 
# 
loop_
_pdbx_struct_sheet_hbond.sheet_id 
_pdbx_struct_sheet_hbond.range_id_1 
_pdbx_struct_sheet_hbond.range_id_2 
_pdbx_struct_sheet_hbond.range_1_label_atom_id 
_pdbx_struct_sheet_hbond.range_1_label_comp_id 
_pdbx_struct_sheet_hbond.range_1_label_asym_id 
_pdbx_struct_sheet_hbond.range_1_label_seq_id 
_pdbx_struct_sheet_hbond.range_1_PDB_ins_code 
_pdbx_struct_sheet_hbond.range_1_auth_atom_id 
_pdbx_struct_sheet_hbond.range_1_auth_comp_id 
_pdbx_struct_sheet_hbond.range_1_auth_asym_id 
_pdbx_struct_sheet_hbond.range_1_auth_seq_id 
_pdbx_struct_sheet_hbond.range_2_label_atom_id 
_pdbx_struct_sheet_hbond.range_2_label_comp_id 
_pdbx_struct_sheet_hbond.range_2_label_asym_id 
_pdbx_struct_sheet_hbond.range_2_label_seq_id 
_pdbx_struct_sheet_hbond.range_2_PDB_ins_code 
_pdbx_struct_sheet_hbond.range_2_auth_atom_id 
_pdbx_struct_sheet_hbond.range_2_auth_comp_id 
_pdbx_struct_sheet_hbond.range_2_auth_asym_id 
_pdbx_struct_sheet_hbond.range_2_auth_seq_id 
A 1 2 N TYR A 3  ? N TYR A 2  O THR A 15 ? O THR A 14 
A 2 3 N GLU A 19 ? N GLU A 18 O LYS A 45 ? O LYS A 44 
A 3 4 O LEU A 39 ? O LEU A 38 N LYS A 27 ? N LYS A 26 
B 1 2 N TYR A 3  ? N TYR A 2  O THR A 15 ? O THR A 14 
B 2 3 N LEU A 12 ? N LEU A 11 O VAL A 76 ? O VAL A 75 
B 3 4 N TYR A 75 ? N TYR A 74 O SER A 86 ? O SER A 85 
B 4 5 O ILE A 85 ? O ILE A 84 N ARG A 52 ? N ARG A 51 
B 5 6 O GLY A 53 ? O GLY A 52 N LEU A 42 ? N LEU A 41 
B 6 7 O LEU A 39 ? O LEU A 38 N LYS A 27 ? N LYS A 26 
# 
_pdbx_entry_details.entry_id                   3E0E 
_pdbx_entry_details.compound_details           ? 
_pdbx_entry_details.source_details             ? 
_pdbx_entry_details.nonpolymer_details         ? 
_pdbx_entry_details.sequence_details           ? 
_pdbx_entry_details.has_ligand_of_interest     ? 
_pdbx_entry_details.has_protein_modification   Y 
# 
_pdbx_validate_torsion.id              1 
_pdbx_validate_torsion.PDB_model_num   1 
_pdbx_validate_torsion.auth_comp_id    ASN 
_pdbx_validate_torsion.auth_asym_id    A 
_pdbx_validate_torsion.auth_seq_id     56 
_pdbx_validate_torsion.PDB_ins_code    ? 
_pdbx_validate_torsion.label_alt_id    ? 
_pdbx_validate_torsion.phi             47.48 
_pdbx_validate_torsion.psi             -120.69 
# 
_pdbx_SG_project.id                    1 
_pdbx_SG_project.project_name          'PSI, Protein Structure Initiative' 
_pdbx_SG_project.full_name_of_center   'Northeast Structural Genomics Consortium' 
_pdbx_SG_project.initial_of_center     NESG 
# 
loop_
_pdbx_struct_mod_residue.id 
_pdbx_struct_mod_residue.label_asym_id 
_pdbx_struct_mod_residue.label_comp_id 
_pdbx_struct_mod_residue.label_seq_id 
_pdbx_struct_mod_residue.auth_asym_id 
_pdbx_struct_mod_residue.auth_comp_id 
_pdbx_struct_mod_residue.auth_seq_id 
_pdbx_struct_mod_residue.PDB_ins_code 
_pdbx_struct_mod_residue.parent_comp_id 
_pdbx_struct_mod_residue.details 
1 A MSE 1 A MSE 0 ? MET SELENOMETHIONINE 
2 A MSE 9 A MSE 8 ? MET SELENOMETHIONINE 
# 
loop_
_pdbx_unobs_or_zero_occ_residues.id 
_pdbx_unobs_or_zero_occ_residues.PDB_model_num 
_pdbx_unobs_or_zero_occ_residues.polymer_flag 
_pdbx_unobs_or_zero_occ_residues.occupancy_flag 
_pdbx_unobs_or_zero_occ_residues.auth_asym_id 
_pdbx_unobs_or_zero_occ_residues.auth_comp_id 
_pdbx_unobs_or_zero_occ_residues.auth_seq_id 
_pdbx_unobs_or_zero_occ_residues.PDB_ins_code 
_pdbx_unobs_or_zero_occ_residues.label_asym_id 
_pdbx_unobs_or_zero_occ_residues.label_comp_id 
_pdbx_unobs_or_zero_occ_residues.label_seq_id 
1 1 Y 1 A ARG 30 ? A ARG 31 
2 1 Y 1 A LYS 31 ? A LYS 32 
3 1 Y 1 A ASP 32 ? A ASP 33 
4 1 Y 1 A GLY 33 ? A GLY 34 
5 1 Y 1 A TYR 79 ? A TYR 80 
6 1 Y 1 A SER 80 ? A SER 81 
# 
loop_
_chem_comp_atom.comp_id 
_chem_comp_atom.atom_id 
_chem_comp_atom.type_symbol 
_chem_comp_atom.pdbx_aromatic_flag 
_chem_comp_atom.pdbx_stereo_config 
_chem_comp_atom.pdbx_ordinal 
ALA N    N  N N 1   
ALA CA   C  N S 2   
ALA C    C  N N 3   
ALA O    O  N N 4   
ALA CB   C  N N 5   
ALA OXT  O  N N 6   
ALA H    H  N N 7   
ALA H2   H  N N 8   
ALA HA   H  N N 9   
ALA HB1  H  N N 10  
ALA HB2  H  N N 11  
ALA HB3  H  N N 12  
ALA HXT  H  N N 13  
ARG N    N  N N 14  
ARG CA   C  N S 15  
ARG C    C  N N 16  
ARG O    O  N N 17  
ARG CB   C  N N 18  
ARG CG   C  N N 19  
ARG CD   C  N N 20  
ARG NE   N  N N 21  
ARG CZ   C  N N 22  
ARG NH1  N  N N 23  
ARG NH2  N  N N 24  
ARG OXT  O  N N 25  
ARG H    H  N N 26  
ARG H2   H  N N 27  
ARG HA   H  N N 28  
ARG HB2  H  N N 29  
ARG HB3  H  N N 30  
ARG HG2  H  N N 31  
ARG HG3  H  N N 32  
ARG HD2  H  N N 33  
ARG HD3  H  N N 34  
ARG HE   H  N N 35  
ARG HH11 H  N N 36  
ARG HH12 H  N N 37  
ARG HH21 H  N N 38  
ARG HH22 H  N N 39  
ARG HXT  H  N N 40  
ASN N    N  N N 41  
ASN CA   C  N S 42  
ASN C    C  N N 43  
ASN O    O  N N 44  
ASN CB   C  N N 45  
ASN CG   C  N N 46  
ASN OD1  O  N N 47  
ASN ND2  N  N N 48  
ASN OXT  O  N N 49  
ASN H    H  N N 50  
ASN H2   H  N N 51  
ASN HA   H  N N 52  
ASN HB2  H  N N 53  
ASN HB3  H  N N 54  
ASN HD21 H  N N 55  
ASN HD22 H  N N 56  
ASN HXT  H  N N 57  
ASP N    N  N N 58  
ASP CA   C  N S 59  
ASP C    C  N N 60  
ASP O    O  N N 61  
ASP CB   C  N N 62  
ASP CG   C  N N 63  
ASP OD1  O  N N 64  
ASP OD2  O  N N 65  
ASP OXT  O  N N 66  
ASP H    H  N N 67  
ASP H2   H  N N 68  
ASP HA   H  N N 69  
ASP HB2  H  N N 70  
ASP HB3  H  N N 71  
ASP HD2  H  N N 72  
ASP HXT  H  N N 73  
GLN N    N  N N 74  
GLN CA   C  N S 75  
GLN C    C  N N 76  
GLN O    O  N N 77  
GLN CB   C  N N 78  
GLN CG   C  N N 79  
GLN CD   C  N N 80  
GLN OE1  O  N N 81  
GLN NE2  N  N N 82  
GLN OXT  O  N N 83  
GLN H    H  N N 84  
GLN H2   H  N N 85  
GLN HA   H  N N 86  
GLN HB2  H  N N 87  
GLN HB3  H  N N 88  
GLN HG2  H  N N 89  
GLN HG3  H  N N 90  
GLN HE21 H  N N 91  
GLN HE22 H  N N 92  
GLN HXT  H  N N 93  
GLU N    N  N N 94  
GLU CA   C  N S 95  
GLU C    C  N N 96  
GLU O    O  N N 97  
GLU CB   C  N N 98  
GLU CG   C  N N 99  
GLU CD   C  N N 100 
GLU OE1  O  N N 101 
GLU OE2  O  N N 102 
GLU OXT  O  N N 103 
GLU H    H  N N 104 
GLU H2   H  N N 105 
GLU HA   H  N N 106 
GLU HB2  H  N N 107 
GLU HB3  H  N N 108 
GLU HG2  H  N N 109 
GLU HG3  H  N N 110 
GLU HE2  H  N N 111 
GLU HXT  H  N N 112 
GLY N    N  N N 113 
GLY CA   C  N N 114 
GLY C    C  N N 115 
GLY O    O  N N 116 
GLY OXT  O  N N 117 
GLY H    H  N N 118 
GLY H2   H  N N 119 
GLY HA2  H  N N 120 
GLY HA3  H  N N 121 
GLY HXT  H  N N 122 
HOH O    O  N N 123 
HOH H1   H  N N 124 
HOH H2   H  N N 125 
ILE N    N  N N 126 
ILE CA   C  N S 127 
ILE C    C  N N 128 
ILE O    O  N N 129 
ILE CB   C  N S 130 
ILE CG1  C  N N 131 
ILE CG2  C  N N 132 
ILE CD1  C  N N 133 
ILE OXT  O  N N 134 
ILE H    H  N N 135 
ILE H2   H  N N 136 
ILE HA   H  N N 137 
ILE HB   H  N N 138 
ILE HG12 H  N N 139 
ILE HG13 H  N N 140 
ILE HG21 H  N N 141 
ILE HG22 H  N N 142 
ILE HG23 H  N N 143 
ILE HD11 H  N N 144 
ILE HD12 H  N N 145 
ILE HD13 H  N N 146 
ILE HXT  H  N N 147 
LEU N    N  N N 148 
LEU CA   C  N S 149 
LEU C    C  N N 150 
LEU O    O  N N 151 
LEU CB   C  N N 152 
LEU CG   C  N N 153 
LEU CD1  C  N N 154 
LEU CD2  C  N N 155 
LEU OXT  O  N N 156 
LEU H    H  N N 157 
LEU H2   H  N N 158 
LEU HA   H  N N 159 
LEU HB2  H  N N 160 
LEU HB3  H  N N 161 
LEU HG   H  N N 162 
LEU HD11 H  N N 163 
LEU HD12 H  N N 164 
LEU HD13 H  N N 165 
LEU HD21 H  N N 166 
LEU HD22 H  N N 167 
LEU HD23 H  N N 168 
LEU HXT  H  N N 169 
LYS N    N  N N 170 
LYS CA   C  N S 171 
LYS C    C  N N 172 
LYS O    O  N N 173 
LYS CB   C  N N 174 
LYS CG   C  N N 175 
LYS CD   C  N N 176 
LYS CE   C  N N 177 
LYS NZ   N  N N 178 
LYS OXT  O  N N 179 
LYS H    H  N N 180 
LYS H2   H  N N 181 
LYS HA   H  N N 182 
LYS HB2  H  N N 183 
LYS HB3  H  N N 184 
LYS HG2  H  N N 185 
LYS HG3  H  N N 186 
LYS HD2  H  N N 187 
LYS HD3  H  N N 188 
LYS HE2  H  N N 189 
LYS HE3  H  N N 190 
LYS HZ1  H  N N 191 
LYS HZ2  H  N N 192 
LYS HZ3  H  N N 193 
LYS HXT  H  N N 194 
MSE N    N  N N 195 
MSE CA   C  N S 196 
MSE C    C  N N 197 
MSE O    O  N N 198 
MSE OXT  O  N N 199 
MSE CB   C  N N 200 
MSE CG   C  N N 201 
MSE SE   SE N N 202 
MSE CE   C  N N 203 
MSE H    H  N N 204 
MSE H2   H  N N 205 
MSE HA   H  N N 206 
MSE HXT  H  N N 207 
MSE HB2  H  N N 208 
MSE HB3  H  N N 209 
MSE HG2  H  N N 210 
MSE HG3  H  N N 211 
MSE HE1  H  N N 212 
MSE HE2  H  N N 213 
MSE HE3  H  N N 214 
PHE N    N  N N 215 
PHE CA   C  N S 216 
PHE C    C  N N 217 
PHE O    O  N N 218 
PHE CB   C  N N 219 
PHE CG   C  Y N 220 
PHE CD1  C  Y N 221 
PHE CD2  C  Y N 222 
PHE CE1  C  Y N 223 
PHE CE2  C  Y N 224 
PHE CZ   C  Y N 225 
PHE OXT  O  N N 226 
PHE H    H  N N 227 
PHE H2   H  N N 228 
PHE HA   H  N N 229 
PHE HB2  H  N N 230 
PHE HB3  H  N N 231 
PHE HD1  H  N N 232 
PHE HD2  H  N N 233 
PHE HE1  H  N N 234 
PHE HE2  H  N N 235 
PHE HZ   H  N N 236 
PHE HXT  H  N N 237 
PRO N    N  N N 238 
PRO CA   C  N S 239 
PRO C    C  N N 240 
PRO O    O  N N 241 
PRO CB   C  N N 242 
PRO CG   C  N N 243 
PRO CD   C  N N 244 
PRO OXT  O  N N 245 
PRO H    H  N N 246 
PRO HA   H  N N 247 
PRO HB2  H  N N 248 
PRO HB3  H  N N 249 
PRO HG2  H  N N 250 
PRO HG3  H  N N 251 
PRO HD2  H  N N 252 
PRO HD3  H  N N 253 
PRO HXT  H  N N 254 
SER N    N  N N 255 
SER CA   C  N S 256 
SER C    C  N N 257 
SER O    O  N N 258 
SER CB   C  N N 259 
SER OG   O  N N 260 
SER OXT  O  N N 261 
SER H    H  N N 262 
SER H2   H  N N 263 
SER HA   H  N N 264 
SER HB2  H  N N 265 
SER HB3  H  N N 266 
SER HG   H  N N 267 
SER HXT  H  N N 268 
THR N    N  N N 269 
THR CA   C  N S 270 
THR C    C  N N 271 
THR O    O  N N 272 
THR CB   C  N R 273 
THR OG1  O  N N 274 
THR CG2  C  N N 275 
THR OXT  O  N N 276 
THR H    H  N N 277 
THR H2   H  N N 278 
THR HA   H  N N 279 
THR HB   H  N N 280 
THR HG1  H  N N 281 
THR HG21 H  N N 282 
THR HG22 H  N N 283 
THR HG23 H  N N 284 
THR HXT  H  N N 285 
TRP N    N  N N 286 
TRP CA   C  N S 287 
TRP C    C  N N 288 
TRP O    O  N N 289 
TRP CB   C  N N 290 
TRP CG   C  Y N 291 
TRP CD1  C  Y N 292 
TRP CD2  C  Y N 293 
TRP NE1  N  Y N 294 
TRP CE2  C  Y N 295 
TRP CE3  C  Y N 296 
TRP CZ2  C  Y N 297 
TRP CZ3  C  Y N 298 
TRP CH2  C  Y N 299 
TRP OXT  O  N N 300 
TRP H    H  N N 301 
TRP H2   H  N N 302 
TRP HA   H  N N 303 
TRP HB2  H  N N 304 
TRP HB3  H  N N 305 
TRP HD1  H  N N 306 
TRP HE1  H  N N 307 
TRP HE3  H  N N 308 
TRP HZ2  H  N N 309 
TRP HZ3  H  N N 310 
TRP HH2  H  N N 311 
TRP HXT  H  N N 312 
TYR N    N  N N 313 
TYR CA   C  N S 314 
TYR C    C  N N 315 
TYR O    O  N N 316 
TYR CB   C  N N 317 
TYR CG   C  Y N 318 
TYR CD1  C  Y N 319 
TYR CD2  C  Y N 320 
TYR CE1  C  Y N 321 
TYR CE2  C  Y N 322 
TYR CZ   C  Y N 323 
TYR OH   O  N N 324 
TYR OXT  O  N N 325 
TYR H    H  N N 326 
TYR H2   H  N N 327 
TYR HA   H  N N 328 
TYR HB2  H  N N 329 
TYR HB3  H  N N 330 
TYR HD1  H  N N 331 
TYR HD2  H  N N 332 
TYR HE1  H  N N 333 
TYR HE2  H  N N 334 
TYR HH   H  N N 335 
TYR HXT  H  N N 336 
VAL N    N  N N 337 
VAL CA   C  N S 338 
VAL C    C  N N 339 
VAL O    O  N N 340 
VAL CB   C  N N 341 
VAL CG1  C  N N 342 
VAL CG2  C  N N 343 
VAL OXT  O  N N 344 
VAL H    H  N N 345 
VAL H2   H  N N 346 
VAL HA   H  N N 347 
VAL HB   H  N N 348 
VAL HG11 H  N N 349 
VAL HG12 H  N N 350 
VAL HG13 H  N N 351 
VAL HG21 H  N N 352 
VAL HG22 H  N N 353 
VAL HG23 H  N N 354 
VAL HXT  H  N N 355 
# 
loop_
_chem_comp_bond.comp_id 
_chem_comp_bond.atom_id_1 
_chem_comp_bond.atom_id_2 
_chem_comp_bond.value_order 
_chem_comp_bond.pdbx_aromatic_flag 
_chem_comp_bond.pdbx_stereo_config 
_chem_comp_bond.pdbx_ordinal 
ALA N   CA   sing N N 1   
ALA N   H    sing N N 2   
ALA N   H2   sing N N 3   
ALA CA  C    sing N N 4   
ALA CA  CB   sing N N 5   
ALA CA  HA   sing N N 6   
ALA C   O    doub N N 7   
ALA C   OXT  sing N N 8   
ALA CB  HB1  sing N N 9   
ALA CB  HB2  sing N N 10  
ALA CB  HB3  sing N N 11  
ALA OXT HXT  sing N N 12  
ARG N   CA   sing N N 13  
ARG N   H    sing N N 14  
ARG N   H2   sing N N 15  
ARG CA  C    sing N N 16  
ARG CA  CB   sing N N 17  
ARG CA  HA   sing N N 18  
ARG C   O    doub N N 19  
ARG C   OXT  sing N N 20  
ARG CB  CG   sing N N 21  
ARG CB  HB2  sing N N 22  
ARG CB  HB3  sing N N 23  
ARG CG  CD   sing N N 24  
ARG CG  HG2  sing N N 25  
ARG CG  HG3  sing N N 26  
ARG CD  NE   sing N N 27  
ARG CD  HD2  sing N N 28  
ARG CD  HD3  sing N N 29  
ARG NE  CZ   sing N N 30  
ARG NE  HE   sing N N 31  
ARG CZ  NH1  sing N N 32  
ARG CZ  NH2  doub N N 33  
ARG NH1 HH11 sing N N 34  
ARG NH1 HH12 sing N N 35  
ARG NH2 HH21 sing N N 36  
ARG NH2 HH22 sing N N 37  
ARG OXT HXT  sing N N 38  
ASN N   CA   sing N N 39  
ASN N   H    sing N N 40  
ASN N   H2   sing N N 41  
ASN CA  C    sing N N 42  
ASN CA  CB   sing N N 43  
ASN CA  HA   sing N N 44  
ASN C   O    doub N N 45  
ASN C   OXT  sing N N 46  
ASN CB  CG   sing N N 47  
ASN CB  HB2  sing N N 48  
ASN CB  HB3  sing N N 49  
ASN CG  OD1  doub N N 50  
ASN CG  ND2  sing N N 51  
ASN ND2 HD21 sing N N 52  
ASN ND2 HD22 sing N N 53  
ASN OXT HXT  sing N N 54  
ASP N   CA   sing N N 55  
ASP N   H    sing N N 56  
ASP N   H2   sing N N 57  
ASP CA  C    sing N N 58  
ASP CA  CB   sing N N 59  
ASP CA  HA   sing N N 60  
ASP C   O    doub N N 61  
ASP C   OXT  sing N N 62  
ASP CB  CG   sing N N 63  
ASP CB  HB2  sing N N 64  
ASP CB  HB3  sing N N 65  
ASP CG  OD1  doub N N 66  
ASP CG  OD2  sing N N 67  
ASP OD2 HD2  sing N N 68  
ASP OXT HXT  sing N N 69  
GLN N   CA   sing N N 70  
GLN N   H    sing N N 71  
GLN N   H2   sing N N 72  
GLN CA  C    sing N N 73  
GLN CA  CB   sing N N 74  
GLN CA  HA   sing N N 75  
GLN C   O    doub N N 76  
GLN C   OXT  sing N N 77  
GLN CB  CG   sing N N 78  
GLN CB  HB2  sing N N 79  
GLN CB  HB3  sing N N 80  
GLN CG  CD   sing N N 81  
GLN CG  HG2  sing N N 82  
GLN CG  HG3  sing N N 83  
GLN CD  OE1  doub N N 84  
GLN CD  NE2  sing N N 85  
GLN NE2 HE21 sing N N 86  
GLN NE2 HE22 sing N N 87  
GLN OXT HXT  sing N N 88  
GLU N   CA   sing N N 89  
GLU N   H    sing N N 90  
GLU N   H2   sing N N 91  
GLU CA  C    sing N N 92  
GLU CA  CB   sing N N 93  
GLU CA  HA   sing N N 94  
GLU C   O    doub N N 95  
GLU C   OXT  sing N N 96  
GLU CB  CG   sing N N 97  
GLU CB  HB2  sing N N 98  
GLU CB  HB3  sing N N 99  
GLU CG  CD   sing N N 100 
GLU CG  HG2  sing N N 101 
GLU CG  HG3  sing N N 102 
GLU CD  OE1  doub N N 103 
GLU CD  OE2  sing N N 104 
GLU OE2 HE2  sing N N 105 
GLU OXT HXT  sing N N 106 
GLY N   CA   sing N N 107 
GLY N   H    sing N N 108 
GLY N   H2   sing N N 109 
GLY CA  C    sing N N 110 
GLY CA  HA2  sing N N 111 
GLY CA  HA3  sing N N 112 
GLY C   O    doub N N 113 
GLY C   OXT  sing N N 114 
GLY OXT HXT  sing N N 115 
HOH O   H1   sing N N 116 
HOH O   H2   sing N N 117 
ILE N   CA   sing N N 118 
ILE N   H    sing N N 119 
ILE N   H2   sing N N 120 
ILE CA  C    sing N N 121 
ILE CA  CB   sing N N 122 
ILE CA  HA   sing N N 123 
ILE C   O    doub N N 124 
ILE C   OXT  sing N N 125 
ILE CB  CG1  sing N N 126 
ILE CB  CG2  sing N N 127 
ILE CB  HB   sing N N 128 
ILE CG1 CD1  sing N N 129 
ILE CG1 HG12 sing N N 130 
ILE CG1 HG13 sing N N 131 
ILE CG2 HG21 sing N N 132 
ILE CG2 HG22 sing N N 133 
ILE CG2 HG23 sing N N 134 
ILE CD1 HD11 sing N N 135 
ILE CD1 HD12 sing N N 136 
ILE CD1 HD13 sing N N 137 
ILE OXT HXT  sing N N 138 
LEU N   CA   sing N N 139 
LEU N   H    sing N N 140 
LEU N   H2   sing N N 141 
LEU CA  C    sing N N 142 
LEU CA  CB   sing N N 143 
LEU CA  HA   sing N N 144 
LEU C   O    doub N N 145 
LEU C   OXT  sing N N 146 
LEU CB  CG   sing N N 147 
LEU CB  HB2  sing N N 148 
LEU CB  HB3  sing N N 149 
LEU CG  CD1  sing N N 150 
LEU CG  CD2  sing N N 151 
LEU CG  HG   sing N N 152 
LEU CD1 HD11 sing N N 153 
LEU CD1 HD12 sing N N 154 
LEU CD1 HD13 sing N N 155 
LEU CD2 HD21 sing N N 156 
LEU CD2 HD22 sing N N 157 
LEU CD2 HD23 sing N N 158 
LEU OXT HXT  sing N N 159 
LYS N   CA   sing N N 160 
LYS N   H    sing N N 161 
LYS N   H2   sing N N 162 
LYS CA  C    sing N N 163 
LYS CA  CB   sing N N 164 
LYS CA  HA   sing N N 165 
LYS C   O    doub N N 166 
LYS C   OXT  sing N N 167 
LYS CB  CG   sing N N 168 
LYS CB  HB2  sing N N 169 
LYS CB  HB3  sing N N 170 
LYS CG  CD   sing N N 171 
LYS CG  HG2  sing N N 172 
LYS CG  HG3  sing N N 173 
LYS CD  CE   sing N N 174 
LYS CD  HD2  sing N N 175 
LYS CD  HD3  sing N N 176 
LYS CE  NZ   sing N N 177 
LYS CE  HE2  sing N N 178 
LYS CE  HE3  sing N N 179 
LYS NZ  HZ1  sing N N 180 
LYS NZ  HZ2  sing N N 181 
LYS NZ  HZ3  sing N N 182 
LYS OXT HXT  sing N N 183 
MSE N   CA   sing N N 184 
MSE N   H    sing N N 185 
MSE N   H2   sing N N 186 
MSE CA  C    sing N N 187 
MSE CA  CB   sing N N 188 
MSE CA  HA   sing N N 189 
MSE C   O    doub N N 190 
MSE C   OXT  sing N N 191 
MSE OXT HXT  sing N N 192 
MSE CB  CG   sing N N 193 
MSE CB  HB2  sing N N 194 
MSE CB  HB3  sing N N 195 
MSE CG  SE   sing N N 196 
MSE CG  HG2  sing N N 197 
MSE CG  HG3  sing N N 198 
MSE SE  CE   sing N N 199 
MSE CE  HE1  sing N N 200 
MSE CE  HE2  sing N N 201 
MSE CE  HE3  sing N N 202 
PHE N   CA   sing N N 203 
PHE N   H    sing N N 204 
PHE N   H2   sing N N 205 
PHE CA  C    sing N N 206 
PHE CA  CB   sing N N 207 
PHE CA  HA   sing N N 208 
PHE C   O    doub N N 209 
PHE C   OXT  sing N N 210 
PHE CB  CG   sing N N 211 
PHE CB  HB2  sing N N 212 
PHE CB  HB3  sing N N 213 
PHE CG  CD1  doub Y N 214 
PHE CG  CD2  sing Y N 215 
PHE CD1 CE1  sing Y N 216 
PHE CD1 HD1  sing N N 217 
PHE CD2 CE2  doub Y N 218 
PHE CD2 HD2  sing N N 219 
PHE CE1 CZ   doub Y N 220 
PHE CE1 HE1  sing N N 221 
PHE CE2 CZ   sing Y N 222 
PHE CE2 HE2  sing N N 223 
PHE CZ  HZ   sing N N 224 
PHE OXT HXT  sing N N 225 
PRO N   CA   sing N N 226 
PRO N   CD   sing N N 227 
PRO N   H    sing N N 228 
PRO CA  C    sing N N 229 
PRO CA  CB   sing N N 230 
PRO CA  HA   sing N N 231 
PRO C   O    doub N N 232 
PRO C   OXT  sing N N 233 
PRO CB  CG   sing N N 234 
PRO CB  HB2  sing N N 235 
PRO CB  HB3  sing N N 236 
PRO CG  CD   sing N N 237 
PRO CG  HG2  sing N N 238 
PRO CG  HG3  sing N N 239 
PRO CD  HD2  sing N N 240 
PRO CD  HD3  sing N N 241 
PRO OXT HXT  sing N N 242 
SER N   CA   sing N N 243 
SER N   H    sing N N 244 
SER N   H2   sing N N 245 
SER CA  C    sing N N 246 
SER CA  CB   sing N N 247 
SER CA  HA   sing N N 248 
SER C   O    doub N N 249 
SER C   OXT  sing N N 250 
SER CB  OG   sing N N 251 
SER CB  HB2  sing N N 252 
SER CB  HB3  sing N N 253 
SER OG  HG   sing N N 254 
SER OXT HXT  sing N N 255 
THR N   CA   sing N N 256 
THR N   H    sing N N 257 
THR N   H2   sing N N 258 
THR CA  C    sing N N 259 
THR CA  CB   sing N N 260 
THR CA  HA   sing N N 261 
THR C   O    doub N N 262 
THR C   OXT  sing N N 263 
THR CB  OG1  sing N N 264 
THR CB  CG2  sing N N 265 
THR CB  HB   sing N N 266 
THR OG1 HG1  sing N N 267 
THR CG2 HG21 sing N N 268 
THR CG2 HG22 sing N N 269 
THR CG2 HG23 sing N N 270 
THR OXT HXT  sing N N 271 
TRP N   CA   sing N N 272 
TRP N   H    sing N N 273 
TRP N   H2   sing N N 274 
TRP CA  C    sing N N 275 
TRP CA  CB   sing N N 276 
TRP CA  HA   sing N N 277 
TRP C   O    doub N N 278 
TRP C   OXT  sing N N 279 
TRP CB  CG   sing N N 280 
TRP CB  HB2  sing N N 281 
TRP CB  HB3  sing N N 282 
TRP CG  CD1  doub Y N 283 
TRP CG  CD2  sing Y N 284 
TRP CD1 NE1  sing Y N 285 
TRP CD1 HD1  sing N N 286 
TRP CD2 CE2  doub Y N 287 
TRP CD2 CE3  sing Y N 288 
TRP NE1 CE2  sing Y N 289 
TRP NE1 HE1  sing N N 290 
TRP CE2 CZ2  sing Y N 291 
TRP CE3 CZ3  doub Y N 292 
TRP CE3 HE3  sing N N 293 
TRP CZ2 CH2  doub Y N 294 
TRP CZ2 HZ2  sing N N 295 
TRP CZ3 CH2  sing Y N 296 
TRP CZ3 HZ3  sing N N 297 
TRP CH2 HH2  sing N N 298 
TRP OXT HXT  sing N N 299 
TYR N   CA   sing N N 300 
TYR N   H    sing N N 301 
TYR N   H2   sing N N 302 
TYR CA  C    sing N N 303 
TYR CA  CB   sing N N 304 
TYR CA  HA   sing N N 305 
TYR C   O    doub N N 306 
TYR C   OXT  sing N N 307 
TYR CB  CG   sing N N 308 
TYR CB  HB2  sing N N 309 
TYR CB  HB3  sing N N 310 
TYR CG  CD1  doub Y N 311 
TYR CG  CD2  sing Y N 312 
TYR CD1 CE1  sing Y N 313 
TYR CD1 HD1  sing N N 314 
TYR CD2 CE2  doub Y N 315 
TYR CD2 HD2  sing N N 316 
TYR CE1 CZ   doub Y N 317 
TYR CE1 HE1  sing N N 318 
TYR CE2 CZ   sing Y N 319 
TYR CE2 HE2  sing N N 320 
TYR CZ  OH   sing N N 321 
TYR OH  HH   sing N N 322 
TYR OXT HXT  sing N N 323 
VAL N   CA   sing N N 324 
VAL N   H    sing N N 325 
VAL N   H2   sing N N 326 
VAL CA  C    sing N N 327 
VAL CA  CB   sing N N 328 
VAL CA  HA   sing N N 329 
VAL C   O    doub N N 330 
VAL C   OXT  sing N N 331 
VAL CB  CG1  sing N N 332 
VAL CB  CG2  sing N N 333 
VAL CB  HB   sing N N 334 
VAL CG1 HG11 sing N N 335 
VAL CG1 HG12 sing N N 336 
VAL CG1 HG13 sing N N 337 
VAL CG2 HG21 sing N N 338 
VAL CG2 HG22 sing N N 339 
VAL CG2 HG23 sing N N 340 
VAL OXT HXT  sing N N 341 
# 
_atom_sites.entry_id                    3E0E 
_atom_sites.fract_transf_matrix[1][1]   -0.01341661 
_atom_sites.fract_transf_matrix[1][2]   -0.01155783 
_atom_sites.fract_transf_matrix[1][3]   0.03540204 
_atom_sites.fract_transf_matrix[2][1]   0.01080988 
_atom_sites.fract_transf_matrix[2][2]   0.01222854 
_atom_sites.fract_transf_matrix[2][3]   0.00808901 
_atom_sites.fract_transf_matrix[3][1]   -0.01298455 
_atom_sites.fract_transf_matrix[3][2]   0.01211659 
_atom_sites.fract_transf_matrix[3][3]   -0.00096512 
_atom_sites.fract_transf_vector[1]      -0.010066 
_atom_sites.fract_transf_vector[2]      -0.028708 
_atom_sites.fract_transf_vector[3]      0.192698 
# 
loop_
_atom_type.symbol 
C  
N  
O  
SE 
# 
loop_
_atom_site.group_PDB 
_atom_site.id 
_atom_site.type_symbol 
_atom_site.label_atom_id 
_atom_site.label_alt_id 
_atom_site.label_comp_id 
_atom_site.label_asym_id 
_atom_site.label_entity_id 
_atom_site.label_seq_id 
_atom_site.pdbx_PDB_ins_code 
_atom_site.Cartn_x 
_atom_site.Cartn_y 
_atom_site.Cartn_z 
_atom_site.occupancy 
_atom_site.B_iso_or_equiv 
_atom_site.pdbx_formal_charge 
_atom_site.auth_seq_id 
_atom_site.auth_comp_id 
_atom_site.auth_asym_id 
_atom_site.auth_atom_id 
_atom_site.pdbx_PDB_model_num 
HETATM 1   N  N   . MSE A 1 1  ? 12.740  -2.586  11.605  1.00 33.15 ? 0   MSE A N   1 
HETATM 2   C  CA  . MSE A 1 1  ? 13.457  -1.773  10.582  1.00 32.76 ? 0   MSE A CA  1 
HETATM 3   C  C   . MSE A 1 1  ? 12.532  -1.502  9.407   1.00 31.28 ? 0   MSE A C   1 
HETATM 4   O  O   . MSE A 1 1  ? 11.551  -2.211  9.202   1.00 31.38 ? 0   MSE A O   1 
HETATM 5   C  CB  . MSE A 1 1  ? 14.694  -2.520  10.071  1.00 33.72 ? 0   MSE A CB  1 
HETATM 6   C  CG  . MSE A 1 1  ? 14.366  -3.797  9.299   1.00 38.07 ? 0   MSE A CG  1 
HETATM 7   SE SE  . MSE A 1 1  ? 15.894  -4.639  8.445   1.00 43.47 ? 0   MSE A SE  1 
HETATM 8   C  CE  . MSE A 1 1  ? 15.762  -3.805  6.705   1.00 41.77 ? 0   MSE A CE  1 
ATOM   9   N  N   . ASN A 1 2  ? 12.840  -0.465  8.640   1.00 29.97 ? 1   ASN A N   1 
ATOM   10  C  CA  . ASN A 1 2  ? 12.037  -0.160  7.471   1.00 27.05 ? 1   ASN A CA  1 
ATOM   11  C  C   . ASN A 1 2  ? 12.534  -1.124  6.406   1.00 24.63 ? 1   ASN A C   1 
ATOM   12  O  O   . ASN A 1 2  ? 13.719  -1.444  6.354   1.00 25.25 ? 1   ASN A O   1 
ATOM   13  C  CB  . ASN A 1 2  ? 12.246  1.292   7.044   1.00 29.42 ? 1   ASN A CB  1 
ATOM   14  C  CG  . ASN A 1 2  ? 11.786  2.271   8.105   1.00 31.28 ? 1   ASN A CG  1 
ATOM   15  O  OD1 . ASN A 1 2  ? 10.650  2.200   8.578   1.00 34.08 ? 1   ASN A OD1 1 
ATOM   16  N  ND2 . ASN A 1 2  ? 12.665  3.191   8.487   1.00 31.04 ? 1   ASN A ND2 1 
ATOM   17  N  N   . TYR A 1 3  ? 11.625  -1.599  5.568   1.00 19.17 ? 2   TYR A N   1 
ATOM   18  C  CA  . TYR A 1 3  ? 11.989  -2.555  4.538   1.00 17.04 ? 2   TYR A CA  1 
ATOM   19  C  C   . TYR A 1 3  ? 11.974  -2.005  3.133   1.00 15.37 ? 2   TYR A C   1 
ATOM   20  O  O   . TYR A 1 3  ? 11.241  -1.067  2.823   1.00 13.90 ? 2   TYR A O   1 
ATOM   21  C  CB  . TYR A 1 3  ? 11.027  -3.738  4.567   1.00 15.61 ? 2   TYR A CB  1 
ATOM   22  C  CG  . TYR A 1 3  ? 11.264  -4.730  5.673   1.00 15.67 ? 2   TYR A CG  1 
ATOM   23  C  CD1 . TYR A 1 3  ? 12.344  -5.607  5.624   1.00 18.04 ? 2   TYR A CD1 1 
ATOM   24  C  CD2 . TYR A 1 3  ? 10.381  -4.833  6.740   1.00 13.15 ? 2   TYR A CD2 1 
ATOM   25  C  CE1 . TYR A 1 3  ? 12.530  -6.569  6.606   1.00 19.24 ? 2   TYR A CE1 1 
ATOM   26  C  CE2 . TYR A 1 3  ? 10.557  -5.795  7.728   1.00 15.96 ? 2   TYR A CE2 1 
ATOM   27  C  CZ  . TYR A 1 3  ? 11.630  -6.662  7.649   1.00 17.42 ? 2   TYR A CZ  1 
ATOM   28  O  OH  . TYR A 1 3  ? 11.779  -7.655  8.584   1.00 19.17 ? 2   TYR A OH  1 
ATOM   29  N  N   . LYS A 1 4  ? 12.807  -2.600  2.291   1.00 14.51 ? 3   LYS A N   1 
ATOM   30  C  CA  . LYS A 1 4  ? 12.826  -2.256  0.883   1.00 13.04 ? 3   LYS A CA  1 
ATOM   31  C  C   . LYS A 1 4  ? 11.875  -3.318  0.350   1.00 12.82 ? 3   LYS A C   1 
ATOM   32  O  O   . LYS A 1 4  ? 11.782  -4.413  0.915   1.00 11.71 ? 3   LYS A O   1 
ATOM   33  C  CB  . LYS A 1 4  ? 14.226  -2.432  0.293   1.00 13.31 ? 3   LYS A CB  1 
ATOM   34  C  CG  . LYS A 1 4  ? 15.221  -1.363  0.729   1.00 18.01 ? 3   LYS A CG  1 
ATOM   35  C  CD  . LYS A 1 4  ? 14.800  0.013   0.217   1.00 19.85 ? 3   LYS A CD  1 
ATOM   36  C  CE  . LYS A 1 4  ? 15.826  1.086   0.547   1.00 23.63 ? 3   LYS A CE  1 
ATOM   37  N  NZ  . LYS A 1 4  ? 15.420  2.412   -0.007  1.00 23.51 ? 3   LYS A NZ  1 
ATOM   38  N  N   . ILE A 1 5  ? 11.153  -3.006  -0.715  1.00 11.52 ? 4   ILE A N   1 
ATOM   39  C  CA  . ILE A 1 5  ? 10.204  -3.954  -1.269  1.00 11.91 ? 4   ILE A CA  1 
ATOM   40  C  C   . ILE A 1 5  ? 10.848  -5.292  -1.625  1.00 13.24 ? 4   ILE A C   1 
ATOM   41  O  O   . ILE A 1 5  ? 10.221  -6.337  -1.483  1.00 12.04 ? 4   ILE A O   1 
ATOM   42  C  CB  . ILE A 1 5  ? 9.496   -3.350  -2.500  1.00 11.42 ? 4   ILE A CB  1 
ATOM   43  C  CG1 . ILE A 1 5  ? 8.605   -2.185  -2.049  1.00 11.76 ? 4   ILE A CG1 1 
ATOM   44  C  CG2 . ILE A 1 5  ? 8.682   -4.415  -3.219  1.00 12.79 ? 4   ILE A CG2 1 
ATOM   45  C  CD1 . ILE A 1 5  ? 7.969   -1.391  -3.189  1.00 12.19 ? 4   ILE A CD1 1 
ATOM   46  N  N   . SER A 1 6  ? 12.105  -5.263  -2.061  1.00 15.74 ? 5   SER A N   1 
ATOM   47  C  CA  . SER A 1 6  ? 12.797  -6.497  -2.427  1.00 13.82 ? 5   SER A CA  1 
ATOM   48  C  C   . SER A 1 6  ? 13.082  -7.390  -1.221  1.00 14.63 ? 5   SER A C   1 
ATOM   49  O  O   . SER A 1 6  ? 13.364  -8.578  -1.376  1.00 16.32 ? 5   SER A O   1 
ATOM   50  C  CB  . SER A 1 6  ? 14.115  -6.176  -3.135  1.00 14.45 ? 5   SER A CB  1 
ATOM   51  O  OG  . SER A 1 6  ? 15.003  -5.477  -2.278  1.00 16.03 ? 5   SER A OG  1 
ATOM   52  N  N   . GLU A 1 7  ? 13.003  -6.823  -0.021  1.00 14.11 ? 6   GLU A N   1 
ATOM   53  C  CA  . GLU A 1 7  ? 13.278  -7.583  1.193   1.00 14.74 ? 6   GLU A CA  1 
ATOM   54  C  C   . GLU A 1 7  ? 12.033  -8.222  1.788   1.00 15.30 ? 6   GLU A C   1 
ATOM   55  O  O   . GLU A 1 7  ? 12.125  -9.054  2.688   1.00 14.18 ? 6   GLU A O   1 
ATOM   56  C  CB  . GLU A 1 7  ? 13.931  -6.674  2.237   1.00 16.79 ? 6   GLU A CB  1 
ATOM   57  C  CG  . GLU A 1 7  ? 15.167  -5.952  1.728   1.00 17.17 ? 6   GLU A CG  1 
ATOM   58  C  CD  . GLU A 1 7  ? 15.774  -5.027  2.767   1.00 21.48 ? 6   GLU A CD  1 
ATOM   59  O  OE1 . GLU A 1 7  ? 15.037  -4.183  3.320   1.00 19.27 ? 6   GLU A OE1 1 
ATOM   60  O  OE2 . GLU A 1 7  ? 16.991  -5.137  3.027   1.00 22.15 ? 6   GLU A OE2 1 
ATOM   61  N  N   . LEU A 1 8  ? 10.866  -7.837  1.286   1.00 14.80 ? 7   LEU A N   1 
ATOM   62  C  CA  . LEU A 1 8  ? 9.616   -8.387  1.800   1.00 15.40 ? 7   LEU A CA  1 
ATOM   63  C  C   . LEU A 1 8  ? 9.482   -9.892  1.580   1.00 16.80 ? 7   LEU A C   1 
ATOM   64  O  O   . LEU A 1 8  ? 9.961   -10.431 0.581   1.00 18.23 ? 7   LEU A O   1 
ATOM   65  C  CB  . LEU A 1 8  ? 8.427   -7.669  1.160   1.00 14.08 ? 7   LEU A CB  1 
ATOM   66  C  CG  . LEU A 1 8  ? 8.351   -6.164  1.431   1.00 13.72 ? 7   LEU A CG  1 
ATOM   67  C  CD1 . LEU A 1 8  ? 7.172   -5.580  0.671   1.00 14.70 ? 7   LEU A CD1 1 
ATOM   68  C  CD2 . LEU A 1 8  ? 8.218   -5.907  2.927   1.00 14.92 ? 7   LEU A CD2 1 
HETATM 69  N  N   . MSE A 1 9  ? 8.835   -10.556 2.532   1.00 16.90 ? 8   MSE A N   1 
HETATM 70  C  CA  . MSE A 1 9  ? 8.595   -11.995 2.481   0.50 17.70 ? 8   MSE A CA  1 
HETATM 71  C  C   . MSE A 1 9  ? 7.150   -12.251 2.897   1.00 17.77 ? 8   MSE A C   1 
HETATM 72  O  O   . MSE A 1 9  ? 6.541   -11.437 3.588   1.00 18.55 ? 8   MSE A O   1 
HETATM 73  C  CB  . MSE A 1 9  ? 9.519   -12.742 3.452   0.50 17.47 ? 8   MSE A CB  1 
HETATM 74  C  CG  . MSE A 1 9  ? 11.002  -12.500 3.261   0.50 19.02 ? 8   MSE A CG  1 
HETATM 75  SE SE  . MSE A 1 9  ? 11.975  -13.499 4.415   0.50 18.97 ? 8   MSE A SE  1 
HETATM 76  C  CE  . MSE A 1 9  ? 12.491  -14.838 3.338   0.50 20.62 ? 8   MSE A CE  1 
ATOM   77  N  N   . PRO A 1 10 ? 6.580   -13.389 2.478   1.00 19.19 ? 9   PRO A N   1 
ATOM   78  C  CA  . PRO A 1 10 ? 5.197   -13.719 2.836   1.00 18.19 ? 9   PRO A CA  1 
ATOM   79  C  C   . PRO A 1 10 ? 5.070   -13.904 4.348   1.00 19.87 ? 9   PRO A C   1 
ATOM   80  O  O   . PRO A 1 10 ? 6.012   -14.351 5.004   1.00 19.62 ? 9   PRO A O   1 
ATOM   81  C  CB  . PRO A 1 10 ? 4.949   -15.023 2.082   1.00 19.40 ? 9   PRO A CB  1 
ATOM   82  C  CG  . PRO A 1 10 ? 5.861   -14.908 0.892   1.00 18.72 ? 9   PRO A CG  1 
ATOM   83  C  CD  . PRO A 1 10 ? 7.118   -14.363 1.514   1.00 18.73 ? 9   PRO A CD  1 
ATOM   84  N  N   . ASN A 1 11 ? 3.908   -13.557 4.892   1.00 19.44 ? 10  ASN A N   1 
ATOM   85  C  CA  . ASN A 1 11 ? 3.642   -13.686 6.323   1.00 21.07 ? 10  ASN A CA  1 
ATOM   86  C  C   . ASN A 1 11 ? 4.527   -12.765 7.156   1.00 20.80 ? 10  ASN A C   1 
ATOM   87  O  O   . ASN A 1 11 ? 4.747   -12.994 8.345   1.00 22.46 ? 10  ASN A O   1 
ATOM   88  C  CB  . ASN A 1 11 ? 3.829   -15.140 6.764   1.00 22.18 ? 10  ASN A CB  1 
ATOM   89  C  CG  . ASN A 1 11 ? 2.924   -16.098 6.004   1.00 24.49 ? 10  ASN A CG  1 
ATOM   90  O  OD1 . ASN A 1 11 ? 1.699   -15.973 6.036   1.00 25.55 ? 10  ASN A OD1 1 
ATOM   91  N  ND2 . ASN A 1 11 ? 3.527   -17.063 5.320   1.00 24.06 ? 10  ASN A ND2 1 
ATOM   92  N  N   . LEU A 1 12 ? 5.029   -11.718 6.515   1.00 20.53 ? 11  LEU A N   1 
ATOM   93  C  CA  . LEU A 1 12 ? 5.876   -10.741 7.176   1.00 18.63 ? 11  LEU A CA  1 
ATOM   94  C  C   . LEU A 1 12 ? 5.086   -9.462  7.382   1.00 17.63 ? 11  LEU A C   1 
ATOM   95  O  O   . LEU A 1 12 ? 4.304   -9.063  6.521   1.00 16.84 ? 11  LEU A O   1 
ATOM   96  C  CB  . LEU A 1 12 ? 7.099   -10.425 6.314   1.00 21.76 ? 11  LEU A CB  1 
ATOM   97  C  CG  . LEU A 1 12 ? 7.884   -9.172  6.705   1.00 22.42 ? 11  LEU A CG  1 
ATOM   98  C  CD1 . LEU A 1 12 ? 8.755   -9.466  7.916   1.00 23.17 ? 11  LEU A CD1 1 
ATOM   99  C  CD2 . LEU A 1 12 ? 8.740   -8.724  5.532   1.00 22.87 ? 11  LEU A CD2 1 
ATOM   100 N  N   . SER A 1 13 ? 5.284   -8.825  8.527   1.00 15.42 ? 12  SER A N   1 
ATOM   101 C  CA  . SER A 1 13 ? 4.616   -7.566  8.809   1.00 14.24 ? 12  SER A CA  1 
ATOM   102 C  C   . SER A 1 13 ? 5.699   -6.512  8.951   1.00 14.22 ? 12  SER A C   1 
ATOM   103 O  O   . SER A 1 13 ? 6.621   -6.662  9.746   1.00 13.95 ? 12  SER A O   1 
ATOM   104 C  CB  . SER A 1 13 ? 3.792   -7.665  10.092  1.00 17.63 ? 12  SER A CB  1 
ATOM   105 O  OG  . SER A 1 13 ? 2.633   -8.450  9.869   1.00 19.02 ? 12  SER A OG  1 
ATOM   106 N  N   . GLY A 1 14 ? 5.590   -5.448  8.168   1.00 12.44 ? 13  GLY A N   1 
ATOM   107 C  CA  . GLY A 1 14 ? 6.591   -4.408  8.233   1.00 12.56 ? 13  GLY A CA  1 
ATOM   108 C  C   . GLY A 1 14 ? 6.133   -3.118  7.599   1.00 13.04 ? 13  GLY A C   1 
ATOM   109 O  O   . GLY A 1 14 ? 4.959   -2.954  7.257   1.00 13.36 ? 13  GLY A O   1 
ATOM   110 N  N   . THR A 1 15 ? 7.077   -2.203  7.425   1.00 10.95 ? 14  THR A N   1 
ATOM   111 C  CA  . THR A 1 15 ? 6.784   -0.904  6.854   1.00 11.54 ? 14  THR A CA  1 
ATOM   112 C  C   . THR A 1 15 ? 7.724   -0.637  5.690   1.00 11.54 ? 14  THR A C   1 
ATOM   113 O  O   . THR A 1 15 ? 8.895   -1.001  5.738   1.00 11.07 ? 14  THR A O   1 
ATOM   114 C  CB  . THR A 1 15 ? 6.986   0.208   7.908   1.00 13.55 ? 14  THR A CB  1 
ATOM   115 O  OG1 . THR A 1 15 ? 6.177   -0.067  9.057   1.00 14.05 ? 14  THR A OG1 1 
ATOM   116 C  CG2 . THR A 1 15 ? 6.603   1.562   7.341   1.00 14.92 ? 14  THR A CG2 1 
ATOM   117 N  N   . ILE A 1 16 ? 7.198   -0.016  4.642   1.00 10.82 ? 15  ILE A N   1 
ATOM   118 C  CA  . ILE A 1 16 ? 8.006   0.349   3.485   1.00 9.52  ? 15  ILE A CA  1 
ATOM   119 C  C   . ILE A 1 16 ? 7.688   1.801   3.168   1.00 10.71 ? 15  ILE A C   1 
ATOM   120 O  O   . ILE A 1 16 ? 6.577   2.266   3.429   1.00 10.07 ? 15  ILE A O   1 
ATOM   121 C  CB  . ILE A 1 16 ? 7.683   -0.497  2.221   1.00 10.04 ? 15  ILE A CB  1 
ATOM   122 C  CG1 . ILE A 1 16 ? 6.201   -0.360  1.848   1.00 9.68  ? 15  ILE A CG1 1 
ATOM   123 C  CG2 . ILE A 1 16 ? 8.082   -1.948  2.447   1.00 8.95  ? 15  ILE A CG2 1 
ATOM   124 C  CD1 . ILE A 1 16 ? 5.855   -0.987  0.508   1.00 10.60 ? 15  ILE A CD1 1 
ATOM   125 N  N   . ASN A 1 17 ? 8.669   2.521   2.633   1.00 8.79  ? 16  ASN A N   1 
ATOM   126 C  CA  . ASN A 1 17 ? 8.477   3.913   2.243   1.00 10.11 ? 16  ASN A CA  1 
ATOM   127 C  C   . ASN A 1 17 ? 8.532   3.824   0.733   1.00 9.95  ? 16  ASN A C   1 
ATOM   128 O  O   . ASN A 1 17 ? 9.594   3.581   0.159   1.00 10.85 ? 16  ASN A O   1 
ATOM   129 C  CB  . ASN A 1 17 ? 9.610   4.796   2.773   1.00 7.95  ? 16  ASN A CB  1 
ATOM   130 C  CG  . ASN A 1 17 ? 9.683   4.790   4.280   1.00 11.89 ? 16  ASN A CG  1 
ATOM   131 O  OD1 . ASN A 1 17 ? 8.689   4.526   4.958   1.00 12.56 ? 16  ASN A OD1 1 
ATOM   132 N  ND2 . ASN A 1 17 ? 10.858  5.095   4.820   1.00 13.98 ? 16  ASN A ND2 1 
ATOM   133 N  N   . ALA A 1 18 ? 7.388   4.013   0.090   1.00 10.23 ? 17  ALA A N   1 
ATOM   134 C  CA  . ALA A 1 18 ? 7.328   3.863   -1.351  1.00 10.90 ? 17  ALA A CA  1 
ATOM   135 C  C   . ALA A 1 18 ? 6.474   4.870   -2.093  1.00 10.84 ? 17  ALA A C   1 
ATOM   136 O  O   . ALA A 1 18 ? 5.556   5.465   -1.542  1.00 10.16 ? 17  ALA A O   1 
ATOM   137 C  CB  . ALA A 1 18 ? 6.847   2.455   -1.680  1.00 13.49 ? 17  ALA A CB  1 
ATOM   138 N  N   . GLU A 1 19 ? 6.793   5.026   -3.372  1.00 11.79 ? 18  GLU A N   1 
ATOM   139 C  CA  . GLU A 1 19 ? 6.083   5.922   -4.266  1.00 10.47 ? 18  GLU A CA  1 
ATOM   140 C  C   . GLU A 1 19 ? 4.798   5.265   -4.760  1.00 9.60  ? 18  GLU A C   1 
ATOM   141 O  O   . GLU A 1 19 ? 4.788   4.087   -5.116  1.00 10.20 ? 18  GLU A O   1 
ATOM   142 C  CB  . GLU A 1 19 ? 6.977   6.247   -5.470  1.00 13.16 ? 18  GLU A CB  1 
ATOM   143 C  CG  . GLU A 1 19 ? 6.243   6.863   -6.648  1.00 16.80 ? 18  GLU A CG  1 
ATOM   144 C  CD  . GLU A 1 19 ? 7.100   6.937   -7.898  1.00 18.73 ? 18  GLU A CD  1 
ATOM   145 O  OE1 . GLU A 1 19 ? 6.571   7.353   -8.949  1.00 20.64 ? 18  GLU A OE1 1 
ATOM   146 O  OE2 . GLU A 1 19 ? 8.295   6.580   -7.837  1.00 18.80 ? 18  GLU A OE2 1 
ATOM   147 N  N   . VAL A 1 20 ? 3.715   6.031   -4.774  1.00 9.88  ? 19  VAL A N   1 
ATOM   148 C  CA  . VAL A 1 20 ? 2.445   5.526   -5.274  1.00 10.56 ? 19  VAL A CA  1 
ATOM   149 C  C   . VAL A 1 20 ? 2.517   5.727   -6.790  1.00 10.73 ? 19  VAL A C   1 
ATOM   150 O  O   . VAL A 1 20 ? 2.459   6.850   -7.282  1.00 12.17 ? 19  VAL A O   1 
ATOM   151 C  CB  . VAL A 1 20 ? 1.256   6.319   -4.683  1.00 10.15 ? 19  VAL A CB  1 
ATOM   152 C  CG1 . VAL A 1 20 ? -0.053  5.815   -5.284  1.00 11.88 ? 19  VAL A CG1 1 
ATOM   153 C  CG2 . VAL A 1 20 ? 1.239   6.166   -3.159  1.00 10.45 ? 19  VAL A CG2 1 
ATOM   154 N  N   . VAL A 1 21 ? 2.684   4.628   -7.519  1.00 12.64 ? 20  VAL A N   1 
ATOM   155 C  CA  . VAL A 1 21 ? 2.783   4.670   -8.976  1.00 15.45 ? 20  VAL A CA  1 
ATOM   156 C  C   . VAL A 1 21 ? 1.395   4.703   -9.592  1.00 16.70 ? 20  VAL A C   1 
ATOM   157 O  O   . VAL A 1 21 ? 1.183   5.263   -10.672 1.00 17.73 ? 20  VAL A O   1 
ATOM   158 C  CB  . VAL A 1 21 ? 3.528   3.437   -9.507  1.00 17.36 ? 20  VAL A CB  1 
ATOM   159 C  CG1 . VAL A 1 21 ? 3.596   3.482   -11.032 1.00 19.18 ? 20  VAL A CG1 1 
ATOM   160 C  CG2 . VAL A 1 21 ? 4.921   3.378   -8.903  1.00 18.85 ? 20  VAL A CG2 1 
ATOM   161 N  N   . THR A 1 22 ? 0.447   4.089   -8.903  1.00 16.83 ? 21  THR A N   1 
ATOM   162 C  CA  . THR A 1 22 ? -0.919  4.064   -9.388  1.00 18.99 ? 21  THR A CA  1 
ATOM   163 C  C   . THR A 1 22 ? -1.873  3.890   -8.226  1.00 17.94 ? 21  THR A C   1 
ATOM   164 O  O   . THR A 1 22 ? -1.540  3.268   -7.220  1.00 13.11 ? 21  THR A O   1 
ATOM   165 C  CB  . THR A 1 22 ? -1.151  2.909   -10.381 1.00 21.94 ? 21  THR A CB  1 
ATOM   166 O  OG1 . THR A 1 22 ? -0.167  2.960   -11.422 1.00 27.91 ? 21  THR A OG1 1 
ATOM   167 C  CG2 . THR A 1 22 ? -2.533  3.023   -11.006 1.00 25.79 ? 21  THR A CG2 1 
ATOM   168 N  N   . ALA A 1 23 ? -3.056  4.470   -8.371  1.00 18.05 ? 22  ALA A N   1 
ATOM   169 C  CA  . ALA A 1 23 ? -4.102  4.372   -7.367  1.00 17.94 ? 22  ALA A CA  1 
ATOM   170 C  C   . ALA A 1 23 ? -5.339  4.004   -8.175  1.00 17.89 ? 22  ALA A C   1 
ATOM   171 O  O   . ALA A 1 23 ? -5.746  4.749   -9.062  1.00 20.21 ? 22  ALA A O   1 
ATOM   172 C  CB  . ALA A 1 23 ? -4.289  5.708   -6.667  1.00 18.39 ? 22  ALA A CB  1 
ATOM   173 N  N   . TYR A 1 24 ? -5.922  2.845   -7.891  1.00 17.84 ? 23  TYR A N   1 
ATOM   174 C  CA  . TYR A 1 24 ? -7.089  2.403   -8.642  1.00 16.88 ? 23  TYR A CA  1 
ATOM   175 C  C   . TYR A 1 24 ? -8.403  2.819   -8.001  1.00 16.45 ? 23  TYR A C   1 
ATOM   176 O  O   . TYR A 1 24 ? -8.442  3.213   -6.838  1.00 15.27 ? 23  TYR A O   1 
ATOM   177 C  CB  . TYR A 1 24 ? -7.033  0.886   -8.828  1.00 19.12 ? 23  TYR A CB  1 
ATOM   178 C  CG  . TYR A 1 24 ? -5.763  0.446   -9.520  1.00 22.30 ? 23  TYR A CG  1 
ATOM   179 C  CD1 . TYR A 1 24 ? -4.637  0.085   -8.786  1.00 23.11 ? 23  TYR A CD1 1 
ATOM   180 C  CD2 . TYR A 1 24 ? -5.668  0.459   -10.912 1.00 24.50 ? 23  TYR A CD2 1 
ATOM   181 C  CE1 . TYR A 1 24 ? -3.444  -0.249  -9.416  1.00 23.83 ? 23  TYR A CE1 1 
ATOM   182 C  CE2 . TYR A 1 24 ? -4.479  0.128   -11.554 1.00 24.84 ? 23  TYR A CE2 1 
ATOM   183 C  CZ  . TYR A 1 24 ? -3.370  -0.224  -10.800 1.00 24.61 ? 23  TYR A CZ  1 
ATOM   184 O  OH  . TYR A 1 24 ? -2.185  -0.534  -11.426 1.00 26.38 ? 23  TYR A OH  1 
ATOM   185 N  N   . PRO A 1 25 ? -9.500  2.762   -8.770  1.00 14.74 ? 24  PRO A N   1 
ATOM   186 C  CA  . PRO A 1 25 ? -10.818 3.141   -8.260  1.00 14.76 ? 24  PRO A CA  1 
ATOM   187 C  C   . PRO A 1 25 ? -11.251 2.283   -7.084  1.00 12.60 ? 24  PRO A C   1 
ATOM   188 O  O   . PRO A 1 25 ? -11.066 1.065   -7.092  1.00 12.72 ? 24  PRO A O   1 
ATOM   189 C  CB  . PRO A 1 25 ? -11.723 2.944   -9.468  1.00 15.09 ? 24  PRO A CB  1 
ATOM   190 C  CG  . PRO A 1 25 ? -10.816 3.222   -10.619 1.00 15.02 ? 24  PRO A CG  1 
ATOM   191 C  CD  . PRO A 1 25 ? -9.557  2.501   -10.218 1.00 14.83 ? 24  PRO A CD  1 
ATOM   192 N  N   . LYS A 1 26 ? -11.832 2.930   -6.079  1.00 13.87 ? 25  LYS A N   1 
ATOM   193 C  CA  . LYS A 1 26 ? -12.312 2.242   -4.891  1.00 12.50 ? 25  LYS A CA  1 
ATOM   194 C  C   . LYS A 1 26 ? -13.486 1.338   -5.257  1.00 12.96 ? 25  LYS A C   1 
ATOM   195 O  O   . LYS A 1 26 ? -14.323 1.695   -6.089  1.00 13.28 ? 25  LYS A O   1 
ATOM   196 C  CB  . LYS A 1 26 ? -12.757 3.266   -3.841  1.00 13.12 ? 25  LYS A CB  1 
ATOM   197 C  CG  . LYS A 1 26 ? -13.224 2.668   -2.535  1.00 15.42 ? 25  LYS A CG  1 
ATOM   198 C  CD  . LYS A 1 26 ? -13.704 3.739   -1.561  1.00 15.68 ? 25  LYS A CD  1 
ATOM   199 C  CE  . LYS A 1 26 ? -14.890 4.529   -2.102  1.00 16.65 ? 25  LYS A CE  1 
ATOM   200 N  NZ  . LYS A 1 26 ? -15.571 5.317   -1.023  1.00 16.20 ? 25  LYS A NZ  1 
ATOM   201 N  N   . LYS A 1 27 ? -13.537 0.167   -4.636  1.00 10.56 ? 26  LYS A N   1 
ATOM   202 C  CA  . LYS A 1 27 ? -14.610 -0.790  -4.881  1.00 12.42 ? 26  LYS A CA  1 
ATOM   203 C  C   . LYS A 1 27 ? -15.364 -1.008  -3.577  1.00 12.59 ? 26  LYS A C   1 
ATOM   204 O  O   . LYS A 1 27 ? -14.758 -1.327  -2.558  1.00 12.81 ? 26  LYS A O   1 
ATOM   205 C  CB  . LYS A 1 27 ? -14.020 -2.108  -5.380  1.00 14.36 ? 26  LYS A CB  1 
ATOM   206 C  CG  . LYS A 1 27 ? -13.240 -1.965  -6.681  1.00 18.62 ? 26  LYS A CG  1 
ATOM   207 C  CD  . LYS A 1 27 ? -12.437 -3.211  -6.995  1.00 22.65 ? 26  LYS A CD  1 
ATOM   208 C  CE  . LYS A 1 27 ? -11.690 -3.071  -8.313  1.00 24.41 ? 26  LYS A CE  1 
ATOM   209 N  NZ  . LYS A 1 27 ? -10.778 -1.893  -8.302  1.00 26.97 ? 26  LYS A NZ  1 
ATOM   210 N  N   . GLU A 1 28 ? -16.681 -0.828  -3.605  1.00 12.63 ? 27  GLU A N   1 
ATOM   211 C  CA  . GLU A 1 28 ? -17.494 -1.006  -2.413  1.00 14.44 ? 27  GLU A CA  1 
ATOM   212 C  C   . GLU A 1 28 ? -18.316 -2.268  -2.528  1.00 13.91 ? 27  GLU A C   1 
ATOM   213 O  O   . GLU A 1 28 ? -18.748 -2.640  -3.618  1.00 16.77 ? 27  GLU A O   1 
ATOM   214 C  CB  . GLU A 1 28 ? -18.409 0.194   -2.207  1.00 16.70 ? 27  GLU A CB  1 
ATOM   215 C  CG  . GLU A 1 28 ? -17.651 1.467   -1.933  1.00 20.67 ? 27  GLU A CG  1 
ATOM   216 C  CD  . GLU A 1 28 ? -18.542 2.553   -1.398  1.00 22.19 ? 27  GLU A CD  1 
ATOM   217 O  OE1 . GLU A 1 28 ? -19.306 2.271   -0.451  1.00 24.65 ? 27  GLU A OE1 1 
ATOM   218 O  OE2 . GLU A 1 28 ? -18.473 3.684   -1.917  1.00 22.18 ? 27  GLU A OE2 1 
ATOM   219 N  N   . PHE A 1 29 ? -18.550 -2.915  -1.394  1.00 12.70 ? 28  PHE A N   1 
ATOM   220 C  CA  . PHE A 1 29 ? -19.290 -4.165  -1.394  1.00 12.36 ? 28  PHE A CA  1 
ATOM   221 C  C   . PHE A 1 29 ? -19.845 -4.496  -0.016  1.00 14.75 ? 28  PHE A C   1 
ATOM   222 O  O   . PHE A 1 29 ? -19.663 -3.743  0.935   1.00 14.15 ? 28  PHE A O   1 
ATOM   223 C  CB  . PHE A 1 29 ? -18.348 -5.275  -1.859  1.00 10.88 ? 28  PHE A CB  1 
ATOM   224 C  CG  . PHE A 1 29 ? -17.069 -5.340  -1.076  1.00 11.32 ? 28  PHE A CG  1 
ATOM   225 C  CD1 . PHE A 1 29 ? -16.965 -6.152  0.044   1.00 11.34 ? 28  PHE A CD1 1 
ATOM   226 C  CD2 . PHE A 1 29 ? -15.974 -4.563  -1.438  1.00 11.54 ? 28  PHE A CD2 1 
ATOM   227 C  CE1 . PHE A 1 29 ? -15.791 -6.193  0.794   1.00 13.89 ? 28  PHE A CE1 1 
ATOM   228 C  CE2 . PHE A 1 29 ? -14.795 -4.596  -0.692  1.00 12.82 ? 28  PHE A CE2 1 
ATOM   229 C  CZ  . PHE A 1 29 ? -14.704 -5.412  0.424   1.00 13.34 ? 28  PHE A CZ  1 
ATOM   230 N  N   . SER A 1 30 ? -20.529 -5.632  0.075   1.00 18.81 ? 29  SER A N   1 
ATOM   231 C  CA  . SER A 1 30 ? -21.100 -6.094  1.336   1.00 23.49 ? 29  SER A CA  1 
ATOM   232 C  C   . SER A 1 30 ? -20.478 -7.431  1.707   1.00 26.31 ? 29  SER A C   1 
ATOM   233 O  O   . SER A 1 30 ? -20.114 -8.215  0.830   1.00 26.79 ? 29  SER A O   1 
ATOM   234 C  CB  . SER A 1 30 ? -22.617 -6.254  1.216   1.00 25.26 ? 29  SER A CB  1 
ATOM   235 O  OG  . SER A 1 30 ? -23.256 -4.996  1.116   1.00 26.99 ? 29  SER A OG  1 
ATOM   236 N  N   . THR A 1 35 ? -20.950 -5.854  7.337   1.00 33.90 ? 34  THR A N   1 
ATOM   237 C  CA  . THR A 1 35 ? -22.091 -5.567  6.478   1.00 32.87 ? 34  THR A CA  1 
ATOM   238 C  C   . THR A 1 35 ? -21.713 -4.543  5.412   1.00 31.63 ? 34  THR A C   1 
ATOM   239 O  O   . THR A 1 35 ? -22.473 -4.301  4.472   1.00 33.07 ? 34  THR A O   1 
ATOM   240 C  CB  . THR A 1 35 ? -23.252 -5.049  7.311   1.00 34.75 ? 34  THR A CB  1 
ATOM   241 N  N   . LYS A 1 36 ? -20.533 -3.947  5.566   1.00 28.73 ? 35  LYS A N   1 
ATOM   242 C  CA  . LYS A 1 36 ? -20.068 -2.959  4.610   1.00 25.43 ? 35  LYS A CA  1 
ATOM   243 C  C   . LYS A 1 36 ? -18.555 -2.942  4.499   1.00 22.48 ? 35  LYS A C   1 
ATOM   244 O  O   . LYS A 1 36 ? -17.854 -2.831  5.504   1.00 24.00 ? 35  LYS A O   1 
ATOM   245 N  N   . GLY A 1 37 ? -18.046 -3.055  3.275   1.00 18.13 ? 36  GLY A N   1 
ATOM   246 C  CA  . GLY A 1 37 ? -16.608 -3.047  3.073   1.00 15.77 ? 36  GLY A CA  1 
ATOM   247 C  C   . GLY A 1 37 ? -16.183 -2.252  1.852   1.00 14.20 ? 36  GLY A C   1 
ATOM   248 O  O   . GLY A 1 37 ? -16.999 -1.948  0.984   1.00 12.79 ? 36  GLY A O   1 
ATOM   249 N  N   . GLN A 1 38 ? -14.899 -1.908  1.796   1.00 13.85 ? 37  GLN A N   1 
ATOM   250 C  CA  . GLN A 1 38 ? -14.341 -1.153  0.676   1.00 13.60 ? 37  GLN A CA  1 
ATOM   251 C  C   . GLN A 1 38 ? -12.929 -1.625  0.394   1.00 11.06 ? 37  GLN A C   1 
ATOM   252 O  O   . GLN A 1 38 ? -12.267 -2.181  1.264   1.00 10.89 ? 37  GLN A O   1 
ATOM   253 C  CB  . GLN A 1 38 ? -14.241 0.338   0.994   1.00 16.17 ? 37  GLN A CB  1 
ATOM   254 C  CG  . GLN A 1 38 ? -15.508 1.024   1.399   1.00 18.58 ? 37  GLN A CG  1 
ATOM   255 C  CD  . GLN A 1 38 ? -15.335 2.525   1.406   1.00 17.27 ? 37  GLN A CD  1 
ATOM   256 O  OE1 . GLN A 1 38 ? -14.463 3.068   2.100   1.00 19.14 ? 37  GLN A OE1 1 
ATOM   257 N  NE2 . GLN A 1 38 ? -16.155 3.208   0.629   1.00 17.09 ? 37  GLN A NE2 1 
ATOM   258 N  N   . LEU A 1 39 ? -12.473 -1.380  -0.829  1.00 9.84  ? 38  LEU A N   1 
ATOM   259 C  CA  . LEU A 1 39 ? -11.118 -1.733  -1.241  1.00 11.05 ? 38  LEU A CA  1 
ATOM   260 C  C   . LEU A 1 39 ? -10.587 -0.691  -2.207  1.00 11.03 ? 38  LEU A C   1 
ATOM   261 O  O   . LEU A 1 39 ? -11.276 -0.290  -3.140  1.00 10.38 ? 38  LEU A O   1 
ATOM   262 C  CB  . LEU A 1 39 ? -11.080 -3.107  -1.935  1.00 10.55 ? 38  LEU A CB  1 
ATOM   263 C  CG  . LEU A 1 39 ? -9.782  -3.549  -2.643  1.00 14.23 ? 38  LEU A CG  1 
ATOM   264 C  CD1 . LEU A 1 39 ? -9.607  -2.786  -3.946  1.00 15.42 ? 38  LEU A CD1 1 
ATOM   265 C  CD2 . LEU A 1 39 ? -8.581  -3.366  -1.730  1.00 10.95 ? 38  LEU A CD2 1 
ATOM   266 N  N   . LYS A 1 40 ? -9.352  -0.260  -1.981  1.00 11.23 ? 39  LYS A N   1 
ATOM   267 C  CA  . LYS A 1 40 ? -8.698  0.687   -2.869  1.00 10.47 ? 39  LYS A CA  1 
ATOM   268 C  C   . LYS A 1 40 ? -7.305  0.100   -3.061  1.00 9.97  ? 39  LYS A C   1 
ATOM   269 O  O   . LYS A 1 40 ? -6.556  -0.050  -2.096  1.00 10.73 ? 39  LYS A O   1 
ATOM   270 C  CB  . LYS A 1 40 ? -8.600  2.074   -2.222  1.00 12.88 ? 39  LYS A CB  1 
ATOM   271 C  CG  . LYS A 1 40 ? -8.955  3.236   -3.151  1.00 19.68 ? 39  LYS A CG  1 
ATOM   272 C  CD  . LYS A 1 40 ? -7.779  4.172   -3.402  1.00 15.97 ? 39  LYS A CD  1 
ATOM   273 C  CE  . LYS A 1 40 ? -7.368  4.961   -2.162  1.00 16.90 ? 39  LYS A CE  1 
ATOM   274 N  NZ  . LYS A 1 40 ? -8.020  6.308   -2.077  1.00 15.97 ? 39  LYS A NZ  1 
ATOM   275 N  N   . SER A 1 41 ? -6.972  -0.275  -4.292  1.00 9.65  ? 40  SER A N   1 
ATOM   276 C  CA  . SER A 1 41 ? -5.660  -0.836  -4.571  1.00 11.28 ? 40  SER A CA  1 
ATOM   277 C  C   . SER A 1 41 ? -4.664  0.237   -4.992  1.00 9.76  ? 40  SER A C   1 
ATOM   278 O  O   . SER A 1 41 ? -5.017  1.208   -5.662  1.00 11.27 ? 40  SER A O   1 
ATOM   279 C  CB  . SER A 1 41 ? -5.751  -1.896  -5.675  1.00 11.78 ? 40  SER A CB  1 
ATOM   280 O  OG  . SER A 1 41 ? -6.591  -2.967  -5.285  1.00 17.58 ? 40  SER A OG  1 
ATOM   281 N  N   . LEU A 1 42 ? -3.413  0.044   -4.592  1.00 8.82  ? 41  LEU A N   1 
ATOM   282 C  CA  . LEU A 1 42 ? -2.336  0.961   -4.933  1.00 11.34 ? 41  LEU A CA  1 
ATOM   283 C  C   . LEU A 1 42 ? -1.195  0.147   -5.509  1.00 10.58 ? 41  LEU A C   1 
ATOM   284 O  O   . LEU A 1 42 ? -1.024  -1.018  -5.160  1.00 11.47 ? 41  LEU A O   1 
ATOM   285 C  CB  . LEU A 1 42 ? -1.796  1.674   -3.689  1.00 11.28 ? 41  LEU A CB  1 
ATOM   286 C  CG  . LEU A 1 42 ? -2.744  2.493   -2.818  1.00 11.42 ? 41  LEU A CG  1 
ATOM   287 C  CD1 . LEU A 1 42 ? -1.958  3.150   -1.679  1.00 11.74 ? 41  LEU A CD1 1 
ATOM   288 C  CD2 . LEU A 1 42 ? -3.429  3.539   -3.673  1.00 12.58 ? 41  LEU A CD2 1 
ATOM   289 N  N   . PHE A 1 43 ? -0.433  0.741   -6.417  1.00 9.27  ? 42  PHE A N   1 
ATOM   290 C  CA  . PHE A 1 43 ? 0.736   0.052   -6.923  1.00 10.60 ? 42  PHE A CA  1 
ATOM   291 C  C   . PHE A 1 43 ? 1.868   0.893   -6.361  1.00 10.04 ? 42  PHE A C   1 
ATOM   292 O  O   . PHE A 1 43 ? 1.975   2.084   -6.644  1.00 10.69 ? 42  PHE A O   1 
ATOM   293 C  CB  . PHE A 1 43 ? 0.788   0.015   -8.449  1.00 14.87 ? 42  PHE A CB  1 
ATOM   294 C  CG  . PHE A 1 43 ? 1.754   -1.003  -8.975  1.00 19.00 ? 42  PHE A CG  1 
ATOM   295 C  CD1 . PHE A 1 43 ? 2.913   -0.615  -9.634  1.00 20.88 ? 42  PHE A CD1 1 
ATOM   296 C  CD2 . PHE A 1 43 ? 1.528   -2.360  -8.759  1.00 20.68 ? 42  PHE A CD2 1 
ATOM   297 C  CE1 . PHE A 1 43 ? 3.838   -1.560  -10.071 1.00 23.04 ? 42  PHE A CE1 1 
ATOM   298 C  CE2 . PHE A 1 43 ? 2.446   -3.315  -9.191  1.00 24.76 ? 42  PHE A CE2 1 
ATOM   299 C  CZ  . PHE A 1 43 ? 3.604   -2.913  -9.847  1.00 24.01 ? 42  PHE A CZ  1 
ATOM   300 N  N   . LEU A 1 44 ? 2.695   0.262   -5.538  1.00 11.30 ? 43  LEU A N   1 
ATOM   301 C  CA  . LEU A 1 44 ? 3.793   0.940   -4.861  1.00 9.54  ? 43  LEU A CA  1 
ATOM   302 C  C   . LEU A 1 44 ? 5.146   0.542   -5.413  1.00 10.71 ? 43  LEU A C   1 
ATOM   303 O  O   . LEU A 1 44 ? 5.342   -0.596  -5.828  1.00 10.64 ? 43  LEU A O   1 
ATOM   304 C  CB  . LEU A 1 44 ? 3.724   0.603   -3.377  1.00 9.11  ? 43  LEU A CB  1 
ATOM   305 C  CG  . LEU A 1 44 ? 2.384   0.946   -2.721  1.00 9.08  ? 43  LEU A CG  1 
ATOM   306 C  CD1 . LEU A 1 44 ? 2.277   0.239   -1.388  1.00 11.29 ? 43  LEU A CD1 1 
ATOM   307 C  CD2 . LEU A 1 44 ? 2.261   2.453   -2.555  1.00 12.86 ? 43  LEU A CD2 1 
ATOM   308 N  N   . LYS A 1 45 ? 6.090   1.476   -5.393  1.00 10.61 ? 44  LYS A N   1 
ATOM   309 C  CA  . LYS A 1 45 ? 7.421   1.198   -5.908  1.00 13.56 ? 44  LYS A CA  1 
ATOM   310 C  C   . LYS A 1 45 ? 8.509   1.951   -5.160  1.00 12.58 ? 44  LYS A C   1 
ATOM   311 O  O   . LYS A 1 45 ? 8.292   3.064   -4.695  1.00 11.93 ? 44  LYS A O   1 
ATOM   312 C  CB  . LYS A 1 45 ? 7.499   1.589   -7.390  1.00 17.56 ? 44  LYS A CB  1 
ATOM   313 C  CG  . LYS A 1 45 ? 8.879   1.380   -8.011  1.00 21.29 ? 44  LYS A CG  1 
ATOM   314 C  CD  . LYS A 1 45 ? 8.978   1.909   -9.438  1.00 24.56 ? 44  LYS A CD  1 
ATOM   315 C  CE  . LYS A 1 45 ? 8.968   3.430   -9.485  1.00 27.36 ? 44  LYS A CE  1 
ATOM   316 N  NZ  . LYS A 1 45 ? 9.308   3.955   -10.844 1.00 27.69 ? 44  LYS A NZ  1 
ATOM   317 N  N   . ASP A 1 46 ? 9.670   1.319   -5.013  1.00 11.99 ? 45  ASP A N   1 
ATOM   318 C  CA  . ASP A 1 46 ? 10.823  1.981   -4.418  1.00 12.83 ? 45  ASP A CA  1 
ATOM   319 C  C   . ASP A 1 46 ? 11.997  1.642   -5.325  1.00 13.41 ? 45  ASP A C   1 
ATOM   320 O  O   . ASP A 1 46 ? 11.779  1.132   -6.423  1.00 13.33 ? 45  ASP A O   1 
ATOM   321 C  CB  . ASP A 1 46 ? 11.075  1.574   -2.947  1.00 13.72 ? 45  ASP A CB  1 
ATOM   322 C  CG  . ASP A 1 46 ? 11.399  0.101   -2.752  1.00 12.08 ? 45  ASP A CG  1 
ATOM   323 O  OD1 . ASP A 1 46 ? 11.750  -0.617  -3.709  1.00 12.39 ? 45  ASP A OD1 1 
ATOM   324 O  OD2 . ASP A 1 46 ? 11.320  -0.334  -1.586  1.00 13.74 ? 45  ASP A OD2 1 
ATOM   325 N  N   . ASP A 1 47 ? 13.226  1.922   -4.900  1.00 14.39 ? 46  ASP A N   1 
ATOM   326 C  CA  . ASP A 1 47 ? 14.371  1.649   -5.762  1.00 16.00 ? 46  ASP A CA  1 
ATOM   327 C  C   . ASP A 1 47 ? 14.754  0.182   -5.908  1.00 16.85 ? 46  ASP A C   1 
ATOM   328 O  O   . ASP A 1 47 ? 15.712  -0.136  -6.612  1.00 17.21 ? 46  ASP A O   1 
ATOM   329 C  CB  . ASP A 1 47 ? 15.595  2.455   -5.299  1.00 18.43 ? 46  ASP A CB  1 
ATOM   330 C  CG  . ASP A 1 47 ? 16.006  2.139   -3.872  1.00 22.76 ? 46  ASP A CG  1 
ATOM   331 O  OD1 . ASP A 1 47 ? 17.053  2.664   -3.427  1.00 23.36 ? 46  ASP A OD1 1 
ATOM   332 O  OD2 . ASP A 1 47 ? 15.293  1.374   -3.192  1.00 24.55 ? 46  ASP A OD2 1 
ATOM   333 N  N   . THR A 1 48 ? 14.000  -0.713  -5.273  1.00 13.53 ? 47  THR A N   1 
ATOM   334 C  CA  . THR A 1 48 ? 14.302  -2.142  -5.340  1.00 13.41 ? 47  THR A CA  1 
ATOM   335 C  C   . THR A 1 48 ? 13.206  -2.998  -5.961  1.00 14.44 ? 47  THR A C   1 
ATOM   336 O  O   . THR A 1 48 ? 13.435  -4.163  -6.282  1.00 15.89 ? 47  THR A O   1 
ATOM   337 C  CB  . THR A 1 48 ? 14.595  -2.721  -3.942  1.00 14.62 ? 47  THR A CB  1 
ATOM   338 O  OG1 . THR A 1 48 ? 13.387  -2.748  -3.170  1.00 11.80 ? 47  THR A OG1 1 
ATOM   339 C  CG2 . THR A 1 48 ? 15.636  -1.881  -3.224  1.00 14.49 ? 47  THR A CG2 1 
ATOM   340 N  N   . GLY A 1 49 ? 12.014  -2.441  -6.118  1.00 15.48 ? 48  GLY A N   1 
ATOM   341 C  CA  . GLY A 1 49 ? 10.938  -3.217  -6.704  1.00 15.15 ? 48  GLY A CA  1 
ATOM   342 C  C   . GLY A 1 49 ? 9.580   -2.566  -6.586  1.00 15.41 ? 48  GLY A C   1 
ATOM   343 O  O   . GLY A 1 49 ? 9.472   -1.389  -6.247  1.00 13.69 ? 48  GLY A O   1 
ATOM   344 N  N   . SER A 1 50 ? 8.540   -3.341  -6.867  1.00 13.10 ? 49  SER A N   1 
ATOM   345 C  CA  . SER A 1 50 ? 7.177   -2.842  -6.803  1.00 13.45 ? 49  SER A CA  1 
ATOM   346 C  C   . SER A 1 50 ? 6.276   -3.895  -6.171  1.00 14.22 ? 49  SER A C   1 
ATOM   347 O  O   . SER A 1 50 ? 6.575   -5.091  -6.206  1.00 13.34 ? 49  SER A O   1 
ATOM   348 C  CB  . SER A 1 50 ? 6.675   -2.511  -8.206  1.00 16.37 ? 49  SER A CB  1 
ATOM   349 O  OG  . SER A 1 50 ? 6.677   -3.666  -9.025  1.00 18.68 ? 49  SER A OG  1 
ATOM   350 N  N   . ILE A 1 51 ? 5.166   -3.449  -5.598  1.00 11.73 ? 50  ILE A N   1 
ATOM   351 C  CA  . ILE A 1 51 ? 4.237   -4.365  -4.959  1.00 11.66 ? 50  ILE A CA  1 
ATOM   352 C  C   . ILE A 1 51 ? 2.856   -3.727  -4.878  1.00 12.13 ? 50  ILE A C   1 
ATOM   353 O  O   . ILE A 1 51 ? 2.737   -2.504  -4.824  1.00 7.62  ? 50  ILE A O   1 
ATOM   354 C  CB  . ILE A 1 51 ? 4.728   -4.709  -3.541  1.00 11.30 ? 50  ILE A CB  1 
ATOM   355 C  CG1 . ILE A 1 51 ? 3.847   -5.794  -2.918  1.00 11.48 ? 50  ILE A CG1 1 
ATOM   356 C  CG2 . ILE A 1 51 ? 4.719   -3.449  -2.675  1.00 10.34 ? 50  ILE A CG2 1 
ATOM   357 C  CD1 . ILE A 1 51 ? 4.367   -6.303  -1.599  1.00 10.87 ? 50  ILE A CD1 1 
ATOM   358 N  N   . ARG A 1 52 ? 1.822   -4.559  -4.890  1.00 10.58 ? 51  ARG A N   1 
ATOM   359 C  CA  . ARG A 1 52 ? 0.448   -4.080  -4.796  1.00 12.13 ? 51  ARG A CA  1 
ATOM   360 C  C   . ARG A 1 52 ? 0.118   -3.863  -3.326  1.00 11.64 ? 51  ARG A C   1 
ATOM   361 O  O   . ARG A 1 52 ? 0.499   -4.663  -2.478  1.00 11.73 ? 51  ARG A O   1 
ATOM   362 C  CB  . ARG A 1 52 ? -0.515  -5.116  -5.375  1.00 13.09 ? 51  ARG A CB  1 
ATOM   363 C  CG  . ARG A 1 52 ? -1.979  -4.716  -5.319  1.00 17.10 ? 51  ARG A CG  1 
ATOM   364 C  CD  . ARG A 1 52 ? -2.868  -5.929  -5.501  1.00 19.74 ? 51  ARG A CD  1 
ATOM   365 N  NE  . ARG A 1 52 ? -4.270  -5.568  -5.669  1.00 21.24 ? 51  ARG A NE  1 
ATOM   366 C  CZ  . ARG A 1 52 ? -5.291  -6.344  -5.317  1.00 21.07 ? 51  ARG A CZ  1 
ATOM   367 N  NH1 . ARG A 1 52 ? -5.074  -7.532  -4.769  1.00 22.38 ? 51  ARG A NH1 1 
ATOM   368 N  NH2 . ARG A 1 52 ? -6.534  -5.930  -5.520  1.00 22.75 ? 51  ARG A NH2 1 
ATOM   369 N  N   . GLY A 1 53 ? -0.577  -2.770  -3.035  1.00 10.29 ? 52  GLY A N   1 
ATOM   370 C  CA  . GLY A 1 53 ? -0.978  -2.483  -1.671  1.00 9.27  ? 52  GLY A CA  1 
ATOM   371 C  C   . GLY A 1 53 ? -2.490  -2.427  -1.631  1.00 9.57  ? 52  GLY A C   1 
ATOM   372 O  O   . GLY A 1 53 ? -3.102  -1.888  -2.548  1.00 11.09 ? 52  GLY A O   1 
ATOM   373 N  N   . THR A 1 54 ? -3.100  -2.990  -0.592  1.00 9.47  ? 53  THR A N   1 
ATOM   374 C  CA  . THR A 1 54 ? -4.552  -2.968  -0.492  1.00 8.70  ? 53  THR A CA  1 
ATOM   375 C  C   . THR A 1 54 ? -5.045  -2.194  0.731   1.00 9.39  ? 53  THR A C   1 
ATOM   376 O  O   . THR A 1 54 ? -4.735  -2.533  1.876   1.00 9.19  ? 53  THR A O   1 
ATOM   377 C  CB  . THR A 1 54 ? -5.140  -4.399  -0.472  1.00 10.48 ? 53  THR A CB  1 
ATOM   378 O  OG1 . THR A 1 54 ? -4.563  -5.151  0.601   1.00 10.20 ? 53  THR A OG1 1 
ATOM   379 C  CG2 . THR A 1 54 ? -4.852  -5.105  -1.791  1.00 8.23  ? 53  THR A CG2 1 
ATOM   380 N  N   . LEU A 1 55 ? -5.800  -1.137  0.459   1.00 8.74  ? 54  LEU A N   1 
ATOM   381 C  CA  . LEU A 1 55 ? -6.376  -0.284  1.491   1.00 9.44  ? 54  LEU A CA  1 
ATOM   382 C  C   . LEU A 1 55 ? -7.788  -0.797  1.712   1.00 9.78  ? 54  LEU A C   1 
ATOM   383 O  O   . LEU A 1 55 ? -8.583  -0.846  0.775   1.00 6.40  ? 54  LEU A O   1 
ATOM   384 C  CB  . LEU A 1 55 ? -6.422  1.168   1.008   1.00 8.44  ? 54  LEU A CB  1 
ATOM   385 C  CG  . LEU A 1 55 ? -5.092  1.881   0.753   1.00 9.93  ? 54  LEU A CG  1 
ATOM   386 C  CD1 . LEU A 1 55 ? -5.353  3.197   0.048   1.00 7.26  ? 54  LEU A CD1 1 
ATOM   387 C  CD2 . LEU A 1 55 ? -4.353  2.106   2.071   1.00 9.32  ? 54  LEU A CD2 1 
ATOM   388 N  N   . TRP A 1 56 ? -8.104  -1.181  2.943   1.00 10.54 ? 55  TRP A N   1 
ATOM   389 C  CA  . TRP A 1 56 ? -9.424  -1.721  3.233   1.00 8.99  ? 55  TRP A CA  1 
ATOM   390 C  C   . TRP A 1 56 ? -10.316 -0.806  4.054   1.00 10.79 ? 55  TRP A C   1 
ATOM   391 O  O   . TRP A 1 56 ? -9.846  -0.010  4.868   1.00 12.45 ? 55  TRP A O   1 
ATOM   392 C  CB  . TRP A 1 56 ? -9.306  -3.064  3.964   1.00 9.31  ? 55  TRP A CB  1 
ATOM   393 C  CG  . TRP A 1 56 ? -8.529  -4.091  3.216   1.00 10.13 ? 55  TRP A CG  1 
ATOM   394 C  CD1 . TRP A 1 56 ? -7.212  -4.405  3.379   1.00 10.75 ? 55  TRP A CD1 1 
ATOM   395 C  CD2 . TRP A 1 56 ? -9.021  -4.944  2.177   1.00 10.66 ? 55  TRP A CD2 1 
ATOM   396 N  NE1 . TRP A 1 56 ? -6.851  -5.403  2.507   1.00 12.28 ? 55  TRP A NE1 1 
ATOM   397 C  CE2 . TRP A 1 56 ? -7.943  -5.752  1.756   1.00 12.86 ? 55  TRP A CE2 1 
ATOM   398 C  CE3 . TRP A 1 56 ? -10.270 -5.103  1.560   1.00 11.78 ? 55  TRP A CE3 1 
ATOM   399 C  CZ2 . TRP A 1 56 ? -8.074  -6.708  0.745   1.00 11.79 ? 55  TRP A CZ2 1 
ATOM   400 C  CZ3 . TRP A 1 56 ? -10.401 -6.056  0.553   1.00 11.05 ? 55  TRP A CZ3 1 
ATOM   401 C  CH2 . TRP A 1 56 ? -9.307  -6.845  0.157   1.00 12.09 ? 55  TRP A CH2 1 
ATOM   402 N  N   . ASN A 1 57 ? -11.612 -0.942  3.811   1.00 11.11 ? 56  ASN A N   1 
ATOM   403 C  CA  . ASN A 1 57 ? -12.637 -0.191  4.510   1.00 13.44 ? 56  ASN A CA  1 
ATOM   404 C  C   . ASN A 1 57 ? -12.341 1.309   4.595   1.00 13.12 ? 56  ASN A C   1 
ATOM   405 O  O   . ASN A 1 57 ? -12.201 1.957   3.562   1.00 13.26 ? 56  ASN A O   1 
ATOM   406 C  CB  . ASN A 1 57 ? -12.845 -0.824  5.885   1.00 15.24 ? 56  ASN A CB  1 
ATOM   407 C  CG  . ASN A 1 57 ? -13.022 -2.336  5.798   1.00 17.35 ? 56  ASN A CG  1 
ATOM   408 O  OD1 . ASN A 1 57 ? -13.702 -2.842  4.898   1.00 18.90 ? 56  ASN A OD1 1 
ATOM   409 N  ND2 . ASN A 1 57 ? -12.412 -3.062  6.729   1.00 17.93 ? 56  ASN A ND2 1 
ATOM   410 N  N   . GLU A 1 58 ? -12.240 1.876   5.795   1.00 14.76 ? 57  GLU A N   1 
ATOM   411 C  CA  . GLU A 1 58 ? -11.987 3.314   5.894   1.00 14.16 ? 57  GLU A CA  1 
ATOM   412 C  C   . GLU A 1 58 ? -10.698 3.793   5.221   1.00 13.18 ? 57  GLU A C   1 
ATOM   413 O  O   . GLU A 1 58 ? -10.651 4.897   4.686   1.00 12.81 ? 57  GLU A O   1 
ATOM   414 C  CB  . GLU A 1 58 ? -11.990 3.778   7.355   1.00 16.79 ? 57  GLU A CB  1 
ATOM   415 C  CG  . GLU A 1 58 ? -10.984 3.083   8.241   1.00 19.20 ? 57  GLU A CG  1 
ATOM   416 C  CD  . GLU A 1 58 ? -11.627 2.023   9.104   1.00 19.85 ? 57  GLU A CD  1 
ATOM   417 O  OE1 . GLU A 1 58 ? -11.573 2.161   10.344  1.00 20.30 ? 57  GLU A OE1 1 
ATOM   418 O  OE2 . GLU A 1 58 ? -12.189 1.057   8.545   1.00 20.38 ? 57  GLU A OE2 1 
ATOM   419 N  N   . LEU A 1 59 ? -9.646  2.983   5.241   1.00 10.14 ? 58  LEU A N   1 
ATOM   420 C  CA  . LEU A 1 59 ? -8.414  3.420   4.601   1.00 11.48 ? 58  LEU A CA  1 
ATOM   421 C  C   . LEU A 1 59 ? -8.575  3.519   3.088   1.00 10.95 ? 58  LEU A C   1 
ATOM   422 O  O   . LEU A 1 59 ? -7.729  4.085   2.405   1.00 11.64 ? 58  LEU A O   1 
ATOM   423 C  CB  . LEU A 1 59 ? -7.259  2.481   4.951   1.00 12.76 ? 58  LEU A CB  1 
ATOM   424 C  CG  . LEU A 1 59 ? -6.773  2.597   6.397   1.00 13.89 ? 58  LEU A CG  1 
ATOM   425 C  CD1 . LEU A 1 59 ? -5.569  1.694   6.597   1.00 16.26 ? 58  LEU A CD1 1 
ATOM   426 C  CD2 . LEU A 1 59 ? -6.405  4.044   6.702   1.00 14.34 ? 58  LEU A CD2 1 
ATOM   427 N  N   . ALA A 1 60 ? -9.662  2.969   2.557   1.00 11.06 ? 59  ALA A N   1 
ATOM   428 C  CA  . ALA A 1 60 ? -9.886  3.042   1.121   1.00 11.23 ? 59  ALA A CA  1 
ATOM   429 C  C   . ALA A 1 60 ? -10.216 4.479   0.731   1.00 11.68 ? 59  ALA A C   1 
ATOM   430 O  O   . ALA A 1 60 ? -10.188 4.833   -0.445  1.00 12.61 ? 59  ALA A O   1 
ATOM   431 C  CB  . ALA A 1 60 ? -11.020 2.108   0.711   1.00 12.54 ? 59  ALA A CB  1 
ATOM   432 N  N   . ASP A 1 61 ? -10.539 5.304   1.723   1.00 10.32 ? 60  ASP A N   1 
ATOM   433 C  CA  . ASP A 1 61 ? -10.855 6.703   1.468   1.00 10.94 ? 60  ASP A CA  1 
ATOM   434 C  C   . ASP A 1 61 ? -9.705  7.628   1.843   1.00 13.52 ? 60  ASP A C   1 
ATOM   435 O  O   . ASP A 1 61 ? -9.841  8.853   1.801   1.00 14.70 ? 60  ASP A O   1 
ATOM   436 C  CB  . ASP A 1 61 ? -12.127 7.101   2.219   1.00 9.24  ? 60  ASP A CB  1 
ATOM   437 C  CG  . ASP A 1 61 ? -13.383 6.648   1.501   1.00 10.53 ? 60  ASP A CG  1 
ATOM   438 O  OD1 . ASP A 1 61 ? -14.350 6.246   2.179   1.00 11.80 ? 60  ASP A OD1 1 
ATOM   439 O  OD2 . ASP A 1 61 ? -13.403 6.700   0.250   1.00 11.96 ? 60  ASP A OD2 1 
ATOM   440 N  N   . PHE A 1 62 ? -8.569  7.040   2.204   1.00 13.27 ? 61  PHE A N   1 
ATOM   441 C  CA  . PHE A 1 62 ? -7.392  7.826   2.558   1.00 13.95 ? 61  PHE A CA  1 
ATOM   442 C  C   . PHE A 1 62 ? -6.966  8.646   1.338   1.00 14.94 ? 61  PHE A C   1 
ATOM   443 O  O   . PHE A 1 62 ? -6.893  8.120   0.226   1.00 14.48 ? 61  PHE A O   1 
ATOM   444 C  CB  . PHE A 1 62 ? -6.250  6.901   2.975   1.00 11.95 ? 61  PHE A CB  1 
ATOM   445 C  CG  . PHE A 1 62 ? -5.042  7.629   3.476   1.00 12.64 ? 61  PHE A CG  1 
ATOM   446 C  CD1 . PHE A 1 62 ? -4.996  8.110   4.777   1.00 13.03 ? 61  PHE A CD1 1 
ATOM   447 C  CD2 . PHE A 1 62 ? -3.953  7.843   2.641   1.00 12.56 ? 61  PHE A CD2 1 
ATOM   448 C  CE1 . PHE A 1 62 ? -3.873  8.799   5.241   1.00 13.12 ? 61  PHE A CE1 1 
ATOM   449 C  CE2 . PHE A 1 62 ? -2.834  8.527   3.093   1.00 11.61 ? 61  PHE A CE2 1 
ATOM   450 C  CZ  . PHE A 1 62 ? -2.792  9.005   4.393   1.00 10.57 ? 61  PHE A CZ  1 
ATOM   451 N  N   . GLU A 1 63 ? -6.686  9.929   1.543   1.00 17.02 ? 62  GLU A N   1 
ATOM   452 C  CA  . GLU A 1 63 ? -6.284  10.791  0.440   1.00 19.65 ? 62  GLU A CA  1 
ATOM   453 C  C   . GLU A 1 63 ? -4.850  10.516  -0.002  1.00 18.56 ? 62  GLU A C   1 
ATOM   454 O  O   . GLU A 1 63 ? -3.894  10.953  0.632   1.00 17.94 ? 62  GLU A O   1 
ATOM   455 C  CB  . GLU A 1 63 ? -6.442  12.268  0.826   1.00 24.18 ? 62  GLU A CB  1 
ATOM   456 C  CG  . GLU A 1 63 ? -5.685  12.675  2.080   1.00 29.36 ? 62  GLU A CG  1 
ATOM   457 C  CD  . GLU A 1 63 ? -5.766  14.167  2.365   1.00 32.49 ? 62  GLU A CD  1 
ATOM   458 O  OE1 . GLU A 1 63 ? -6.880  14.670  2.628   1.00 35.31 ? 62  GLU A OE1 1 
ATOM   459 O  OE2 . GLU A 1 63 ? -4.710  14.835  2.323   1.00 33.41 ? 62  GLU A OE2 1 
ATOM   460 N  N   . VAL A 1 64 ? -4.719  9.781   -1.101  1.00 18.68 ? 63  VAL A N   1 
ATOM   461 C  CA  . VAL A 1 64 ? -3.423  9.432   -1.668  1.00 19.13 ? 63  VAL A CA  1 
ATOM   462 C  C   . VAL A 1 64 ? -3.461  9.766   -3.150  1.00 18.59 ? 63  VAL A C   1 
ATOM   463 O  O   . VAL A 1 64 ? -4.479  9.558   -3.812  1.00 18.89 ? 63  VAL A O   1 
ATOM   464 C  CB  . VAL A 1 64 ? -3.112  7.927   -1.487  1.00 20.55 ? 63  VAL A CB  1 
ATOM   465 C  CG1 . VAL A 1 64 ? -2.225  7.426   -2.621  1.00 22.24 ? 63  VAL A CG1 1 
ATOM   466 C  CG2 . VAL A 1 64 ? -2.410  7.710   -0.164  1.00 22.97 ? 63  VAL A CG2 1 
ATOM   467 N  N   . LYS A 1 65 ? -2.353  10.281  -3.668  1.00 16.95 ? 64  LYS A N   1 
ATOM   468 C  CA  . LYS A 1 65 ? -2.278  10.664  -5.069  1.00 18.16 ? 64  LYS A CA  1 
ATOM   469 C  C   . LYS A 1 65 ? -1.051  10.036  -5.712  1.00 16.69 ? 64  LYS A C   1 
ATOM   470 O  O   . LYS A 1 65 ? -0.077  9.717   -5.029  1.00 15.60 ? 64  LYS A O   1 
ATOM   471 C  CB  . LYS A 1 65 ? -2.198  12.189  -5.170  1.00 18.44 ? 64  LYS A CB  1 
ATOM   472 C  CG  . LYS A 1 65 ? -3.259  12.898  -4.327  1.00 22.32 ? 64  LYS A CG  1 
ATOM   473 C  CD  . LYS A 1 65 ? -2.862  14.321  -3.955  1.00 23.97 ? 64  LYS A CD  1 
ATOM   474 C  CE  . LYS A 1 65 ? -3.761  14.865  -2.845  1.00 26.20 ? 64  LYS A CE  1 
ATOM   475 N  NZ  . LYS A 1 65 ? -3.337  16.210  -2.354  1.00 29.42 ? 64  LYS A NZ  1 
ATOM   476 N  N   . LYS A 1 66 ? -1.108  9.839   -7.023  1.00 15.31 ? 65  LYS A N   1 
ATOM   477 C  CA  . LYS A 1 66 ? 0.025   9.274   -7.739  1.00 14.73 ? 65  LYS A CA  1 
ATOM   478 C  C   . LYS A 1 66 ? 1.189   10.233  -7.546  1.00 13.81 ? 65  LYS A C   1 
ATOM   479 O  O   . LYS A 1 66 ? 1.025   11.448  -7.644  1.00 13.93 ? 65  LYS A O   1 
ATOM   480 C  CB  . LYS A 1 66 ? -0.291  9.132   -9.228  1.00 15.39 ? 65  LYS A CB  1 
ATOM   481 C  CG  . LYS A 1 66 ? 0.913   8.753   -10.082 1.00 15.53 ? 65  LYS A CG  1 
ATOM   482 C  CD  . LYS A 1 66 ? 0.526   8.594   -11.542 1.00 16.23 ? 65  LYS A CD  1 
ATOM   483 C  CE  . LYS A 1 66 ? 1.752   8.374   -12.419 1.00 19.15 ? 65  LYS A CE  1 
ATOM   484 N  NZ  . LYS A 1 66 ? 2.574   7.207   -11.980 1.00 16.39 ? 65  LYS A NZ  1 
ATOM   485 N  N   . GLY A 1 67 ? 2.362   9.684   -7.261  1.00 12.64 ? 66  GLY A N   1 
ATOM   486 C  CA  . GLY A 1 67 ? 3.526   10.521  -7.046  1.00 12.56 ? 66  GLY A CA  1 
ATOM   487 C  C   . GLY A 1 67 ? 3.838   10.708  -5.573  1.00 11.52 ? 66  GLY A C   1 
ATOM   488 O  O   . GLY A 1 67 ? 4.977   11.027  -5.208  1.00 10.29 ? 66  GLY A O   1 
ATOM   489 N  N   . ASP A 1 68 ? 2.835   10.523  -4.718  1.00 9.24  ? 67  ASP A N   1 
ATOM   490 C  CA  . ASP A 1 68 ? 3.053   10.660  -3.281  1.00 10.35 ? 67  ASP A CA  1 
ATOM   491 C  C   . ASP A 1 68 ? 4.000   9.570   -2.811  1.00 9.32  ? 67  ASP A C   1 
ATOM   492 O  O   . ASP A 1 68 ? 3.988   8.452   -3.336  1.00 7.84  ? 67  ASP A O   1 
ATOM   493 C  CB  . ASP A 1 68 ? 1.751   10.501  -2.482  1.00 10.77 ? 67  ASP A CB  1 
ATOM   494 C  CG  . ASP A 1 68 ? 0.833   11.698  -2.588  1.00 15.16 ? 67  ASP A CG  1 
ATOM   495 O  OD1 . ASP A 1 68 ? 1.293   12.783  -3.001  1.00 16.91 ? 67  ASP A OD1 1 
ATOM   496 O  OD2 . ASP A 1 68 ? -0.358  11.550  -2.231  1.00 16.93 ? 67  ASP A OD2 1 
ATOM   497 N  N   . ILE A 1 69 ? 4.820   9.902   -1.820  1.00 9.32  ? 68  ILE A N   1 
ATOM   498 C  CA  . ILE A 1 69 ? 5.727   8.931   -1.231  1.00 9.71  ? 68  ILE A CA  1 
ATOM   499 C  C   . ILE A 1 69 ? 5.072   8.641   0.112   1.00 8.70  ? 68  ILE A C   1 
ATOM   500 O  O   . ILE A 1 69 ? 4.903   9.532   0.946   1.00 8.30  ? 68  ILE A O   1 
ATOM   501 C  CB  . ILE A 1 69 ? 7.140   9.502   -1.040  1.00 10.97 ? 68  ILE A CB  1 
ATOM   502 C  CG1 . ILE A 1 69 ? 7.685   9.960   -2.395  1.00 12.83 ? 68  ILE A CG1 1 
ATOM   503 C  CG2 . ILE A 1 69 ? 8.051   8.433   -0.443  1.00 10.52 ? 68  ILE A CG2 1 
ATOM   504 C  CD1 . ILE A 1 69 ? 9.070   10.542  -2.349  1.00 18.33 ? 68  ILE A CD1 1 
ATOM   505 N  N   . ALA A 1 70 ? 4.684   7.390   0.312   1.00 9.12  ? 69  ALA A N   1 
ATOM   506 C  CA  . ALA A 1 70 ? 3.990   7.025   1.527   1.00 10.54 ? 69  ALA A CA  1 
ATOM   507 C  C   . ALA A 1 70 ? 4.687   6.004   2.403   1.00 9.96  ? 69  ALA A C   1 
ATOM   508 O  O   . ALA A 1 70 ? 5.469   5.180   1.927   1.00 9.01  ? 69  ALA A O   1 
ATOM   509 C  CB  . ALA A 1 70 ? 2.593   6.521   1.168   1.00 12.79 ? 69  ALA A CB  1 
ATOM   510 N  N   . GLU A 1 71 ? 4.390   6.087   3.697   1.00 8.70  ? 70  GLU A N   1 
ATOM   511 C  CA  . GLU A 1 71 ? 4.908   5.146   4.675   1.00 10.89 ? 70  GLU A CA  1 
ATOM   512 C  C   . GLU A 1 71 ? 3.757   4.168   4.824   1.00 9.96  ? 70  GLU A C   1 
ATOM   513 O  O   . GLU A 1 71 ? 2.703   4.515   5.353   1.00 10.21 ? 70  GLU A O   1 
ATOM   514 C  CB  . GLU A 1 71 ? 5.176   5.835   6.009   1.00 12.56 ? 70  GLU A CB  1 
ATOM   515 C  CG  . GLU A 1 71 ? 5.880   4.931   7.003   1.00 17.81 ? 70  GLU A CG  1 
ATOM   516 C  CD  . GLU A 1 71 ? 6.277   5.655   8.271   1.00 19.68 ? 70  GLU A CD  1 
ATOM   517 O  OE1 . GLU A 1 71 ? 7.024   5.066   9.079   1.00 23.61 ? 70  GLU A OE1 1 
ATOM   518 O  OE2 . GLU A 1 71 ? 5.842   6.811   8.458   1.00 21.11 ? 70  GLU A OE2 1 
ATOM   519 N  N   . VAL A 1 72 ? 3.960   2.950   4.341   1.00 8.38  ? 71  VAL A N   1 
ATOM   520 C  CA  . VAL A 1 72 ? 2.928   1.926   4.378   1.00 9.14  ? 71  VAL A CA  1 
ATOM   521 C  C   . VAL A 1 72 ? 3.312   0.778   5.293   1.00 8.75  ? 71  VAL A C   1 
ATOM   522 O  O   . VAL A 1 72 ? 4.316   0.118   5.067   1.00 10.43 ? 71  VAL A O   1 
ATOM   523 C  CB  . VAL A 1 72 ? 2.686   1.349   2.965   1.00 10.29 ? 71  VAL A CB  1 
ATOM   524 C  CG1 . VAL A 1 72 ? 1.591   0.314   3.014   1.00 10.27 ? 71  VAL A CG1 1 
ATOM   525 C  CG2 . VAL A 1 72 ? 2.329   2.465   1.991   1.00 11.66 ? 71  VAL A CG2 1 
ATOM   526 N  N   . SER A 1 73 ? 2.503   0.538   6.319   1.00 10.26 ? 72  SER A N   1 
ATOM   527 C  CA  . SER A 1 73 ? 2.758   -0.546  7.259   1.00 11.26 ? 72  SER A CA  1 
ATOM   528 C  C   . SER A 1 73 ? 1.680   -1.595  7.062   1.00 10.99 ? 72  SER A C   1 
ATOM   529 O  O   . SER A 1 73 ? 0.505   -1.263  6.965   1.00 11.92 ? 72  SER A O   1 
ATOM   530 C  CB  . SER A 1 73 ? 2.711   -0.027  8.695   1.00 12.64 ? 72  SER A CB  1 
ATOM   531 O  OG  . SER A 1 73 ? 3.669   0.994   8.895   1.00 16.30 ? 72  SER A OG  1 
ATOM   532 N  N   . GLY A 1 74 ? 2.073   -2.860  6.999   1.00 11.43 ? 73  GLY A N   1 
ATOM   533 C  CA  . GLY A 1 74 ? 1.077   -3.889  6.799   1.00 10.74 ? 73  GLY A CA  1 
ATOM   534 C  C   . GLY A 1 74 ? 1.618   -5.299  6.807   1.00 12.37 ? 73  GLY A C   1 
ATOM   535 O  O   . GLY A 1 74 ? 2.773   -5.531  7.163   1.00 13.69 ? 73  GLY A O   1 
ATOM   536 N  N   . TYR A 1 75 ? 0.765   -6.229  6.392   1.00 11.51 ? 74  TYR A N   1 
ATOM   537 C  CA  . TYR A 1 75 ? 1.084   -7.649  6.354   1.00 12.76 ? 74  TYR A CA  1 
ATOM   538 C  C   . TYR A 1 75 ? 1.281   -8.075  4.907   1.00 13.85 ? 74  TYR A C   1 
ATOM   539 O  O   . TYR A 1 75 ? 0.448   -7.784  4.053   1.00 12.88 ? 74  TYR A O   1 
ATOM   540 C  CB  . TYR A 1 75 ? -0.071  -8.437  6.969   1.00 16.05 ? 74  TYR A CB  1 
ATOM   541 C  CG  . TYR A 1 75 ? 0.209   -9.901  7.176   1.00 19.34 ? 74  TYR A CG  1 
ATOM   542 C  CD1 . TYR A 1 75 ? 0.988   -10.333 8.244   1.00 21.09 ? 74  TYR A CD1 1 
ATOM   543 C  CD2 . TYR A 1 75 ? -0.315  -10.860 6.310   1.00 20.95 ? 74  TYR A CD2 1 
ATOM   544 C  CE1 . TYR A 1 75 ? 1.237   -11.683 8.451   1.00 21.24 ? 74  TYR A CE1 1 
ATOM   545 C  CE2 . TYR A 1 75 ? -0.071  -12.215 6.506   1.00 21.15 ? 74  TYR A CE2 1 
ATOM   546 C  CZ  . TYR A 1 75 ? 0.704   -12.617 7.580   1.00 23.32 ? 74  TYR A CZ  1 
ATOM   547 O  OH  . TYR A 1 75 ? 0.937   -13.955 7.790   1.00 24.73 ? 74  TYR A OH  1 
ATOM   548 N  N   . VAL A 1 76 ? 2.378   -8.772  4.640   1.00 13.12 ? 75  VAL A N   1 
ATOM   549 C  CA  . VAL A 1 76 ? 2.699   -9.225  3.292   1.00 12.06 ? 75  VAL A CA  1 
ATOM   550 C  C   . VAL A 1 76 ? 2.177   -10.635 3.066   1.00 14.24 ? 75  VAL A C   1 
ATOM   551 O  O   . VAL A 1 76 ? 2.393   -11.517 3.891   1.00 14.82 ? 75  VAL A O   1 
ATOM   552 C  CB  . VAL A 1 76 ? 4.225   -9.205  3.079   1.00 12.87 ? 75  VAL A CB  1 
ATOM   553 C  CG1 . VAL A 1 76 ? 4.575   -9.641  1.666   1.00 15.22 ? 75  VAL A CG1 1 
ATOM   554 C  CG2 . VAL A 1 76 ? 4.758   -7.809  3.357   1.00 15.35 ? 75  VAL A CG2 1 
ATOM   555 N  N   . LYS A 1 77 ? 1.486   -10.839 1.951   1.00 16.67 ? 76  LYS A N   1 
ATOM   556 C  CA  . LYS A 1 77 ? 0.940   -12.147 1.620   1.00 21.01 ? 76  LYS A CA  1 
ATOM   557 C  C   . LYS A 1 77 ? 0.997   -12.359 0.117   1.00 22.72 ? 76  LYS A C   1 
ATOM   558 O  O   . LYS A 1 77 ? 1.248   -11.423 -0.642  1.00 23.65 ? 76  LYS A O   1 
ATOM   559 C  CB  . LYS A 1 77 ? -0.498  -12.251 2.107   1.00 21.13 ? 76  LYS A CB  1 
ATOM   560 N  N   . GLN A 1 78 ? 0.772   -13.597 -0.310  1.00 26.63 ? 77  GLN A N   1 
ATOM   561 C  CA  . GLN A 1 78 ? 0.781   -13.921 -1.728  1.00 28.35 ? 77  GLN A CA  1 
ATOM   562 C  C   . GLN A 1 78 ? -0.618  -13.682 -2.290  1.00 30.17 ? 77  GLN A C   1 
ATOM   563 O  O   . GLN A 1 78 ? -1.609  -14.118 -1.707  1.00 30.74 ? 77  GLN A O   1 
ATOM   564 C  CB  . GLN A 1 78 ? 1.193   -15.377 -1.928  1.00 30.18 ? 77  GLN A CB  1 
ATOM   565 N  N   . GLY A 1 79 ? -0.693  -12.978 -3.415  1.00 31.44 ? 78  GLY A N   1 
ATOM   566 C  CA  . GLY A 1 79 ? -1.980  -12.696 -4.025  1.00 33.73 ? 78  GLY A CA  1 
ATOM   567 C  C   . GLY A 1 79 ? -2.042  -13.129 -5.477  1.00 35.82 ? 78  GLY A C   1 
ATOM   568 O  O   . GLY A 1 79 ? -1.323  -14.038 -5.894  1.00 36.90 ? 78  GLY A O   1 
ATOM   569 N  N   . GLY A 1 82 ? 2.231   -11.569 -7.444  1.00 35.49 ? 81  GLY A N   1 
ATOM   570 C  CA  . GLY A 1 82 ? 2.948   -12.397 -6.493  1.00 33.51 ? 81  GLY A CA  1 
ATOM   571 C  C   . GLY A 1 82 ? 2.652   -12.002 -5.060  1.00 32.54 ? 81  GLY A C   1 
ATOM   572 O  O   . GLY A 1 82 ? 1.745   -12.545 -4.427  1.00 34.15 ? 81  GLY A O   1 
ATOM   573 N  N   . LEU A 1 83 ? 3.422   -11.053 -4.542  1.00 29.36 ? 82  LEU A N   1 
ATOM   574 C  CA  . LEU A 1 83 ? 3.229   -10.589 -3.179  1.00 25.21 ? 82  LEU A CA  1 
ATOM   575 C  C   . LEU A 1 83 ? 2.409   -9.311  -3.157  1.00 22.64 ? 82  LEU A C   1 
ATOM   576 O  O   . LEU A 1 83 ? 2.395   -8.549  -4.122  1.00 22.77 ? 82  LEU A O   1 
ATOM   577 C  CB  . LEU A 1 83 ? 4.581   -10.335 -2.502  1.00 25.72 ? 82  LEU A CB  1 
ATOM   578 C  CG  . LEU A 1 83 ? 5.502   -11.542 -2.306  1.00 25.69 ? 82  LEU A CG  1 
ATOM   579 C  CD1 . LEU A 1 83 ? 6.800   -11.084 -1.659  1.00 25.63 ? 82  LEU A CD1 1 
ATOM   580 C  CD2 . LEU A 1 83 ? 4.813   -12.585 -1.441  1.00 23.64 ? 82  LEU A CD2 1 
ATOM   581 N  N   . GLU A 1 84 ? 1.712   -9.094  -2.048  1.00 19.64 ? 83  GLU A N   1 
ATOM   582 C  CA  . GLU A 1 84 ? 0.900   -7.901  -1.868  1.00 16.61 ? 83  GLU A CA  1 
ATOM   583 C  C   . GLU A 1 84 ? 0.986   -7.532  -0.401  1.00 14.71 ? 83  GLU A C   1 
ATOM   584 O  O   . GLU A 1 84 ? 1.259   -8.382  0.446   1.00 13.59 ? 83  GLU A O   1 
ATOM   585 C  CB  . GLU A 1 84 ? -0.563  -8.167  -2.220  1.00 20.99 ? 83  GLU A CB  1 
ATOM   586 C  CG  . GLU A 1 84 ? -0.796  -8.833  -3.558  1.00 25.70 ? 83  GLU A CG  1 
ATOM   587 C  CD  . GLU A 1 84 ? -2.273  -8.922  -3.897  1.00 28.19 ? 83  GLU A CD  1 
ATOM   588 O  OE1 . GLU A 1 84 ? -3.083  -9.092  -2.962  1.00 27.65 ? 83  GLU A OE1 1 
ATOM   589 O  OE2 . GLU A 1 84 ? -2.620  -8.829  -5.094  1.00 32.09 ? 83  GLU A OE2 1 
ATOM   590 N  N   . ILE A 1 85 ? 0.765   -6.265  -0.093  1.00 12.81 ? 84  ILE A N   1 
ATOM   591 C  CA  . ILE A 1 85 ? 0.806   -5.845  1.292   1.00 12.20 ? 84  ILE A CA  1 
ATOM   592 C  C   . ILE A 1 85 ? -0.571  -5.334  1.702   1.00 12.62 ? 84  ILE A C   1 
ATOM   593 O  O   . ILE A 1 85 ? -1.105  -4.397  1.099   1.00 13.21 ? 84  ILE A O   1 
ATOM   594 C  CB  . ILE A 1 85 ? 1.892   -4.763  1.516   1.00 15.05 ? 84  ILE A CB  1 
ATOM   595 C  CG1 . ILE A 1 85 ? 1.898   -4.329  2.983   1.00 15.07 ? 84  ILE A CG1 1 
ATOM   596 C  CG2 . ILE A 1 85 ? 1.663   -3.580  0.577   1.00 14.37 ? 84  ILE A CG2 1 
ATOM   597 C  CD1 . ILE A 1 85 ? 3.139   -3.557  3.385   1.00 17.33 ? 84  ILE A CD1 1 
ATOM   598 N  N   . SER A 1 86 ? -1.153  -5.984  2.707   1.00 11.06 ? 85  SER A N   1 
ATOM   599 C  CA  . SER A 1 86 ? -2.458  -5.595  3.229   1.00 10.95 ? 85  SER A CA  1 
ATOM   600 C  C   . SER A 1 86 ? -2.126  -4.471  4.192   1.00 9.58  ? 85  SER A C   1 
ATOM   601 O  O   . SER A 1 86 ? -1.458  -4.684  5.203   1.00 10.39 ? 85  SER A O   1 
ATOM   602 C  CB  . SER A 1 86 ? -3.116  -6.763  3.963   1.00 13.90 ? 85  SER A CB  1 
ATOM   603 O  OG  . SER A 1 86 ? -4.453  -6.449  4.306   1.00 13.43 ? 85  SER A OG  1 
ATOM   604 N  N   . VAL A 1 87 ? -2.582  -3.271  3.862   1.00 9.11  ? 86  VAL A N   1 
ATOM   605 C  CA  . VAL A 1 87 ? -2.272  -2.100  4.661   1.00 8.83  ? 86  VAL A CA  1 
ATOM   606 C  C   . VAL A 1 87 ? -2.982  -1.977  5.996   1.00 9.70  ? 86  VAL A C   1 
ATOM   607 O  O   . VAL A 1 87 ? -4.216  -2.038  6.072   1.00 12.73 ? 86  VAL A O   1 
ATOM   608 C  CB  . VAL A 1 87 ? -2.527  -0.809  3.855   1.00 10.22 ? 86  VAL A CB  1 
ATOM   609 C  CG1 . VAL A 1 87 ? -2.045  0.401   4.636   1.00 11.09 ? 86  VAL A CG1 1 
ATOM   610 C  CG2 . VAL A 1 87 ? -1.813  -0.894  2.520   1.00 10.78 ? 86  VAL A CG2 1 
ATOM   611 N  N   . ASP A 1 88 ? -2.181  -1.812  7.046   1.00 9.47  ? 87  ASP A N   1 
ATOM   612 C  CA  . ASP A 1 88 ? -2.682  -1.625  8.408   1.00 9.77  ? 87  ASP A CA  1 
ATOM   613 C  C   . ASP A 1 88 ? -2.699  -0.125  8.683   1.00 10.39 ? 87  ASP A C   1 
ATOM   614 O  O   . ASP A 1 88 ? -3.606  0.395   9.329   1.00 12.76 ? 87  ASP A O   1 
ATOM   615 C  CB  . ASP A 1 88 ? -1.758  -2.304  9.423   1.00 13.12 ? 87  ASP A CB  1 
ATOM   616 C  CG  . ASP A 1 88 ? -1.844  -3.815  9.374   1.00 15.50 ? 87  ASP A CG  1 
ATOM   617 O  OD1 . ASP A 1 88 ? -0.882  -4.476  9.810   1.00 17.01 ? 87  ASP A OD1 1 
ATOM   618 O  OD2 . ASP A 1 88 ? -2.880  -4.338  8.910   1.00 19.56 ? 87  ASP A OD2 1 
ATOM   619 N  N   . ASN A 1 89 ? -1.684  0.568   8.179   1.00 11.02 ? 88  ASN A N   1 
ATOM   620 C  CA  . ASN A 1 89 ? -1.577  2.006   8.378   1.00 9.35  ? 88  ASN A CA  1 
ATOM   621 C  C   . ASN A 1 89 ? -0.830  2.651   7.221   1.00 7.80  ? 88  ASN A C   1 
ATOM   622 O  O   . ASN A 1 89 ? 0.058   2.041   6.623   1.00 8.33  ? 88  ASN A O   1 
ATOM   623 C  CB  . ASN A 1 89 ? -0.841  2.302   9.690   1.00 13.06 ? 88  ASN A CB  1 
ATOM   624 C  CG  . ASN A 1 89 ? -0.750  3.785   9.983   1.00 16.22 ? 88  ASN A CG  1 
ATOM   625 O  OD1 . ASN A 1 89 ? 0.316   4.395   9.857   1.00 19.62 ? 88  ASN A OD1 1 
ATOM   626 N  ND2 . ASN A 1 89 ? -1.872  4.378   10.366  1.00 21.29 ? 88  ASN A ND2 1 
ATOM   627 N  N   . ILE A 1 90 ? -1.213  3.880   6.895   1.00 7.80  ? 89  ILE A N   1 
ATOM   628 C  CA  . ILE A 1 90 ? -0.563  4.614   5.817   1.00 7.91  ? 89  ILE A CA  1 
ATOM   629 C  C   . ILE A 1 90 ? -0.476  6.100   6.158   1.00 10.28 ? 89  ILE A C   1 
ATOM   630 O  O   . ILE A 1 90 ? -1.388  6.673   6.760   1.00 12.49 ? 89  ILE A O   1 
ATOM   631 C  CB  . ILE A 1 90 ? -1.312  4.419   4.466   1.00 8.86  ? 89  ILE A CB  1 
ATOM   632 C  CG1 . ILE A 1 90 ? -0.579  5.172   3.350   1.00 9.66  ? 89  ILE A CG1 1 
ATOM   633 C  CG2 . ILE A 1 90 ? -2.767  4.866   4.591   1.00 6.94  ? 89  ILE A CG2 1 
ATOM   634 C  CD1 . ILE A 1 90 ? -1.061  4.803   1.951   1.00 10.02 ? 89  ILE A CD1 1 
ATOM   635 N  N   . GLY A 1 91 ? 0.648   6.705   5.793   1.00 10.84 ? 90  GLY A N   1 
ATOM   636 C  CA  . GLY A 1 91 ? 0.858   8.118   6.037   1.00 10.76 ? 90  GLY A CA  1 
ATOM   637 C  C   . GLY A 1 91 ? 1.657   8.666   4.881   1.00 9.43  ? 90  GLY A C   1 
ATOM   638 O  O   . GLY A 1 91 ? 2.383   7.923   4.227   1.00 11.47 ? 90  GLY A O   1 
ATOM   639 N  N   . ILE A 1 92 ? 1.532   9.958   4.612   1.00 10.57 ? 91  ILE A N   1 
ATOM   640 C  CA  . ILE A 1 92 ? 2.269   10.560  3.512   1.00 12.23 ? 91  ILE A CA  1 
ATOM   641 C  C   . ILE A 1 92 ? 3.584   11.162  3.997   1.00 12.80 ? 91  ILE A C   1 
ATOM   642 O  O   . ILE A 1 92 ? 3.602   12.031  4.871   1.00 15.28 ? 91  ILE A O   1 
ATOM   643 C  CB  . ILE A 1 92 ? 1.432   11.660  2.830   1.00 11.60 ? 91  ILE A CB  1 
ATOM   644 C  CG1 . ILE A 1 92 ? 0.127   11.063  2.302   1.00 14.40 ? 91  ILE A CG1 1 
ATOM   645 C  CG2 . ILE A 1 92 ? 2.224   12.296  1.701   1.00 14.33 ? 91  ILE A CG2 1 
ATOM   646 C  CD1 . ILE A 1 92 ? -0.843  12.082  1.780   1.00 17.36 ? 91  ILE A CD1 1 
ATOM   647 N  N   . ILE A 1 93 ? 4.684   10.688  3.426   1.00 10.86 ? 92  ILE A N   1 
ATOM   648 C  CA  . ILE A 1 93 ? 6.006   11.183  3.777   1.00 12.82 ? 92  ILE A CA  1 
ATOM   649 C  C   . ILE A 1 93 ? 6.268   12.475  3.013   1.00 13.07 ? 92  ILE A C   1 
ATOM   650 O  O   . ILE A 1 93 ? 6.603   13.505  3.596   1.00 13.47 ? 92  ILE A O   1 
ATOM   651 C  CB  . ILE A 1 93 ? 7.095   10.162  3.398   1.00 13.17 ? 92  ILE A CB  1 
ATOM   652 C  CG1 . ILE A 1 93 ? 6.862   8.851   4.153   1.00 14.53 ? 92  ILE A CG1 1 
ATOM   653 C  CG2 . ILE A 1 93 ? 8.475   10.749  3.654   1.00 11.56 ? 92  ILE A CG2 1 
ATOM   654 C  CD1 . ILE A 1 93 ? 6.785   8.991   5.648   1.00 19.44 ? 92  ILE A CD1 1 
ATOM   655 N  N   . GLU A 1 94 ? 6.096   12.406  1.700   1.00 12.08 ? 93  GLU A N   1 
ATOM   656 C  CA  . GLU A 1 94 ? 6.314   13.551  0.829   1.00 13.13 ? 93  GLU A CA  1 
ATOM   657 C  C   . GLU A 1 94 ? 5.233   13.569  -0.242  1.00 13.90 ? 93  GLU A C   1 
ATOM   658 O  O   . GLU A 1 94 ? 5.045   12.591  -0.967  1.00 14.72 ? 93  GLU A O   1 
ATOM   659 C  CB  . GLU A 1 94 ? 7.699   13.451  0.187   1.00 12.93 ? 93  GLU A CB  1 
ATOM   660 C  CG  . GLU A 1 94 ? 8.054   14.578  -0.763  1.00 17.10 ? 93  GLU A CG  1 
ATOM   661 C  CD  . GLU A 1 94 ? 9.483   14.478  -1.250  1.00 18.08 ? 93  GLU A CD  1 
ATOM   662 O  OE1 . GLU A 1 94 ? 10.405  14.840  -0.485  1.00 21.62 ? 93  GLU A OE1 1 
ATOM   663 O  OE2 . GLU A 1 94 ? 9.687   14.019  -2.391  1.00 18.45 ? 93  GLU A OE2 1 
ATOM   664 N  N   . LYS A 1 95 ? 4.512   14.679  -0.337  1.00 15.45 ? 94  LYS A N   1 
ATOM   665 C  CA  . LYS A 1 95 ? 3.454   14.788  -1.329  1.00 17.82 ? 94  LYS A CA  1 
ATOM   666 C  C   . LYS A 1 95 ? 4.026   14.892  -2.733  1.00 19.46 ? 94  LYS A C   1 
ATOM   667 O  O   . LYS A 1 95 ? 5.110   15.440  -2.938  1.00 20.48 ? 94  LYS A O   1 
ATOM   668 C  CB  . LYS A 1 95 ? 2.566   15.997  -1.034  1.00 18.15 ? 94  LYS A CB  1 
ATOM   669 C  CG  . LYS A 1 95 ? 1.663   15.813  0.173   1.00 22.33 ? 94  LYS A CG  1 
ATOM   670 C  CD  . LYS A 1 95 ? 0.591   16.891  0.239   1.00 24.96 ? 94  LYS A CD  1 
ATOM   671 C  CE  . LYS A 1 95 ? 1.175   18.255  0.570   1.00 25.82 ? 94  LYS A CE  1 
ATOM   672 N  NZ  . LYS A 1 95 ? 1.732   18.298  1.949   1.00 26.61 ? 94  LYS A NZ  1 
ATOM   673 N  N   . SER A 1 96 ? 3.283   14.359  -3.697  1.00 20.44 ? 95  SER A N   1 
ATOM   674 C  CA  . SER A 1 96 ? 3.697   14.373  -5.093  1.00 23.78 ? 95  SER A CA  1 
ATOM   675 C  C   . SER A 1 96 ? 4.182   15.747  -5.532  1.00 25.52 ? 95  SER A C   1 
ATOM   676 O  O   . SER A 1 96 ? 5.173   15.867  -6.251  1.00 25.82 ? 95  SER A O   1 
ATOM   677 C  CB  . SER A 1 96 ? 2.535   13.944  -5.986  1.00 23.20 ? 95  SER A CB  1 
ATOM   678 O  OG  . SER A 1 96 ? 2.857   14.129  -7.353  1.00 23.70 ? 95  SER A OG  1 
ATOM   679 N  N   . LEU A 1 97 ? 3.470   16.780  -5.096  1.00 28.32 ? 96  LEU A N   1 
ATOM   680 C  CA  . LEU A 1 97 ? 3.816   18.150  -5.444  1.00 31.37 ? 96  LEU A CA  1 
ATOM   681 C  C   . LEU A 1 97 ? 5.178   18.504  -4.867  1.00 32.55 ? 96  LEU A C   1 
ATOM   682 O  O   . LEU A 1 97 ? 6.090   18.820  -5.659  1.00 34.23 ? 96  LEU A O   1 
ATOM   683 C  CB  . LEU A 1 97 ? 2.758   19.118  -4.904  1.00 32.46 ? 96  LEU A CB  1 
ATOM   684 C  CG  . LEU A 1 97 ? 1.293   18.875  -5.286  1.00 34.19 ? 96  LEU A CG  1 
ATOM   685 C  CD1 . LEU A 1 97 ? 1.177   18.735  -6.801  1.00 34.63 ? 96  LEU A CD1 1 
ATOM   686 C  CD2 . LEU A 1 97 ? 0.772   17.622  -4.590  1.00 33.98 ? 96  LEU A CD2 1 
ATOM   687 O  OXT . LEU A 1 97 ? 5.316   18.454  -3.627  1.00 34.25 ? 96  LEU A OXT 1 
HETATM 688 O  O   . HOH B 2 .  ? -9.069  -0.554  -6.174  1.00 12.34 ? 97  HOH A O   1 
HETATM 689 O  O   . HOH B 2 .  ? 6.539   -10.212 10.887  1.00 14.21 ? 98  HOH A O   1 
HETATM 690 O  O   . HOH B 2 .  ? 11.271  4.854   -1.723  1.00 14.60 ? 99  HOH A O   1 
HETATM 691 O  O   . HOH B 2 .  ? -0.369  11.413  6.443   1.00 21.00 ? 100 HOH A O   1 
HETATM 692 O  O   . HOH B 2 .  ? 13.567  4.637   6.498   1.00 16.35 ? 101 HOH A O   1 
HETATM 693 O  O   . HOH B 2 .  ? -4.500  -8.018  0.612   1.00 16.17 ? 102 HOH A O   1 
HETATM 694 O  O   . HOH B 2 .  ? 4.225   8.048   -9.758  1.00 14.30 ? 103 HOH A O   1 
HETATM 695 O  O   . HOH B 2 .  ? 0.240   -10.718 -5.537  1.00 40.23 ? 104 HOH A O   1 
HETATM 696 O  O   . HOH B 2 .  ? -16.540 8.345   1.667   1.00 22.11 ? 105 HOH A O   1 
HETATM 697 O  O   . HOH B 2 .  ? 6.875   -7.434  -4.677  1.00 19.76 ? 106 HOH A O   1 
HETATM 698 O  O   . HOH B 2 .  ? -3.606  4.986   8.479   1.00 25.39 ? 107 HOH A O   1 
HETATM 699 O  O   . HOH B 2 .  ? -19.655 -6.080  4.453   1.00 36.04 ? 108 HOH A O   1 
HETATM 700 O  O   . HOH B 2 .  ? 9.203   -2.631  9.219   1.00 24.86 ? 109 HOH A O   1 
HETATM 701 O  O   . HOH B 2 .  ? -12.094 5.878   -6.217  1.00 29.36 ? 110 HOH A O   1 
HETATM 702 O  O   . HOH B 2 .  ? -0.943  12.999  -8.934  1.00 21.40 ? 111 HOH A O   1 
HETATM 703 O  O   . HOH B 2 .  ? -6.075  6.613   -10.788 1.00 28.15 ? 112 HOH A O   1 
HETATM 704 O  O   . HOH B 2 .  ? 9.242   -8.016  -3.221  1.00 23.53 ? 113 HOH A O   1 
HETATM 705 O  O   . HOH B 2 .  ? 11.913  -0.146  -8.884  1.00 28.31 ? 114 HOH A O   1 
HETATM 706 O  O   . HOH B 2 .  ? -3.663  9.725   -8.443  1.00 23.93 ? 115 HOH A O   1 
HETATM 707 O  O   . HOH B 2 .  ? 9.173   6.763   -10.752 1.00 18.25 ? 116 HOH A O   1 
HETATM 708 O  O   . HOH B 2 .  ? 10.857  0.879   0.957   1.00 19.85 ? 117 HOH A O   1 
HETATM 709 O  O   . HOH B 2 .  ? 7.712   11.881  -5.577  1.00 18.66 ? 118 HOH A O   1 
HETATM 710 O  O   . HOH B 2 .  ? -2.589  -6.993  9.222   1.00 23.92 ? 119 HOH A O   1 
HETATM 711 O  O   . HOH B 2 .  ? 10.281  5.018   -6.341  1.00 16.91 ? 120 HOH A O   1 
HETATM 712 O  O   . HOH B 2 .  ? -6.519  -1.230  5.114   1.00 32.83 ? 121 HOH A O   1 
HETATM 713 O  O   . HOH B 2 .  ? 2.418   -7.259  -6.301  1.00 28.32 ? 122 HOH A O   1 
HETATM 714 O  O   . HOH B 2 .  ? -23.935 -8.351  5.931   1.00 37.66 ? 123 HOH A O   1 
HETATM 715 O  O   . HOH B 2 .  ? -17.700 6.920   -1.712  1.00 27.48 ? 124 HOH A O   1 
HETATM 716 O  O   . HOH B 2 .  ? -7.008  11.017  4.101   1.00 19.67 ? 125 HOH A O   1 
HETATM 717 O  O   . HOH B 2 .  ? -8.397  -7.629  -4.653  1.00 26.95 ? 126 HOH A O   1 
HETATM 718 O  O   . HOH B 2 .  ? 2.763   3.554   8.484   1.00 21.12 ? 127 HOH A O   1 
HETATM 719 O  O   . HOH B 2 .  ? -8.277  -0.832  7.384   1.00 20.83 ? 128 HOH A O   1 
HETATM 720 O  O   . HOH B 2 .  ? 4.934   16.726  1.579   1.00 23.82 ? 129 HOH A O   1 
HETATM 721 O  O   . HOH B 2 .  ? 13.745  3.417   -2.367  1.00 24.61 ? 130 HOH A O   1 
HETATM 722 O  O   . HOH B 2 .  ? 0.676   -6.685  10.389  1.00 28.69 ? 131 HOH A O   1 
HETATM 723 O  O   . HOH B 2 .  ? 8.226   18.627  -4.029  1.00 34.38 ? 132 HOH A O   1 
HETATM 724 O  O   . HOH B 2 .  ? 1.011   -15.716 1.732   1.00 32.30 ? 133 HOH A O   1 
HETATM 725 O  O   . HOH B 2 .  ? 0.774   15.298  -8.806  1.00 29.15 ? 134 HOH A O   1 
HETATM 726 O  O   . HOH B 2 .  ? 8.103   -15.356 6.656   1.00 28.10 ? 135 HOH A O   1 
HETATM 727 O  O   . HOH B 2 .  ? 8.868   6.077   10.490  1.00 29.13 ? 136 HOH A O   1 
HETATM 728 O  O   . HOH B 2 .  ? 3.352   -0.867  12.013  1.00 31.79 ? 137 HOH A O   1 
HETATM 729 O  O   . HOH B 2 .  ? -4.526  -10.348 -10.015 1.00 42.20 ? 138 HOH A O   1 
HETATM 730 O  O   . HOH B 2 .  ? -11.107 4.356   11.542  1.00 35.54 ? 139 HOH A O   1 
HETATM 731 O  O   . HOH B 2 .  ? -15.339 3.805   -6.972  1.00 28.11 ? 140 HOH A O   1 
HETATM 732 O  O   . HOH B 2 .  ? -4.832  -3.804  -8.378  1.00 32.03 ? 141 HOH A O   1 
HETATM 733 O  O   . HOH B 2 .  ? -4.711  -5.526  6.744   1.00 39.58 ? 142 HOH A O   1 
HETATM 734 O  O   . HOH B 2 .  ? 6.012   18.965  -1.362  1.00 30.94 ? 143 HOH A O   1 
HETATM 735 O  O   . HOH B 2 .  ? -3.349  11.856  3.425   1.00 28.15 ? 144 HOH A O   1 
HETATM 736 O  O   . HOH B 2 .  ? -5.951  -9.511  2.376   1.00 21.67 ? 145 HOH A O   1 
HETATM 737 O  O   . HOH B 2 .  ? -3.612  7.245   -10.284 1.00 36.27 ? 146 HOH A O   1 
HETATM 738 O  O   . HOH B 2 .  ? 3.498   -3.756  10.319  1.00 25.39 ? 147 HOH A O   1 
HETATM 739 O  O   . HOH B 2 .  ? 9.996   5.502   -3.854  1.00 22.95 ? 148 HOH A O   1 
HETATM 740 O  O   . HOH B 2 .  ? -1.837  13.115  -0.745  1.00 40.68 ? 149 HOH A O   1 
HETATM 741 O  O   . HOH B 2 .  ? -7.706  15.011  0.129   1.00 40.54 ? 150 HOH A O   1 
HETATM 742 O  O   . HOH B 2 .  ? -17.048 -8.244  3.999   1.00 37.40 ? 151 HOH A O   1 
HETATM 743 O  O   . HOH B 2 .  ? 3.644   8.229   8.774   1.00 36.91 ? 152 HOH A O   1 
HETATM 744 O  O   . HOH B 2 .  ? -5.085  -9.310  4.865   1.00 29.41 ? 153 HOH A O   1 
HETATM 745 O  O   . HOH B 2 .  ? 10.524  17.696  -3.123  1.00 31.64 ? 154 HOH A O   1 
HETATM 746 O  O   . HOH B 2 .  ? 12.508  -6.132  -7.753  1.00 25.92 ? 155 HOH A O   1 
HETATM 747 O  O   . HOH B 2 .  ? 9.883   -1.083  -10.329 1.00 36.03 ? 156 HOH A O   1 
HETATM 748 O  O   . HOH B 2 .  ? -25.010 -8.110  8.411   1.00 33.86 ? 157 HOH A O   1 
HETATM 749 O  O   . HOH B 2 .  ? -18.345 6.516   -4.300  1.00 32.95 ? 158 HOH A O   1 
HETATM 750 O  O   . HOH B 2 .  ? 12.290  5.279   10.308  1.00 27.15 ? 159 HOH A O   1 
HETATM 751 O  O   . HOH B 2 .  ? 16.622  -7.573  -1.439  1.00 36.05 ? 160 HOH A O   1 
HETATM 752 O  O   . HOH B 2 .  ? 7.408   18.312  -8.722  1.00 39.80 ? 161 HOH A O   1 
HETATM 753 O  O   . HOH B 2 .  ? -20.595 5.392   -1.537  1.00 33.80 ? 162 HOH A O   1 
HETATM 754 O  O   . HOH B 2 .  ? -22.516 -10.258 6.778   1.00 32.83 ? 163 HOH A O   1 
HETATM 755 O  O   . HOH B 2 .  ? -14.856 -6.054  4.644   1.00 26.89 ? 164 HOH A O   1 
HETATM 756 O  O   . HOH B 2 .  ? -4.288  -10.331 7.046   1.00 32.86 ? 165 HOH A O   1 
HETATM 757 O  O   . HOH B 2 .  ? 4.891   16.962  4.686   1.00 29.95 ? 166 HOH A O   1 
HETATM 758 O  O   . HOH B 2 .  ? -0.510  14.949  -2.456  1.00 31.13 ? 167 HOH A O   1 
HETATM 759 O  O   . HOH B 2 .  ? -0.543  -14.734 -8.310  1.00 49.25 ? 168 HOH A O   1 
HETATM 760 O  O   . HOH B 2 .  ? -1.652  -8.970  10.454  1.00 39.10 ? 169 HOH A O   1 
HETATM 761 O  O   . HOH B 2 .  ? -10.992 6.519   -2.591  1.00 27.56 ? 170 HOH A O   1 
HETATM 762 O  O   . HOH B 2 .  ? -21.811 -12.941 5.017   1.00 37.87 ? 171 HOH A O   1 
HETATM 763 O  O   . HOH B 2 .  ? 10.851  -6.968  -5.877  1.00 38.21 ? 172 HOH A O   1 
HETATM 764 O  O   . HOH B 2 .  ? -5.815  6.765   -13.423 1.00 32.80 ? 173 HOH A O   1 
HETATM 765 O  O   . HOH B 2 .  ? -18.715 -7.146  7.481   1.00 33.35 ? 174 HOH A O   1 
HETATM 766 O  O   . HOH B 2 .  ? 9.397   -3.728  -10.379 1.00 35.27 ? 175 HOH A O   1 
HETATM 767 O  O   . HOH B 2 .  ? 11.600  1.642   3.310   1.00 40.01 ? 176 HOH A O   1 
HETATM 768 O  O   . HOH B 2 .  ? -8.458  -3.245  -7.166  1.00 35.49 ? 177 HOH A O   1 
HETATM 769 O  O   . HOH B 2 .  ? -1.818  8.783   8.410   1.00 27.09 ? 178 HOH A O   1 
HETATM 770 O  O   . HOH B 2 .  ? 4.996   11.177  8.275   1.00 33.55 ? 179 HOH A O   1 
HETATM 771 O  O   . HOH B 2 .  ? -2.701  6.009   -13.338 1.00 35.60 ? 180 HOH A O   1 
HETATM 772 O  O   . HOH B 2 .  ? 7.765   14.294  -4.075  1.00 39.13 ? 181 HOH A O   1 
HETATM 773 O  O   . HOH B 2 .  ? -4.239  6.608   10.563  1.00 38.23 ? 182 HOH A O   1 
HETATM 774 O  O   . HOH B 2 .  ? -10.123 13.965  0.258   1.00 36.83 ? 183 HOH A O   1 
HETATM 775 O  O   . HOH B 2 .  ? -8.724  16.527  -1.803  1.00 27.58 ? 184 HOH A O   1 
HETATM 776 O  O   . HOH B 2 .  ? 10.415  -10.249 -2.240  1.00 33.38 ? 185 HOH A O   1 
HETATM 777 O  O   . HOH B 2 .  ? 5.746   -9.963  -6.006  1.00 36.17 ? 186 HOH A O   1 
HETATM 778 O  O   . HOH B 2 .  ? 7.569   4.751   12.406  1.00 37.33 ? 187 HOH A O   1 
HETATM 779 O  O   . HOH B 2 .  ? 13.798  -2.217  -9.217  1.00 30.98 ? 188 HOH A O   1 
HETATM 780 O  O   . HOH B 2 .  ? -0.212  -7.859  -7.630  1.00 40.90 ? 189 HOH A O   1 
HETATM 781 O  O   . HOH B 2 .  ? -4.589  -8.964  -7.862  1.00 41.08 ? 190 HOH A O   1 
HETATM 782 O  O   . HOH B 2 .  ? 4.527   8.493   11.348  1.00 37.23 ? 191 HOH A O   1 
HETATM 783 O  O   . HOH B 2 .  ? 7.748   11.410  -8.594  1.00 35.47 ? 192 HOH A O   1 
HETATM 784 O  O   . HOH B 2 .  ? -21.328 -9.938  3.823   1.00 27.78 ? 193 HOH A O   1 
HETATM 785 O  O   . HOH B 2 .  ? -19.009 -9.453  2.973   1.00 45.08 ? 194 HOH A O   1 
HETATM 786 O  O   . HOH B 2 .  ? -17.019 5.918   1.869   1.00 38.15 ? 195 HOH A O   1 
HETATM 787 O  O   . HOH B 2 .  ? 6.320   13.713  -9.184  1.00 39.53 ? 196 HOH A O   1 
HETATM 788 O  O   . HOH B 2 .  ? -0.607  -15.950 7.793   1.00 30.38 ? 197 HOH A O   1 
HETATM 789 O  O   . HOH B 2 .  ? -0.725  -0.013  -13.514 1.00 45.79 ? 198 HOH A O   1 
HETATM 790 O  O   . HOH B 2 .  ? -0.742  -11.084 -8.590  1.00 41.81 ? 199 HOH A O   1 
HETATM 791 O  O   . HOH B 2 .  ? -6.168  -2.218  8.306   1.00 33.67 ? 200 HOH A O   1 
# 
